data_2Z3B
#
_entry.id   2Z3B
#
_cell.length_a   185.050
_cell.length_b   106.800
_cell.length_c   152.700
_cell.angle_alpha   90.00
_cell.angle_beta   112.00
_cell.angle_gamma   90.00
#
_symmetry.space_group_name_H-M   'C 1 2 1'
#
loop_
_entity.id
_entity.type
_entity.pdbx_description
1 polymer 'ATP-dependent protease hslV'
2 non-polymer 'SODIUM ION'
3 water water
#
_entity_poly.entity_id   1
_entity_poly.type   'polypeptide(L)'
_entity_poly.pdbx_seq_one_letter_code
;SSFHATTIFAVQHKGRSAMSGDGQVTFGQAVVMKHTARKVRKLFNGKVLAGFAGSVADAFTLFEKFEAKLEEYNGNLKRA
AVELAKEWRSDKVLRKLEAMLIVMNQDTLLLVSGTGEVIEPDDGILAIGSGGNYALAAGRALKKHAGESMSASEIARAAL
ETAGEICVYTNDQIILEELE
;
_entity_poly.pdbx_strand_id   A,B,C,D,E,F,G,H,I,J,K,L
#
# COMPACT_ATOMS: atom_id res chain seq x y z
N SER A 1 -26.56 10.74 -29.98
CA SER A 1 -25.63 9.67 -30.49
C SER A 1 -25.44 9.61 -32.05
N SER A 2 -24.43 8.87 -32.50
CA SER A 2 -24.36 8.44 -33.88
C SER A 2 -25.63 7.72 -34.45
N PHE A 3 -26.44 7.04 -33.64
CA PHE A 3 -27.63 6.37 -34.19
C PHE A 3 -28.78 7.33 -34.47
N HIS A 4 -29.24 7.37 -35.72
CA HIS A 4 -30.40 8.20 -36.06
C HIS A 4 -31.75 7.62 -35.51
N ALA A 5 -32.69 8.50 -35.22
CA ALA A 5 -34.03 8.10 -34.82
C ALA A 5 -34.80 7.61 -36.06
N THR A 6 -35.62 6.56 -35.93
CA THR A 6 -36.52 6.13 -37.01
C THR A 6 -37.61 7.17 -37.03
N THR A 7 -38.62 6.96 -37.90
CA THR A 7 -39.68 7.92 -38.22
C THR A 7 -41.06 7.37 -37.85
N ILE A 8 -41.89 8.19 -37.23
CA ILE A 8 -43.13 7.73 -36.65
C ILE A 8 -44.17 8.78 -36.95
N PHE A 9 -45.38 8.35 -37.28
CA PHE A 9 -46.43 9.27 -37.72
C PHE A 9 -47.69 8.84 -37.06
N ALA A 10 -48.49 9.77 -36.57
CA ALA A 10 -49.68 9.43 -35.77
C ALA A 10 -50.88 10.25 -36.20
N VAL A 11 -52.06 9.65 -36.20
CA VAL A 11 -53.23 10.31 -36.78
C VAL A 11 -54.54 9.80 -36.23
N GLN A 12 -55.39 10.75 -35.88
CA GLN A 12 -56.76 10.54 -35.52
C GLN A 12 -57.62 11.08 -36.64
N HIS A 13 -58.49 10.23 -37.19
CA HIS A 13 -59.31 10.56 -38.35
C HIS A 13 -60.59 9.73 -38.36
N LYS A 14 -61.74 10.39 -38.21
CA LYS A 14 -63.05 9.75 -38.31
C LYS A 14 -63.26 8.74 -37.20
N GLY A 15 -62.95 9.14 -35.97
CA GLY A 15 -63.06 8.27 -34.82
C GLY A 15 -62.01 7.17 -34.73
N ARG A 16 -61.12 7.06 -35.72
CA ARG A 16 -60.11 6.00 -35.77
C ARG A 16 -58.76 6.58 -35.42
N SER A 17 -57.93 5.76 -34.82
CA SER A 17 -56.56 6.13 -34.46
C SER A 17 -55.61 5.15 -35.10
N ALA A 18 -54.48 5.67 -35.62
CA ALA A 18 -53.43 4.83 -36.19
C ALA A 18 -52.04 5.44 -35.94
N MET A 19 -51.01 4.60 -35.98
CA MET A 19 -49.63 5.00 -35.78
C MET A 19 -48.69 4.12 -36.58
N SER A 20 -47.95 4.74 -37.49
CA SER A 20 -47.02 3.99 -38.33
C SER A 20 -45.58 4.41 -38.01
N GLY A 21 -44.64 3.59 -38.43
CA GLY A 21 -43.23 3.90 -38.32
C GLY A 21 -42.41 2.99 -39.21
N ASP A 22 -41.21 3.42 -39.59
CA ASP A 22 -40.34 2.60 -40.44
C ASP A 22 -39.38 1.81 -39.60
N GLY A 23 -38.45 1.09 -40.20
CA GLY A 23 -37.54 0.28 -39.41
C GLY A 23 -36.05 0.49 -39.65
N GLN A 24 -35.71 1.59 -40.34
CA GLN A 24 -34.32 1.89 -40.69
C GLN A 24 -33.52 2.37 -39.50
N VAL A 25 -32.50 1.60 -39.12
CA VAL A 25 -31.56 2.02 -38.08
C VAL A 25 -30.21 2.37 -38.68
N THR A 26 -29.92 3.66 -38.68
CA THR A 26 -28.72 4.17 -39.32
C THR A 26 -27.74 4.61 -38.27
N PHE A 27 -26.51 4.23 -38.51
CA PHE A 27 -25.40 4.52 -37.63
C PHE A 27 -24.52 5.44 -38.39
N GLY A 28 -24.21 6.57 -37.74
CA GLY A 28 -23.33 7.56 -38.28
C GLY A 28 -24.00 8.23 -39.42
N GLN A 29 -23.21 8.80 -40.27
CA GLN A 29 -23.73 9.57 -41.39
C GLN A 29 -24.58 8.74 -42.34
N ALA A 30 -24.20 7.49 -42.63
CA ALA A 30 -24.79 6.79 -43.79
C ALA A 30 -24.92 5.28 -43.73
N VAL A 31 -24.51 4.63 -42.64
CA VAL A 31 -24.46 3.17 -42.58
C VAL A 31 -25.70 2.51 -41.90
N VAL A 32 -26.48 1.78 -42.69
CA VAL A 32 -27.67 1.10 -42.17
C VAL A 32 -27.26 -0.21 -41.54
N MET A 33 -27.69 -0.48 -40.30
CA MET A 33 -27.34 -1.74 -39.61
C MET A 33 -28.53 -2.72 -39.57
N LYS A 34 -29.73 -2.18 -39.75
CA LYS A 34 -30.98 -2.89 -39.59
C LYS A 34 -32.06 -2.19 -40.41
N HIS A 35 -32.96 -2.97 -40.98
CA HIS A 35 -34.04 -2.42 -41.81
C HIS A 35 -35.47 -2.55 -41.25
N THR A 36 -35.71 -3.40 -40.25
CA THR A 36 -37.05 -3.77 -39.81
C THR A 36 -37.23 -3.59 -38.30
N ALA A 37 -36.74 -2.48 -37.73
CA ALA A 37 -36.96 -2.17 -36.31
C ALA A 37 -38.41 -1.93 -35.98
N ARG A 38 -38.78 -2.21 -34.75
CA ARG A 38 -40.14 -2.03 -34.30
C ARG A 38 -40.13 -0.96 -33.23
N LYS A 39 -40.53 0.25 -33.60
CA LYS A 39 -40.49 1.34 -32.65
C LYS A 39 -41.87 1.87 -32.23
N VAL A 40 -42.92 1.20 -32.71
CA VAL A 40 -44.32 1.49 -32.37
C VAL A 40 -44.90 0.29 -31.63
N ARG A 41 -45.62 0.53 -30.54
CA ARG A 41 -46.13 -0.54 -29.68
C ARG A 41 -47.47 -0.20 -29.05
N LYS A 42 -48.13 -1.20 -28.46
CA LYS A 42 -49.37 -1.01 -27.71
C LYS A 42 -49.06 -1.13 -26.24
N LEU A 43 -49.80 -0.42 -25.40
CA LEU A 43 -49.55 -0.38 -23.97
C LEU A 43 -50.87 -0.34 -23.21
N PHE A 44 -50.83 -0.62 -21.91
CA PHE A 44 -52.00 -0.42 -21.08
C PHE A 44 -53.15 -1.19 -21.74
N ASN A 45 -52.92 -2.48 -21.98
CA ASN A 45 -53.93 -3.38 -22.57
C ASN A 45 -54.45 -2.91 -23.92
N GLY A 46 -53.55 -2.67 -24.87
CA GLY A 46 -53.95 -2.34 -26.22
C GLY A 46 -54.89 -1.14 -26.37
N LYS A 47 -54.96 -0.28 -25.35
CA LYS A 47 -55.79 0.94 -25.40
C LYS A 47 -55.01 2.19 -25.81
N VAL A 48 -53.67 2.14 -25.74
CA VAL A 48 -52.86 3.26 -26.21
C VAL A 48 -51.75 2.79 -27.15
N LEU A 49 -51.32 3.70 -28.02
CA LEU A 49 -50.24 3.46 -28.94
C LEU A 49 -49.07 4.36 -28.56
N ALA A 50 -47.87 3.78 -28.52
CA ALA A 50 -46.70 4.52 -28.15
C ALA A 50 -45.61 4.35 -29.22
N GLY A 51 -45.06 5.45 -29.67
CA GLY A 51 -43.91 5.44 -30.57
C GLY A 51 -42.75 6.23 -29.98
N PHE A 52 -41.62 5.58 -29.87
CA PHE A 52 -40.41 6.20 -29.40
C PHE A 52 -39.31 5.72 -30.34
N ALA A 53 -38.56 6.65 -30.92
CA ALA A 53 -37.61 6.30 -31.97
C ALA A 53 -36.17 6.11 -31.49
N GLY A 54 -35.96 6.27 -30.18
CA GLY A 54 -34.63 6.17 -29.61
C GLY A 54 -34.26 4.73 -29.37
N SER A 55 -33.33 4.49 -28.44
CA SER A 55 -32.84 3.17 -28.16
C SER A 55 -33.83 2.30 -27.40
N VAL A 56 -33.65 0.98 -27.41
CA VAL A 56 -34.57 0.11 -26.68
C VAL A 56 -34.48 0.33 -25.17
N ALA A 57 -33.29 0.50 -24.62
CA ALA A 57 -33.18 0.74 -23.18
C ALA A 57 -33.94 2.00 -22.74
N ASP A 58 -34.05 3.00 -23.62
CA ASP A 58 -34.75 4.22 -23.22
C ASP A 58 -36.24 4.07 -23.52
N ALA A 59 -36.57 3.23 -24.48
CA ALA A 59 -37.95 2.96 -24.79
C ALA A 59 -38.59 2.19 -23.63
N PHE A 60 -37.89 1.23 -23.07
CA PHE A 60 -38.41 0.47 -21.96
C PHE A 60 -38.56 1.32 -20.70
N THR A 61 -37.56 2.14 -20.39
CA THR A 61 -37.65 2.95 -19.18
C THR A 61 -38.86 3.89 -19.25
N LEU A 62 -39.06 4.52 -20.42
CA LEU A 62 -40.13 5.48 -20.63
C LEU A 62 -41.52 4.84 -20.80
N PHE A 63 -41.59 3.65 -21.37
CA PHE A 63 -42.87 2.92 -21.55
C PHE A 63 -43.34 2.35 -20.20
N GLU A 64 -42.41 2.04 -19.31
CA GLU A 64 -42.72 1.55 -17.97
C GLU A 64 -43.05 2.69 -17.02
N LYS A 65 -42.47 3.86 -17.26
CA LYS A 65 -42.72 5.03 -16.40
C LYS A 65 -44.08 5.59 -16.72
N PHE A 66 -44.44 5.51 -17.98
CA PHE A 66 -45.72 5.97 -18.46
C PHE A 66 -46.85 5.01 -18.05
N GLU A 67 -46.51 3.72 -17.98
CA GLU A 67 -47.43 2.70 -17.47
C GLU A 67 -47.79 2.99 -16.02
N ALA A 68 -46.78 3.32 -15.22
CA ALA A 68 -46.97 3.68 -13.82
C ALA A 68 -47.87 4.89 -13.71
N LYS A 69 -47.57 5.90 -14.51
CA LYS A 69 -48.35 7.12 -14.55
C LYS A 69 -49.78 6.87 -15.01
N LEU A 70 -50.00 5.95 -15.94
CA LEU A 70 -51.36 5.69 -16.39
C LEU A 70 -52.24 5.02 -15.31
N GLU A 71 -51.71 4.05 -14.58
CA GLU A 71 -52.47 3.38 -13.56
C GLU A 71 -52.68 4.30 -12.34
N GLU A 72 -51.75 5.24 -12.19
CA GLU A 72 -51.74 6.17 -11.06
C GLU A 72 -52.64 7.37 -11.30
N TYR A 73 -53.09 7.56 -12.55
CA TYR A 73 -54.08 8.58 -12.87
C TYR A 73 -55.27 8.00 -13.67
N ASN A 74 -55.46 6.69 -13.59
CA ASN A 74 -56.64 5.99 -14.15
C ASN A 74 -56.95 6.26 -15.61
N GLY A 75 -55.97 6.01 -16.48
CA GLY A 75 -56.21 6.04 -17.91
C GLY A 75 -56.08 7.41 -18.52
N ASN A 76 -56.09 8.45 -17.70
CA ASN A 76 -55.99 9.83 -18.19
C ASN A 76 -54.66 10.14 -18.90
N LEU A 77 -54.67 10.10 -20.21
CA LEU A 77 -53.44 10.29 -21.00
C LEU A 77 -52.72 11.61 -20.70
N LYS A 78 -53.46 12.70 -20.53
CA LYS A 78 -52.86 14.03 -20.43
C LYS A 78 -52.16 14.21 -19.11
N ARG A 79 -52.73 13.66 -18.05
CA ARG A 79 -52.15 13.85 -16.74
C ARG A 79 -50.96 12.93 -16.60
N ALA A 80 -51.05 11.74 -17.17
CA ALA A 80 -49.91 10.84 -17.18
C ALA A 80 -48.70 11.49 -17.91
N ALA A 81 -48.98 12.08 -19.07
CA ALA A 81 -47.94 12.68 -19.91
C ALA A 81 -47.22 13.80 -19.19
N VAL A 82 -47.99 14.65 -18.52
CA VAL A 82 -47.45 15.81 -17.85
C VAL A 82 -46.55 15.36 -16.70
N GLU A 83 -46.98 14.33 -15.99
CA GLU A 83 -46.18 13.77 -14.93
C GLU A 83 -44.96 13.03 -15.50
N LEU A 84 -45.11 12.44 -16.68
CA LEU A 84 -43.95 11.83 -17.35
C LEU A 84 -42.91 12.89 -17.75
N ALA A 85 -43.38 13.98 -18.33
CA ALA A 85 -42.53 15.08 -18.72
C ALA A 85 -41.72 15.67 -17.53
N LYS A 86 -42.35 15.82 -16.38
CA LYS A 86 -41.70 16.40 -15.21
C LYS A 86 -40.58 15.51 -14.73
N GLU A 87 -40.84 14.20 -14.77
CA GLU A 87 -39.92 13.16 -14.34
C GLU A 87 -38.74 13.07 -15.32
N TRP A 88 -39.08 13.05 -16.60
CA TRP A 88 -38.13 12.99 -17.68
C TRP A 88 -37.20 14.22 -17.67
N ARG A 89 -37.71 15.42 -17.40
CA ARG A 89 -36.85 16.60 -17.47
C ARG A 89 -36.01 16.76 -16.19
N SER A 90 -36.42 16.09 -15.12
CA SER A 90 -35.63 16.10 -13.91
C SER A 90 -34.47 15.07 -13.94
N ASP A 91 -34.65 13.96 -14.66
CA ASP A 91 -33.67 12.86 -14.73
C ASP A 91 -32.33 13.26 -15.37
N LYS A 92 -31.23 13.02 -14.67
CA LYS A 92 -29.94 13.58 -15.11
C LYS A 92 -29.60 13.07 -16.50
N VAL A 93 -29.93 11.81 -16.76
CA VAL A 93 -29.52 11.14 -17.99
C VAL A 93 -30.53 11.32 -19.10
N LEU A 94 -31.74 10.81 -18.90
CA LEU A 94 -32.73 10.76 -19.97
C LEU A 94 -33.15 12.15 -20.48
N ARG A 95 -32.81 13.19 -19.74
CA ARG A 95 -33.30 14.55 -20.02
C ARG A 95 -32.70 15.10 -21.31
N LYS A 96 -31.56 14.53 -21.72
CA LYS A 96 -30.77 14.99 -22.88
C LYS A 96 -31.17 14.31 -24.20
N LEU A 97 -31.95 13.25 -24.12
CA LEU A 97 -32.38 12.56 -25.32
C LEU A 97 -33.13 13.49 -26.29
N GLU A 98 -32.65 13.49 -27.52
CA GLU A 98 -33.26 14.22 -28.57
C GLU A 98 -34.55 13.58 -28.94
N ALA A 99 -34.60 12.26 -28.99
CA ALA A 99 -35.83 11.56 -29.36
C ALA A 99 -37.03 11.80 -28.41
N MET A 100 -38.20 11.78 -29.00
CA MET A 100 -39.40 12.13 -28.31
C MET A 100 -40.31 10.94 -28.36
N LEU A 101 -41.41 11.06 -27.62
CA LEU A 101 -42.42 10.04 -27.45
C LEU A 101 -43.73 10.54 -28.06
N ILE A 102 -44.42 9.75 -28.85
CA ILE A 102 -45.81 10.03 -29.12
C ILE A 102 -46.66 8.98 -28.41
N VAL A 103 -47.65 9.45 -27.65
CA VAL A 103 -48.67 8.60 -27.02
C VAL A 103 -50.06 8.98 -27.53
N MET A 104 -50.94 7.98 -27.69
CA MET A 104 -52.31 8.24 -28.11
C MET A 104 -53.28 7.18 -27.64
N ASN A 105 -54.35 7.61 -26.97
CA ASN A 105 -55.49 6.75 -26.75
C ASN A 105 -56.57 7.16 -27.76
N GLN A 106 -57.77 6.65 -27.57
CA GLN A 106 -58.81 6.82 -28.56
C GLN A 106 -59.36 8.24 -28.57
N ASP A 107 -59.02 9.00 -27.52
CA ASP A 107 -59.48 10.39 -27.33
C ASP A 107 -58.51 11.40 -27.86
N THR A 108 -57.23 11.14 -27.60
CA THR A 108 -56.22 12.15 -27.85
C THR A 108 -54.79 11.66 -28.10
N LEU A 109 -54.04 12.57 -28.70
CA LEU A 109 -52.70 12.40 -29.25
C LEU A 109 -51.82 13.39 -28.52
N LEU A 110 -50.67 12.94 -28.01
CA LEU A 110 -49.76 13.83 -27.34
C LEU A 110 -48.29 13.54 -27.75
N LEU A 111 -47.48 14.60 -27.79
CA LEU A 111 -46.05 14.49 -27.92
C LEU A 111 -45.44 14.84 -26.59
N VAL A 112 -44.52 14.03 -26.11
CA VAL A 112 -43.80 14.33 -24.87
C VAL A 112 -42.35 14.33 -25.16
N SER A 113 -41.59 15.19 -24.46
CA SER A 113 -40.16 15.36 -24.70
C SER A 113 -39.38 15.46 -23.41
N GLY A 114 -38.09 15.14 -23.50
CA GLY A 114 -37.16 15.25 -22.40
C GLY A 114 -36.94 16.64 -21.87
N THR A 115 -37.20 17.66 -22.67
CA THR A 115 -37.16 19.02 -22.14
C THR A 115 -38.38 19.33 -21.33
N GLY A 116 -39.34 18.42 -21.34
CA GLY A 116 -40.57 18.57 -20.61
C GLY A 116 -41.71 19.20 -21.40
N GLU A 117 -41.77 19.03 -22.72
CA GLU A 117 -42.88 19.55 -23.48
C GLU A 117 -43.95 18.52 -23.41
N VAL A 118 -45.21 18.95 -23.45
CA VAL A 118 -46.30 18.05 -23.75
C VAL A 118 -47.17 18.73 -24.77
N ILE A 119 -47.21 18.24 -26.01
CA ILE A 119 -47.97 18.94 -27.04
C ILE A 119 -49.08 18.12 -27.71
N GLU A 120 -50.29 18.66 -27.70
CA GLU A 120 -51.40 18.07 -28.41
C GLU A 120 -51.60 18.85 -29.69
N PRO A 121 -51.64 18.19 -30.83
CA PRO A 121 -51.73 18.87 -32.10
C PRO A 121 -53.12 19.43 -32.32
N ASP A 122 -53.25 20.25 -33.34
CA ASP A 122 -54.50 20.98 -33.56
C ASP A 122 -55.36 20.30 -34.60
N ASP A 123 -54.77 19.39 -35.37
CA ASP A 123 -55.39 18.79 -36.53
C ASP A 123 -55.25 17.26 -36.49
N GLY A 124 -55.06 16.73 -35.28
CA GLY A 124 -54.98 15.32 -35.02
C GLY A 124 -53.79 14.60 -35.63
N ILE A 125 -52.71 15.31 -35.95
CA ILE A 125 -51.50 14.64 -36.44
C ILE A 125 -50.23 15.04 -35.70
N LEU A 126 -49.46 14.02 -35.31
CA LEU A 126 -48.07 14.19 -34.89
C LEU A 126 -47.13 13.32 -35.68
N ALA A 127 -45.87 13.73 -35.76
CA ALA A 127 -44.79 12.93 -36.36
C ALA A 127 -43.47 13.31 -35.71
N ILE A 128 -42.58 12.35 -35.56
CA ILE A 128 -41.28 12.60 -35.01
C ILE A 128 -40.22 11.78 -35.76
N GLY A 129 -38.97 12.03 -35.42
CA GLY A 129 -37.86 11.29 -36.00
C GLY A 129 -37.35 11.85 -37.32
N SER A 130 -36.40 11.13 -37.88
CA SER A 130 -35.56 11.58 -39.04
C SER A 130 -36.40 12.09 -40.19
N GLY A 131 -37.42 11.34 -40.54
CA GLY A 131 -38.27 11.68 -41.65
C GLY A 131 -39.58 12.32 -41.22
N GLY A 132 -39.67 12.67 -39.94
CA GLY A 132 -40.89 13.10 -39.33
C GLY A 132 -41.56 14.26 -40.03
N ASN A 133 -40.81 15.31 -40.37
CA ASN A 133 -41.46 16.47 -40.97
C ASN A 133 -42.02 16.20 -42.39
N TYR A 134 -41.42 15.27 -43.11
CA TYR A 134 -41.91 14.89 -44.44
C TYR A 134 -43.21 14.09 -44.28
N ALA A 135 -43.23 13.19 -43.32
CA ALA A 135 -44.39 12.41 -43.02
C ALA A 135 -45.49 13.28 -42.49
N LEU A 136 -45.12 14.34 -41.79
CA LEU A 136 -46.10 15.30 -41.23
C LEU A 136 -46.70 16.13 -42.35
N ALA A 137 -45.85 16.61 -43.26
CA ALA A 137 -46.36 17.28 -44.48
C ALA A 137 -47.21 16.33 -45.35
N ALA A 138 -46.84 15.06 -45.51
CA ALA A 138 -47.62 14.17 -46.37
C ALA A 138 -48.97 13.88 -45.73
N GLY A 139 -49.00 13.69 -44.42
CA GLY A 139 -50.22 13.38 -43.69
C GLY A 139 -51.21 14.53 -43.56
N ARG A 140 -50.72 15.69 -43.21
CA ARG A 140 -51.56 16.86 -43.09
C ARG A 140 -52.26 17.09 -44.42
N ALA A 141 -51.53 16.83 -45.51
CA ALA A 141 -52.04 17.17 -46.85
C ALA A 141 -53.14 16.23 -47.26
N LEU A 142 -52.93 14.94 -47.03
CA LEU A 142 -53.90 13.89 -47.37
C LEU A 142 -55.20 14.00 -46.55
N LYS A 143 -55.11 14.50 -45.34
CA LYS A 143 -56.28 14.65 -44.47
C LYS A 143 -57.19 15.81 -44.91
N LYS A 144 -56.57 16.92 -45.28
CA LYS A 144 -57.28 18.10 -45.77
C LYS A 144 -57.90 17.89 -47.15
N HIS A 145 -57.15 17.32 -48.10
CA HIS A 145 -57.61 17.20 -49.48
C HIS A 145 -58.01 15.79 -49.93
N ALA A 146 -57.92 14.81 -49.04
CA ALA A 146 -58.36 13.46 -49.41
C ALA A 146 -58.93 12.70 -48.22
N GLY A 147 -59.38 13.47 -47.23
CA GLY A 147 -59.87 12.92 -45.99
C GLY A 147 -61.10 12.10 -46.19
N GLU A 148 -61.93 12.47 -47.15
CA GLU A 148 -63.21 11.83 -47.30
C GLU A 148 -63.13 10.52 -48.08
N SER A 149 -61.93 10.14 -48.53
CA SER A 149 -61.74 8.84 -49.21
C SER A 149 -60.54 8.03 -48.68
N MET A 150 -60.02 8.40 -47.50
CA MET A 150 -58.93 7.66 -46.87
C MET A 150 -59.21 7.50 -45.39
N SER A 151 -58.92 6.34 -44.82
CA SER A 151 -59.03 6.17 -43.37
C SER A 151 -57.75 6.56 -42.59
N ALA A 152 -57.78 6.43 -41.27
CA ALA A 152 -56.67 6.77 -40.42
C ALA A 152 -55.50 5.88 -40.70
N SER A 153 -55.75 4.60 -40.89
CA SER A 153 -54.62 3.72 -41.15
C SER A 153 -54.05 3.92 -42.57
N GLU A 154 -54.90 4.22 -43.54
CA GLU A 154 -54.43 4.44 -44.92
C GLU A 154 -53.57 5.69 -45.03
N ILE A 155 -53.90 6.71 -44.24
CA ILE A 155 -53.16 7.95 -44.17
C ILE A 155 -51.82 7.73 -43.49
N ALA A 156 -51.85 7.09 -42.33
CA ALA A 156 -50.64 6.74 -41.59
C ALA A 156 -49.66 6.08 -42.52
N ARG A 157 -50.10 5.06 -43.23
CA ARG A 157 -49.23 4.31 -44.12
C ARG A 157 -48.75 5.15 -45.31
N ALA A 158 -49.59 6.00 -45.87
CA ALA A 158 -49.17 6.76 -47.03
C ALA A 158 -48.21 7.89 -46.65
N ALA A 159 -48.32 8.37 -45.42
CA ALA A 159 -47.46 9.43 -44.96
C ALA A 159 -46.10 8.84 -44.69
N LEU A 160 -46.03 7.63 -44.15
CA LEU A 160 -44.73 6.99 -43.98
C LEU A 160 -44.11 6.61 -45.32
N GLU A 161 -44.96 6.21 -46.28
CA GLU A 161 -44.47 5.85 -47.61
C GLU A 161 -43.87 7.05 -48.34
N THR A 162 -44.49 8.21 -48.18
CA THR A 162 -44.03 9.43 -48.83
C THR A 162 -42.70 9.84 -48.25
N ALA A 163 -42.58 9.70 -46.94
CA ALA A 163 -41.39 10.07 -46.17
C ALA A 163 -40.21 9.23 -46.50
N GLY A 164 -40.43 7.93 -46.68
CA GLY A 164 -39.35 7.00 -46.99
C GLY A 164 -38.78 7.25 -48.37
N GLU A 165 -39.67 7.63 -49.29
CA GLU A 165 -39.31 7.89 -50.65
C GLU A 165 -38.47 9.16 -50.78
N ILE A 166 -38.64 10.16 -49.91
CA ILE A 166 -37.76 11.35 -50.02
C ILE A 166 -36.65 11.50 -49.03
N CYS A 167 -36.75 10.84 -47.89
CA CYS A 167 -35.78 10.97 -46.79
C CYS A 167 -34.84 9.78 -46.77
N VAL A 168 -33.52 10.01 -46.88
CA VAL A 168 -32.54 8.94 -46.86
C VAL A 168 -32.49 8.14 -45.55
N TYR A 169 -33.12 8.62 -44.50
CA TYR A 169 -33.00 8.00 -43.19
C TYR A 169 -34.27 7.28 -42.80
N THR A 170 -35.14 7.12 -43.81
CA THR A 170 -36.44 6.49 -43.69
C THR A 170 -36.61 5.50 -44.84
N ASN A 171 -36.93 4.28 -44.46
CA ASN A 171 -37.08 3.18 -45.41
C ASN A 171 -38.51 2.78 -45.51
N ASP A 172 -38.71 1.72 -46.29
CA ASP A 172 -40.03 1.21 -46.66
C ASP A 172 -40.52 0.05 -45.80
N GLN A 173 -39.97 -0.19 -44.62
CA GLN A 173 -40.34 -1.38 -43.81
C GLN A 173 -41.32 -1.00 -42.73
N ILE A 174 -42.55 -0.79 -43.13
CA ILE A 174 -43.51 -0.08 -42.30
C ILE A 174 -44.28 -0.97 -41.33
N ILE A 175 -44.41 -0.47 -40.12
CA ILE A 175 -45.17 -1.10 -39.06
C ILE A 175 -46.31 -0.17 -38.75
N LEU A 176 -47.50 -0.73 -38.69
CA LEU A 176 -48.70 0.02 -38.40
C LEU A 176 -49.51 -0.64 -37.29
N GLU A 177 -49.93 0.16 -36.32
CA GLU A 177 -50.80 -0.30 -35.26
C GLU A 177 -52.00 0.65 -35.14
N GLU A 178 -53.17 0.11 -34.81
CA GLU A 178 -54.39 0.91 -34.64
C GLU A 178 -55.17 0.55 -33.39
N LEU A 179 -56.07 1.46 -32.99
CA LEU A 179 -57.09 1.18 -31.99
C LEU A 179 -58.41 0.91 -32.75
N GLU A 180 -59.24 0.01 -32.23
CA GLU A 180 -60.63 -0.18 -32.76
C GLU A 180 -61.66 0.87 -32.24
N SER B 1 -32.66 24.40 -25.99
CA SER B 1 -33.42 23.32 -26.74
C SER B 1 -33.94 23.70 -28.18
N SER B 2 -34.29 22.68 -28.94
CA SER B 2 -34.90 22.79 -30.26
C SER B 2 -36.33 23.38 -30.29
N PHE B 3 -37.06 23.53 -29.15
CA PHE B 3 -38.38 24.25 -29.21
C PHE B 3 -38.23 25.75 -28.94
N HIS B 4 -38.76 26.57 -29.83
CA HIS B 4 -38.65 28.02 -29.69
C HIS B 4 -39.66 28.48 -28.67
N ALA B 5 -39.37 29.52 -27.90
CA ALA B 5 -40.37 30.12 -27.02
C ALA B 5 -41.47 30.75 -27.86
N THR B 6 -42.71 30.71 -27.40
CA THR B 6 -43.77 31.54 -27.97
C THR B 6 -43.48 32.99 -27.49
N THR B 7 -44.36 33.91 -27.86
CA THR B 7 -44.20 35.35 -27.66
C THR B 7 -45.24 35.86 -26.66
N ILE B 8 -44.80 36.59 -25.67
CA ILE B 8 -45.67 37.10 -24.64
C ILE B 8 -45.43 38.60 -24.45
N PHE B 9 -46.53 39.32 -24.28
CA PHE B 9 -46.55 40.75 -24.10
C PHE B 9 -47.47 41.07 -22.95
N ALA B 10 -47.06 42.04 -22.13
CA ALA B 10 -47.83 42.48 -20.96
C ALA B 10 -47.80 44.01 -20.90
N VAL B 11 -48.88 44.61 -20.42
CA VAL B 11 -48.95 46.04 -20.32
C VAL B 11 -49.90 46.49 -19.22
N GLN B 12 -49.47 47.52 -18.50
CA GLN B 12 -50.28 48.23 -17.54
C GLN B 12 -50.53 49.59 -18.19
N HIS B 13 -51.80 49.98 -18.26
CA HIS B 13 -52.22 51.14 -19.02
C HIS B 13 -53.57 51.69 -18.52
N LYS B 14 -53.52 52.88 -17.90
CA LYS B 14 -54.74 53.53 -17.43
C LYS B 14 -55.52 52.67 -16.43
N GLY B 15 -54.84 51.97 -15.54
CA GLY B 15 -55.48 51.20 -14.49
C GLY B 15 -55.83 49.79 -14.89
N ARG B 16 -55.66 49.48 -16.16
CA ARG B 16 -55.98 48.14 -16.65
C ARG B 16 -54.69 47.36 -16.91
N SER B 17 -54.76 46.05 -16.74
CA SER B 17 -53.64 45.15 -16.95
C SER B 17 -54.06 44.15 -18.02
N ALA B 18 -53.19 43.84 -18.94
CA ALA B 18 -53.47 42.75 -19.88
C ALA B 18 -52.20 42.03 -20.31
N MET B 19 -52.37 40.77 -20.67
CA MET B 19 -51.29 39.96 -21.17
C MET B 19 -51.76 39.19 -22.38
N SER B 20 -50.88 39.03 -23.35
CA SER B 20 -51.23 38.34 -24.57
C SER B 20 -50.06 37.46 -25.00
N GLY B 21 -50.39 36.50 -25.83
CA GLY B 21 -49.40 35.54 -26.29
C GLY B 21 -49.92 34.91 -27.56
N ASP B 22 -49.01 34.58 -28.47
CA ASP B 22 -49.37 33.78 -29.64
C ASP B 22 -49.29 32.30 -29.25
N GLY B 23 -49.59 31.42 -30.18
CA GLY B 23 -49.62 29.97 -29.94
C GLY B 23 -48.64 29.18 -30.79
N GLN B 24 -47.79 29.86 -31.55
CA GLN B 24 -46.88 29.16 -32.47
C GLN B 24 -45.86 28.37 -31.71
N VAL B 25 -45.88 27.05 -31.86
CA VAL B 25 -44.82 26.19 -31.35
C VAL B 25 -43.95 25.63 -32.50
N THR B 26 -42.69 26.08 -32.55
CA THR B 26 -41.72 25.75 -33.59
C THR B 26 -40.61 24.88 -33.03
N PHE B 27 -40.29 23.83 -33.75
CA PHE B 27 -39.28 22.91 -33.34
C PHE B 27 -38.23 23.00 -34.41
N GLY B 28 -37.00 23.27 -33.98
CA GLY B 28 -35.87 23.38 -34.84
C GLY B 28 -35.90 24.73 -35.49
N GLN B 29 -35.19 24.83 -36.61
CA GLN B 29 -35.12 26.07 -37.37
C GLN B 29 -36.47 26.55 -37.82
N ALA B 30 -37.26 25.63 -38.33
CA ALA B 30 -38.37 26.02 -39.21
C ALA B 30 -39.68 25.25 -39.07
N VAL B 31 -39.83 24.26 -38.21
CA VAL B 31 -41.03 23.42 -38.24
C VAL B 31 -42.11 23.68 -37.15
N VAL B 32 -43.30 24.10 -37.57
CA VAL B 32 -44.39 24.40 -36.66
C VAL B 32 -45.16 23.14 -36.31
N MET B 33 -45.30 22.85 -35.02
CA MET B 33 -45.97 21.63 -34.54
C MET B 33 -47.37 21.88 -33.97
N LYS B 34 -47.50 23.03 -33.31
CA LYS B 34 -48.75 23.52 -32.80
C LYS B 34 -48.91 24.98 -33.20
N HIS B 35 -50.17 25.42 -33.35
CA HIS B 35 -50.51 26.82 -33.64
C HIS B 35 -51.27 27.53 -32.52
N THR B 36 -51.86 26.79 -31.57
CA THR B 36 -52.75 27.39 -30.58
C THR B 36 -52.32 27.18 -29.12
N ALA B 37 -51.02 27.13 -28.87
CA ALA B 37 -50.54 26.98 -27.52
C ALA B 37 -51.12 28.08 -26.62
N ARG B 38 -51.29 27.75 -25.35
CA ARG B 38 -51.68 28.71 -24.33
C ARG B 38 -50.52 28.76 -23.38
N LYS B 39 -49.97 29.96 -23.17
CA LYS B 39 -48.81 30.12 -22.30
C LYS B 39 -49.02 31.33 -21.34
N VAL B 40 -50.22 31.88 -21.39
CA VAL B 40 -50.66 32.95 -20.55
C VAL B 40 -51.80 32.37 -19.70
N ARG B 41 -51.67 32.54 -18.39
CA ARG B 41 -52.63 32.00 -17.44
C ARG B 41 -52.89 32.97 -16.28
N LYS B 42 -54.01 32.82 -15.61
CA LYS B 42 -54.26 33.48 -14.32
C LYS B 42 -53.85 32.55 -13.15
N LEU B 43 -53.01 33.02 -12.24
CA LEU B 43 -52.71 32.31 -10.98
C LEU B 43 -53.42 32.98 -9.77
N PHE B 44 -53.09 32.46 -8.56
CA PHE B 44 -53.31 33.12 -7.26
C PHE B 44 -54.71 33.72 -7.24
N ASN B 45 -55.69 32.94 -7.69
CA ASN B 45 -57.08 33.32 -7.57
C ASN B 45 -57.54 34.45 -8.53
N GLY B 46 -57.05 34.44 -9.76
CA GLY B 46 -57.41 35.47 -10.74
C GLY B 46 -56.86 36.86 -10.45
N LYS B 47 -55.86 36.94 -9.56
CA LYS B 47 -55.29 38.22 -9.12
C LYS B 47 -53.98 38.51 -9.77
N VAL B 48 -53.31 37.49 -10.29
CA VAL B 48 -52.11 37.72 -11.09
C VAL B 48 -52.20 37.09 -12.46
N LEU B 49 -51.48 37.67 -13.41
CA LEU B 49 -51.34 37.13 -14.74
C LEU B 49 -49.94 36.65 -14.89
N ALA B 50 -49.77 35.46 -15.43
CA ALA B 50 -48.42 34.92 -15.61
C ALA B 50 -48.19 34.34 -17.02
N GLY B 51 -46.99 34.55 -17.50
CA GLY B 51 -46.69 34.26 -18.87
C GLY B 51 -45.36 33.60 -18.92
N PHE B 52 -45.35 32.37 -19.42
CA PHE B 52 -44.12 31.65 -19.51
C PHE B 52 -44.08 30.82 -20.82
N ALA B 53 -43.06 31.09 -21.60
CA ALA B 53 -43.04 30.74 -23.04
C ALA B 53 -42.37 29.43 -23.36
N GLY B 54 -41.84 28.80 -22.30
CA GLY B 54 -41.10 27.56 -22.39
C GLY B 54 -42.06 26.45 -22.13
N SER B 55 -41.51 25.27 -21.80
CA SER B 55 -42.22 24.02 -21.79
C SER B 55 -43.17 23.94 -20.61
N VAL B 56 -44.05 22.94 -20.61
CA VAL B 56 -45.07 22.88 -19.59
C VAL B 56 -44.49 22.47 -18.27
N ALA B 57 -43.66 21.45 -18.23
CA ALA B 57 -43.12 21.00 -16.93
C ALA B 57 -42.30 22.09 -16.21
N ASP B 58 -41.68 22.98 -16.96
CA ASP B 58 -40.92 24.02 -16.32
C ASP B 58 -41.91 25.08 -15.87
N ALA B 59 -42.98 25.25 -16.64
CA ALA B 59 -44.06 26.19 -16.30
C ALA B 59 -44.70 25.85 -14.97
N PHE B 60 -44.96 24.58 -14.73
CA PHE B 60 -45.52 24.14 -13.49
C PHE B 60 -44.52 24.14 -12.37
N THR B 61 -43.25 23.97 -12.68
CA THR B 61 -42.31 23.92 -11.58
C THR B 61 -42.13 25.36 -11.12
N LEU B 62 -42.27 26.29 -12.03
CA LEU B 62 -41.96 27.66 -11.70
C LEU B 62 -43.14 28.36 -11.02
N PHE B 63 -44.32 28.19 -11.63
CA PHE B 63 -45.62 28.66 -11.13
C PHE B 63 -45.89 28.11 -9.69
N GLU B 64 -45.53 26.85 -9.42
CA GLU B 64 -45.65 26.32 -8.06
C GLU B 64 -44.67 26.95 -7.10
N LYS B 65 -43.49 27.30 -7.59
CA LYS B 65 -42.50 27.83 -6.68
C LYS B 65 -42.93 29.25 -6.43
N PHE B 66 -43.68 29.83 -7.36
CA PHE B 66 -44.09 31.23 -7.25
C PHE B 66 -45.23 31.37 -6.28
N GLU B 67 -46.28 30.55 -6.46
CA GLU B 67 -47.37 30.42 -5.51
C GLU B 67 -46.82 30.29 -4.11
N ALA B 68 -45.90 29.36 -3.89
CA ALA B 68 -45.36 29.17 -2.54
C ALA B 68 -44.65 30.41 -2.02
N LYS B 69 -44.01 31.17 -2.89
CA LYS B 69 -43.29 32.34 -2.45
C LYS B 69 -44.27 33.45 -2.10
N LEU B 70 -45.38 33.52 -2.82
CA LEU B 70 -46.43 34.47 -2.50
C LEU B 70 -47.13 34.16 -1.14
N GLU B 71 -47.50 32.92 -0.92
CA GLU B 71 -48.22 32.56 0.30
C GLU B 71 -47.22 32.55 1.43
N GLU B 72 -46.00 33.00 1.15
CA GLU B 72 -44.93 33.12 2.14
C GLU B 72 -44.60 34.57 2.51
N TYR B 73 -44.68 35.46 1.53
CA TYR B 73 -44.40 36.87 1.74
C TYR B 73 -45.66 37.72 1.59
N ASN B 74 -46.81 37.13 1.93
CA ASN B 74 -48.11 37.82 2.04
C ASN B 74 -48.62 38.55 0.80
N GLY B 75 -48.47 37.92 -0.36
CA GLY B 75 -48.96 38.50 -1.60
C GLY B 75 -48.08 39.58 -2.20
N ASN B 76 -46.99 39.97 -1.53
CA ASN B 76 -46.05 40.95 -2.07
C ASN B 76 -45.48 40.38 -3.36
N LEU B 77 -45.76 41.01 -4.50
CA LEU B 77 -45.26 40.49 -5.77
C LEU B 77 -43.74 40.64 -5.89
N LYS B 78 -43.23 41.81 -5.48
CA LYS B 78 -41.81 42.12 -5.63
C LYS B 78 -40.93 41.18 -4.88
N ARG B 79 -41.35 40.82 -3.69
CA ARG B 79 -40.56 39.99 -2.81
C ARG B 79 -40.59 38.55 -3.26
N ALA B 80 -41.78 38.07 -3.59
CA ALA B 80 -41.93 36.72 -4.11
C ALA B 80 -41.11 36.57 -5.39
N ALA B 81 -41.13 37.56 -6.26
CA ALA B 81 -40.35 37.51 -7.48
C ALA B 81 -38.86 37.36 -7.17
N VAL B 82 -38.32 38.27 -6.38
CA VAL B 82 -36.93 38.26 -5.94
C VAL B 82 -36.54 36.91 -5.38
N GLU B 83 -37.40 36.29 -4.58
CA GLU B 83 -37.02 35.06 -3.92
C GLU B 83 -37.10 33.88 -4.87
N LEU B 84 -38.08 33.92 -5.76
CA LEU B 84 -38.13 32.93 -6.84
C LEU B 84 -36.90 33.02 -7.73
N ALA B 85 -36.50 34.24 -8.08
CA ALA B 85 -35.25 34.52 -8.80
C ALA B 85 -34.01 33.93 -8.07
N LYS B 86 -33.96 34.02 -6.75
CA LYS B 86 -32.83 33.50 -5.97
C LYS B 86 -32.73 32.00 -6.10
N GLU B 87 -33.88 31.33 -6.03
CA GLU B 87 -33.97 29.88 -6.07
C GLU B 87 -33.83 29.33 -7.50
N TRP B 88 -34.30 30.10 -8.46
CA TRP B 88 -34.28 29.71 -9.87
C TRP B 88 -32.84 29.63 -10.33
N ARG B 89 -32.09 30.67 -10.04
CA ARG B 89 -30.73 30.72 -10.52
C ARG B 89 -29.77 29.84 -9.76
N SER B 90 -30.17 29.32 -8.62
CA SER B 90 -29.28 28.42 -7.92
C SER B 90 -29.62 26.96 -8.21
N ASP B 91 -30.70 26.69 -8.95
CA ASP B 91 -31.09 25.33 -9.37
C ASP B 91 -30.26 24.86 -10.55
N LYS B 92 -29.63 23.70 -10.39
CA LYS B 92 -28.63 23.20 -11.32
C LYS B 92 -29.18 23.15 -12.76
N VAL B 93 -30.45 22.79 -12.88
CA VAL B 93 -31.05 22.59 -14.19
C VAL B 93 -31.83 23.78 -14.65
N LEU B 94 -32.72 24.29 -13.79
CA LEU B 94 -33.66 25.36 -14.18
C LEU B 94 -32.98 26.69 -14.55
N ARG B 95 -31.84 26.95 -13.95
CA ARG B 95 -31.14 28.21 -14.15
C ARG B 95 -30.56 28.38 -15.55
N LYS B 96 -30.46 27.28 -16.27
CA LYS B 96 -29.99 27.30 -17.63
C LYS B 96 -31.07 27.67 -18.62
N LEU B 97 -32.30 27.81 -18.16
CA LEU B 97 -33.41 28.01 -19.06
C LEU B 97 -33.30 29.33 -19.75
N GLU B 98 -33.68 29.41 -21.01
CA GLU B 98 -33.68 30.69 -21.68
C GLU B 98 -34.97 31.40 -21.46
N ALA B 99 -36.02 30.65 -21.18
CA ALA B 99 -37.31 31.26 -21.18
C ALA B 99 -37.42 32.07 -19.88
N MET B 100 -38.07 33.20 -20.00
CA MET B 100 -38.25 34.09 -18.90
C MET B 100 -39.70 34.09 -18.52
N LEU B 101 -40.02 34.73 -17.40
CA LEU B 101 -41.37 34.69 -16.80
C LEU B 101 -41.83 36.10 -16.67
N ILE B 102 -43.13 36.34 -16.90
CA ILE B 102 -43.74 37.62 -16.54
C ILE B 102 -44.91 37.38 -15.60
N VAL B 103 -44.86 38.05 -14.46
CA VAL B 103 -45.93 38.04 -13.48
C VAL B 103 -46.41 39.45 -13.33
N MET B 104 -47.71 39.59 -13.17
CA MET B 104 -48.25 40.90 -12.91
C MET B 104 -49.48 40.84 -12.03
N ASN B 105 -49.58 41.78 -11.10
CA ASN B 105 -50.84 42.03 -10.38
C ASN B 105 -51.35 43.45 -10.68
N GLN B 106 -52.29 43.93 -9.91
CA GLN B 106 -52.99 45.18 -10.21
C GLN B 106 -52.02 46.38 -10.22
N ASP B 107 -50.96 46.27 -9.40
CA ASP B 107 -50.07 47.38 -9.08
C ASP B 107 -48.78 47.38 -9.91
N THR B 108 -48.25 46.19 -10.16
CA THR B 108 -46.93 46.07 -10.74
C THR B 108 -46.77 44.88 -11.69
N LEU B 109 -45.78 45.07 -12.53
CA LEU B 109 -45.45 44.23 -13.66
C LEU B 109 -43.94 43.89 -13.58
N LEU B 110 -43.61 42.59 -13.58
CA LEU B 110 -42.24 42.12 -13.45
C LEU B 110 -41.87 41.01 -14.42
N LEU B 111 -40.65 41.08 -14.92
CA LEU B 111 -39.91 40.02 -15.59
C LEU B 111 -38.98 39.31 -14.61
N VAL B 112 -39.02 37.98 -14.61
CA VAL B 112 -38.09 37.20 -13.83
C VAL B 112 -37.29 36.24 -14.74
N SER B 113 -35.98 36.17 -14.50
CA SER B 113 -35.14 35.23 -15.25
C SER B 113 -34.46 34.25 -14.36
N GLY B 114 -34.07 33.12 -14.94
CA GLY B 114 -33.23 32.13 -14.28
C GLY B 114 -31.78 32.51 -14.06
N THR B 115 -31.32 33.67 -14.51
CA THR B 115 -30.06 34.22 -14.03
C THR B 115 -30.26 35.18 -12.86
N GLY B 116 -31.48 35.21 -12.33
CA GLY B 116 -31.79 35.98 -11.15
C GLY B 116 -32.18 37.43 -11.35
N GLU B 117 -32.58 37.83 -12.55
CA GLU B 117 -33.06 39.18 -12.75
C GLU B 117 -34.53 39.34 -12.34
N VAL B 118 -34.83 40.51 -11.75
CA VAL B 118 -36.20 40.94 -11.55
C VAL B 118 -36.31 42.34 -12.09
N ILE B 119 -37.11 42.53 -13.11
CA ILE B 119 -37.09 43.82 -13.76
C ILE B 119 -38.46 44.36 -13.89
N GLU B 120 -38.59 45.60 -13.44
CA GLU B 120 -39.86 46.27 -13.46
C GLU B 120 -39.66 47.39 -14.42
N PRO B 121 -40.43 47.38 -15.48
CA PRO B 121 -40.27 48.35 -16.56
C PRO B 121 -40.64 49.76 -16.07
N ASP B 122 -40.18 50.76 -16.82
CA ASP B 122 -40.49 52.16 -16.59
C ASP B 122 -41.70 52.66 -17.35
N ASP B 123 -42.20 51.83 -18.26
CA ASP B 123 -43.23 52.35 -19.15
C ASP B 123 -44.46 51.47 -19.19
N GLY B 124 -44.59 50.61 -18.18
CA GLY B 124 -45.67 49.65 -18.07
C GLY B 124 -45.70 48.49 -19.06
N ILE B 125 -44.58 48.22 -19.75
CA ILE B 125 -44.52 47.15 -20.77
C ILE B 125 -43.33 46.21 -20.65
N LEU B 126 -43.68 44.94 -20.65
CA LEU B 126 -42.73 43.85 -20.81
C LEU B 126 -43.14 42.90 -21.94
N ALA B 127 -42.14 42.29 -22.55
CA ALA B 127 -42.34 41.35 -23.67
C ALA B 127 -41.24 40.37 -23.68
N ILE B 128 -41.55 39.08 -23.85
CA ILE B 128 -40.53 38.05 -24.01
C ILE B 128 -40.80 37.08 -25.14
N GLY B 129 -39.83 36.24 -25.42
CA GLY B 129 -39.99 35.19 -26.40
C GLY B 129 -39.48 35.55 -27.76
N SER B 130 -39.75 34.67 -28.73
CA SER B 130 -39.07 34.75 -30.03
C SER B 130 -39.33 36.07 -30.68
N GLY B 131 -40.58 36.54 -30.60
CA GLY B 131 -40.99 37.80 -31.18
C GLY B 131 -41.02 38.94 -30.20
N GLY B 132 -40.59 38.68 -28.98
CA GLY B 132 -40.81 39.59 -27.88
C GLY B 132 -40.32 40.98 -28.16
N ASN B 133 -39.23 41.11 -28.88
CA ASN B 133 -38.70 42.45 -29.13
C ASN B 133 -39.47 43.28 -30.14
N TYR B 134 -40.07 42.59 -31.14
CA TYR B 134 -41.00 43.22 -32.06
C TYR B 134 -42.30 43.57 -31.35
N ALA B 135 -42.85 42.70 -30.52
CA ALA B 135 -44.00 43.09 -29.71
C ALA B 135 -43.67 44.24 -28.76
N LEU B 136 -42.46 44.25 -28.21
CA LEU B 136 -42.03 45.35 -27.35
C LEU B 136 -41.99 46.65 -28.10
N ALA B 137 -41.43 46.61 -29.32
CA ALA B 137 -41.39 47.82 -30.15
C ALA B 137 -42.80 48.34 -30.54
N ALA B 138 -43.69 47.44 -30.95
CA ALA B 138 -45.02 47.80 -31.38
C ALA B 138 -45.77 48.37 -30.20
N GLY B 139 -45.75 47.68 -29.08
CA GLY B 139 -46.54 48.13 -27.93
C GLY B 139 -46.03 49.43 -27.34
N ARG B 140 -44.74 49.65 -27.36
CA ARG B 140 -44.23 50.88 -26.80
C ARG B 140 -44.69 52.01 -27.68
N ALA B 141 -44.70 51.73 -28.98
CA ALA B 141 -45.05 52.75 -29.94
C ALA B 141 -46.49 53.19 -29.84
N LEU B 142 -47.37 52.23 -29.51
CA LEU B 142 -48.79 52.49 -29.47
C LEU B 142 -49.10 53.20 -28.20
N LYS B 143 -48.47 52.75 -27.13
CA LYS B 143 -48.73 53.32 -25.84
C LYS B 143 -48.35 54.78 -25.79
N LYS B 144 -47.25 55.14 -26.39
CA LYS B 144 -46.76 56.50 -26.36
C LYS B 144 -47.40 57.42 -27.37
N HIS B 145 -47.60 56.99 -28.59
CA HIS B 145 -48.19 57.88 -29.60
C HIS B 145 -49.69 57.68 -29.83
N ALA B 146 -50.29 56.60 -29.33
CA ALA B 146 -51.75 56.36 -29.49
C ALA B 146 -52.45 55.82 -28.21
N GLY B 147 -51.80 56.05 -27.06
CA GLY B 147 -52.26 55.53 -25.79
C GLY B 147 -53.60 56.09 -25.33
N GLU B 148 -53.90 57.31 -25.78
CA GLU B 148 -55.09 57.95 -25.36
C GLU B 148 -56.32 57.25 -25.97
N SER B 149 -56.13 56.64 -27.11
CA SER B 149 -57.22 56.02 -27.85
C SER B 149 -57.28 54.47 -27.76
N MET B 150 -56.28 53.85 -27.12
CA MET B 150 -56.27 52.39 -26.92
C MET B 150 -56.25 51.95 -25.44
N SER B 151 -57.01 50.91 -25.11
CA SER B 151 -56.93 50.33 -23.76
C SER B 151 -55.77 49.33 -23.67
N ALA B 152 -55.51 48.88 -22.44
CA ALA B 152 -54.42 47.98 -22.17
C ALA B 152 -54.58 46.71 -22.99
N SER B 153 -55.77 46.17 -23.07
CA SER B 153 -56.03 44.99 -23.90
C SER B 153 -55.89 45.29 -25.40
N GLU B 154 -56.36 46.45 -25.84
CA GLU B 154 -56.19 46.82 -27.26
C GLU B 154 -54.72 46.86 -27.69
N ILE B 155 -53.88 47.38 -26.82
CA ILE B 155 -52.47 47.45 -27.07
C ILE B 155 -51.94 46.03 -27.01
N ALA B 156 -52.36 45.25 -26.02
CA ALA B 156 -51.82 43.89 -25.86
C ALA B 156 -52.07 43.10 -27.11
N ARG B 157 -53.29 43.22 -27.65
CA ARG B 157 -53.65 42.45 -28.83
C ARG B 157 -52.91 43.02 -30.08
N ALA B 158 -52.88 44.35 -30.20
CA ALA B 158 -52.23 45.00 -31.33
C ALA B 158 -50.71 44.76 -31.41
N ALA B 159 -50.04 44.69 -30.29
CA ALA B 159 -48.60 44.42 -30.25
C ALA B 159 -48.34 43.01 -30.75
N LEU B 160 -49.10 42.04 -30.27
CA LEU B 160 -48.91 40.66 -30.71
C LEU B 160 -49.18 40.53 -32.23
N GLU B 161 -50.18 41.26 -32.69
CA GLU B 161 -50.58 41.26 -34.10
C GLU B 161 -49.41 41.78 -34.95
N THR B 162 -48.81 42.90 -34.57
CA THR B 162 -47.66 43.35 -35.30
C THR B 162 -46.52 42.35 -35.27
N ALA B 163 -46.22 41.79 -34.09
CA ALA B 163 -45.15 40.82 -33.93
C ALA B 163 -45.32 39.59 -34.78
N GLY B 164 -46.55 39.16 -34.93
CA GLY B 164 -46.81 37.98 -35.72
C GLY B 164 -46.64 38.25 -37.19
N GLU B 165 -46.99 39.45 -37.60
CA GLU B 165 -46.91 39.92 -38.96
C GLU B 165 -45.45 40.05 -39.43
N ILE B 166 -44.53 40.28 -38.52
CA ILE B 166 -43.15 40.41 -38.96
C ILE B 166 -42.19 39.36 -38.53
N CYS B 167 -42.49 38.65 -37.45
CA CYS B 167 -41.59 37.64 -36.95
C CYS B 167 -42.00 36.22 -37.39
N VAL B 168 -41.12 35.48 -38.04
CA VAL B 168 -41.48 34.11 -38.50
C VAL B 168 -41.84 33.15 -37.35
N TYR B 169 -41.45 33.49 -36.13
CA TYR B 169 -41.60 32.57 -35.00
C TYR B 169 -42.84 32.81 -34.17
N THR B 170 -43.64 33.80 -34.57
CA THR B 170 -44.87 34.26 -33.93
C THR B 170 -46.08 34.28 -34.90
N ASN B 171 -47.19 33.61 -34.54
CA ASN B 171 -48.41 33.62 -35.35
C ASN B 171 -49.54 34.45 -34.80
N ASP B 172 -50.73 34.26 -35.41
CA ASP B 172 -51.93 35.10 -35.23
C ASP B 172 -53.00 34.48 -34.33
N GLN B 173 -52.68 33.39 -33.61
CA GLN B 173 -53.62 32.74 -32.66
C GLN B 173 -53.40 33.29 -31.24
N ILE B 174 -53.96 34.47 -31.02
CA ILE B 174 -53.67 35.23 -29.85
C ILE B 174 -54.64 34.90 -28.75
N ILE B 175 -54.10 34.86 -27.56
CA ILE B 175 -54.83 34.53 -26.40
C ILE B 175 -54.56 35.73 -25.54
N LEU B 176 -55.59 36.27 -24.93
CA LEU B 176 -55.43 37.44 -24.13
C LEU B 176 -56.13 37.25 -22.76
N GLU B 177 -55.50 37.71 -21.68
CA GLU B 177 -56.11 37.70 -20.35
C GLU B 177 -56.02 39.12 -19.78
N GLU B 178 -56.99 39.49 -18.93
CA GLU B 178 -56.97 40.77 -18.19
C GLU B 178 -57.26 40.55 -16.74
N LEU B 179 -56.78 41.45 -15.89
CA LEU B 179 -57.13 41.43 -14.48
C LEU B 179 -58.45 42.18 -14.31
N GLU B 180 -59.28 41.70 -13.37
CA GLU B 180 -60.55 42.33 -12.96
C GLU B 180 -61.69 42.08 -13.97
N SER C 1 -24.61 35.06 -19.08
CA SER C 1 -25.95 35.77 -19.20
C SER C 1 -26.14 36.68 -20.46
N SER C 2 -27.35 36.64 -21.07
CA SER C 2 -27.77 37.64 -22.07
C SER C 2 -27.99 39.10 -21.57
N PHE C 3 -28.09 39.32 -20.25
CA PHE C 3 -28.13 40.69 -19.71
C PHE C 3 -26.74 41.30 -19.50
N HIS C 4 -26.59 42.54 -19.95
CA HIS C 4 -25.38 43.31 -19.81
C HIS C 4 -25.40 43.96 -18.43
N ALA C 5 -24.26 43.94 -17.77
CA ALA C 5 -24.07 44.73 -16.60
C ALA C 5 -24.38 46.22 -16.89
N THR C 6 -24.83 46.94 -15.88
CA THR C 6 -24.90 48.41 -15.92
C THR C 6 -23.49 48.85 -15.50
N THR C 7 -23.33 50.16 -15.28
CA THR C 7 -22.04 50.81 -15.13
C THR C 7 -22.04 51.58 -13.85
N ILE C 8 -21.00 51.37 -13.08
CA ILE C 8 -20.85 51.95 -11.77
C ILE C 8 -19.47 52.55 -11.60
N PHE C 9 -19.43 53.70 -10.98
CA PHE C 9 -18.20 54.45 -10.75
C PHE C 9 -18.13 54.95 -9.28
N ALA C 10 -16.92 54.99 -8.72
CA ALA C 10 -16.75 55.33 -7.31
C ALA C 10 -15.49 56.10 -7.09
N VAL C 11 -15.51 57.02 -6.14
CA VAL C 11 -14.40 57.96 -5.97
C VAL C 11 -14.42 58.58 -4.57
N GLN C 12 -13.20 58.72 -4.05
CA GLN C 12 -12.92 59.40 -2.84
C GLN C 12 -12.09 60.61 -3.23
N HIS C 13 -12.49 61.77 -2.70
CA HIS C 13 -11.95 63.06 -3.09
C HIS C 13 -12.23 64.11 -2.02
N LYS C 14 -11.18 64.55 -1.34
CA LYS C 14 -11.22 65.64 -0.37
C LYS C 14 -12.20 65.35 0.76
N GLY C 15 -12.11 64.15 1.31
CA GLY C 15 -12.86 63.77 2.48
C GLY C 15 -14.26 63.34 2.14
N ARG C 16 -14.52 63.20 0.87
CA ARG C 16 -15.83 62.81 0.37
C ARG C 16 -15.79 61.56 -0.44
N SER C 17 -16.85 60.78 -0.30
CA SER C 17 -17.02 59.51 -1.02
C SER C 17 -18.32 59.58 -1.82
N ALA C 18 -18.27 59.29 -3.09
CA ALA C 18 -19.47 59.14 -3.89
C ALA C 18 -19.35 57.92 -4.85
N MET C 19 -20.52 57.46 -5.27
CA MET C 19 -20.67 56.32 -6.13
C MET C 19 -21.87 56.64 -7.03
N SER C 20 -21.63 56.64 -8.33
CA SER C 20 -22.64 56.89 -9.34
C SER C 20 -22.86 55.61 -10.24
N GLY C 21 -24.00 55.53 -10.89
CA GLY C 21 -24.36 54.37 -11.72
C GLY C 21 -25.49 54.78 -12.67
N ASP C 22 -25.50 54.23 -13.85
CA ASP C 22 -26.55 54.49 -14.79
C ASP C 22 -27.60 53.46 -14.63
N GLY C 23 -28.65 53.46 -15.44
CA GLY C 23 -29.78 52.53 -15.27
C GLY C 23 -30.15 51.58 -16.44
N GLN C 24 -29.29 51.47 -17.46
CA GLN C 24 -29.63 50.78 -18.69
C GLN C 24 -29.47 49.26 -18.53
N VAL C 25 -30.57 48.57 -18.66
CA VAL C 25 -30.58 47.13 -18.68
C VAL C 25 -30.80 46.62 -20.11
N THR C 26 -29.74 46.06 -20.67
CA THR C 26 -29.78 45.62 -22.04
C THR C 26 -29.87 44.10 -22.05
N PHE C 27 -30.73 43.56 -22.88
CA PHE C 27 -30.84 42.13 -23.06
C PHE C 27 -30.40 41.83 -24.50
N GLY C 28 -29.53 40.84 -24.63
CA GLY C 28 -28.95 40.46 -25.89
C GLY C 28 -27.96 41.54 -26.30
N GLN C 29 -27.63 41.51 -27.58
CA GLN C 29 -26.79 42.55 -28.21
C GLN C 29 -27.31 43.96 -27.99
N ALA C 30 -28.62 44.17 -28.08
CA ALA C 30 -29.11 45.50 -28.43
C ALA C 30 -30.42 46.03 -27.81
N VAL C 31 -31.16 45.25 -27.04
CA VAL C 31 -32.52 45.65 -26.67
C VAL C 31 -32.55 46.14 -25.21
N VAL C 32 -32.95 47.39 -25.05
CA VAL C 32 -33.05 47.97 -23.73
C VAL C 32 -34.40 47.62 -23.11
N MET C 33 -34.37 47.01 -21.93
CA MET C 33 -35.59 46.61 -21.23
C MET C 33 -35.98 47.56 -20.14
N LYS C 34 -34.99 48.21 -19.56
CA LYS C 34 -35.23 49.15 -18.52
C LYS C 34 -34.22 50.26 -18.67
N HIS C 35 -34.63 51.46 -18.31
CA HIS C 35 -33.75 52.63 -18.35
C HIS C 35 -33.25 53.09 -16.97
N THR C 36 -34.01 52.84 -15.91
CA THR C 36 -33.72 53.45 -14.59
C THR C 36 -33.28 52.46 -13.49
N ALA C 37 -32.62 51.34 -13.79
CA ALA C 37 -32.30 50.41 -12.72
C ALA C 37 -31.42 51.07 -11.65
N ARG C 38 -31.53 50.57 -10.43
CA ARG C 38 -30.78 51.12 -9.31
C ARG C 38 -29.81 50.08 -8.83
N LYS C 39 -28.54 50.31 -9.09
CA LYS C 39 -27.55 49.29 -8.82
C LYS C 39 -26.49 49.72 -7.80
N VAL C 40 -26.74 50.86 -7.17
CA VAL C 40 -25.88 51.44 -6.16
C VAL C 40 -26.84 51.66 -4.97
N ARG C 41 -26.40 51.33 -3.77
CA ARG C 41 -27.20 51.29 -2.58
C ARG C 41 -26.33 51.61 -1.35
N LYS C 42 -26.96 51.79 -0.19
CA LYS C 42 -26.24 52.01 1.05
C LYS C 42 -26.44 50.78 1.88
N LEU C 43 -25.41 50.36 2.60
CA LEU C 43 -25.49 49.23 3.55
C LEU C 43 -24.94 49.66 4.91
N PHE C 44 -25.26 48.91 5.97
CA PHE C 44 -24.62 49.06 7.28
C PHE C 44 -24.95 50.45 7.84
N ASN C 45 -26.24 50.75 7.91
CA ASN C 45 -26.74 52.04 8.41
C ASN C 45 -26.16 53.26 7.74
N GLY C 46 -25.91 53.16 6.45
CA GLY C 46 -25.54 54.30 5.63
C GLY C 46 -24.09 54.62 5.78
N LYS C 47 -23.32 53.67 6.28
CA LYS C 47 -21.89 53.85 6.42
C LYS C 47 -21.11 53.34 5.22
N VAL C 48 -21.76 52.54 4.37
CA VAL C 48 -21.08 51.99 3.20
C VAL C 48 -21.93 52.09 1.96
N LEU C 49 -21.23 52.39 0.87
CA LEU C 49 -21.77 52.38 -0.45
C LEU C 49 -21.38 51.08 -1.19
N ALA C 50 -22.36 50.41 -1.77
CA ALA C 50 -22.10 49.20 -2.52
C ALA C 50 -22.69 49.30 -3.93
N GLY C 51 -21.92 48.80 -4.90
CA GLY C 51 -22.30 48.75 -6.30
C GLY C 51 -22.03 47.39 -6.93
N PHE C 52 -23.10 46.76 -7.38
CA PHE C 52 -23.04 45.53 -8.08
C PHE C 52 -23.86 45.69 -9.34
N ALA C 53 -23.23 45.30 -10.44
CA ALA C 53 -23.70 45.57 -11.74
C ALA C 53 -24.54 44.39 -12.36
N GLY C 54 -24.65 43.27 -11.68
CA GLY C 54 -25.34 42.10 -12.21
C GLY C 54 -26.81 42.10 -11.87
N SER C 55 -27.35 40.91 -11.66
CA SER C 55 -28.77 40.77 -11.41
C SER C 55 -29.13 41.09 -9.93
N VAL C 56 -30.41 41.31 -9.63
CA VAL C 56 -30.74 41.65 -8.26
C VAL C 56 -30.61 40.48 -7.31
N ALA C 57 -30.89 39.28 -7.77
CA ALA C 57 -30.73 38.11 -6.92
C ALA C 57 -29.27 37.94 -6.49
N ASP C 58 -28.34 38.19 -7.39
CA ASP C 58 -26.95 38.14 -7.05
C ASP C 58 -26.54 39.38 -6.21
N ALA C 59 -27.10 40.55 -6.48
CA ALA C 59 -26.80 41.77 -5.71
C ALA C 59 -27.20 41.64 -4.23
N PHE C 60 -28.41 41.18 -3.98
CA PHE C 60 -28.91 40.93 -2.65
C PHE C 60 -28.22 39.85 -1.92
N THR C 61 -27.87 38.79 -2.61
CA THR C 61 -27.16 37.70 -1.97
C THR C 61 -25.82 38.22 -1.45
N LEU C 62 -25.13 38.99 -2.30
CA LEU C 62 -23.82 39.53 -1.98
C LEU C 62 -23.83 40.66 -0.94
N PHE C 63 -24.88 41.48 -0.98
CA PHE C 63 -25.08 42.54 -0.03
C PHE C 63 -25.37 41.94 1.33
N GLU C 64 -26.32 41.03 1.43
CA GLU C 64 -26.58 40.32 2.70
C GLU C 64 -25.32 39.70 3.28
N LYS C 65 -24.57 38.98 2.46
CA LYS C 65 -23.37 38.30 2.94
C LYS C 65 -22.32 39.28 3.41
N PHE C 66 -22.24 40.42 2.75
CA PHE C 66 -21.18 41.37 3.03
C PHE C 66 -21.52 42.09 4.35
N GLU C 67 -22.82 42.24 4.57
CA GLU C 67 -23.41 42.88 5.75
C GLU C 67 -23.09 42.04 6.99
N ALA C 68 -23.27 40.72 6.86
CA ALA C 68 -22.98 39.76 7.91
C ALA C 68 -21.49 39.70 8.29
N LYS C 69 -20.63 39.91 7.31
CA LYS C 69 -19.19 39.88 7.55
C LYS C 69 -18.83 41.21 8.18
N LEU C 70 -19.52 42.26 7.81
CA LEU C 70 -19.23 43.55 8.40
C LEU C 70 -19.57 43.57 9.89
N GLU C 71 -20.63 42.86 10.28
CA GLU C 71 -21.03 42.78 11.69
C GLU C 71 -20.08 41.86 12.42
N GLU C 72 -19.80 40.70 11.86
CA GLU C 72 -18.82 39.78 12.41
C GLU C 72 -17.41 40.36 12.58
N TYR C 73 -17.08 41.48 11.93
CA TYR C 73 -15.71 42.01 11.99
C TYR C 73 -15.67 43.51 12.30
N ASN C 74 -16.73 44.02 12.92
CA ASN C 74 -16.77 45.39 13.47
C ASN C 74 -16.40 46.51 12.53
N GLY C 75 -17.00 46.46 11.35
CA GLY C 75 -16.91 47.54 10.40
C GLY C 75 -15.66 47.55 9.57
N ASN C 76 -14.72 46.65 9.84
CA ASN C 76 -13.51 46.55 9.01
C ASN C 76 -13.79 46.12 7.55
N LEU C 77 -13.77 47.10 6.66
CA LEU C 77 -14.09 46.91 5.27
C LEU C 77 -13.17 45.89 4.61
N LYS C 78 -11.88 45.98 4.89
CA LYS C 78 -10.86 45.15 4.26
C LYS C 78 -10.99 43.72 4.64
N ARG C 79 -11.44 43.46 5.86
CA ARG C 79 -11.45 42.09 6.33
C ARG C 79 -12.70 41.46 5.87
N ALA C 80 -13.78 42.22 5.90
CA ALA C 80 -15.05 41.69 5.51
C ALA C 80 -14.98 41.42 4.02
N ALA C 81 -14.22 42.24 3.28
CA ALA C 81 -14.11 42.05 1.84
C ALA C 81 -13.37 40.77 1.51
N VAL C 82 -12.22 40.58 2.15
CA VAL C 82 -11.41 39.40 1.94
C VAL C 82 -12.22 38.15 2.27
N GLU C 83 -13.02 38.17 3.33
CA GLU C 83 -13.74 36.95 3.70
C GLU C 83 -14.87 36.66 2.74
N LEU C 84 -15.53 37.72 2.27
CA LEU C 84 -16.54 37.62 1.23
C LEU C 84 -15.92 37.00 0.00
N ALA C 85 -14.79 37.55 -0.45
CA ALA C 85 -14.11 37.01 -1.63
C ALA C 85 -13.89 35.53 -1.49
N LYS C 86 -13.38 35.12 -0.34
CA LYS C 86 -13.07 33.72 -0.08
C LYS C 86 -14.31 32.85 -0.25
N GLU C 87 -15.42 33.29 0.33
CA GLU C 87 -16.70 32.59 0.27
C GLU C 87 -17.22 32.55 -1.18
N TRP C 88 -17.23 33.73 -1.81
CA TRP C 88 -17.67 33.94 -3.19
C TRP C 88 -16.95 33.01 -4.17
N ARG C 89 -15.63 32.93 -4.07
CA ARG C 89 -14.86 32.14 -5.05
C ARG C 89 -14.99 30.63 -4.83
N SER C 90 -15.43 30.22 -3.64
CA SER C 90 -15.66 28.80 -3.37
C SER C 90 -17.11 28.36 -3.64
N ASP C 91 -18.09 29.27 -3.60
CA ASP C 91 -19.51 28.98 -3.93
C ASP C 91 -19.70 28.59 -5.39
N LYS C 92 -20.30 27.43 -5.60
CA LYS C 92 -20.34 26.77 -6.91
C LYS C 92 -21.10 27.60 -7.91
N VAL C 93 -22.18 28.24 -7.43
CA VAL C 93 -23.04 29.11 -8.24
C VAL C 93 -22.49 30.52 -8.43
N LEU C 94 -22.17 31.21 -7.34
CA LEU C 94 -21.82 32.63 -7.47
C LEU C 94 -20.46 32.95 -8.14
N ARG C 95 -19.49 32.05 -7.94
CA ARG C 95 -18.11 32.17 -8.43
C ARG C 95 -17.97 32.51 -9.89
N LYS C 96 -18.93 32.07 -10.69
CA LYS C 96 -18.87 32.21 -12.13
C LYS C 96 -19.35 33.55 -12.61
N LEU C 97 -19.83 34.40 -11.70
CA LEU C 97 -20.39 35.69 -12.11
C LEU C 97 -19.37 36.55 -12.76
N GLU C 98 -19.75 37.28 -13.79
CA GLU C 98 -18.86 38.21 -14.42
C GLU C 98 -18.86 39.54 -13.69
N ALA C 99 -19.99 39.96 -13.16
CA ALA C 99 -20.10 41.28 -12.59
C ALA C 99 -19.29 41.31 -11.30
N MET C 100 -18.60 42.41 -11.10
CA MET C 100 -17.88 42.67 -9.87
C MET C 100 -18.64 43.57 -8.91
N LEU C 101 -18.07 43.72 -7.72
CA LEU C 101 -18.66 44.45 -6.59
C LEU C 101 -17.69 45.57 -6.20
N ILE C 102 -18.20 46.78 -5.99
CA ILE C 102 -17.44 47.82 -5.31
C ILE C 102 -18.09 48.13 -3.98
N VAL C 103 -17.27 48.13 -2.92
CA VAL C 103 -17.67 48.57 -1.61
C VAL C 103 -16.74 49.68 -1.17
N MET C 104 -17.30 50.66 -0.52
CA MET C 104 -16.51 51.72 0.08
C MET C 104 -17.14 52.25 1.37
N ASN C 105 -16.24 52.70 2.24
CA ASN C 105 -16.55 53.50 3.43
C ASN C 105 -15.73 54.80 3.46
N GLN C 106 -15.97 55.58 4.49
CA GLN C 106 -15.21 56.78 4.75
C GLN C 106 -13.73 56.73 4.36
N ASP C 107 -13.06 55.64 4.70
CA ASP C 107 -11.58 55.51 4.62
C ASP C 107 -11.02 54.87 3.34
N THR C 108 -11.78 53.96 2.75
CA THR C 108 -11.25 53.18 1.65
C THR C 108 -12.30 52.62 0.71
N LEU C 109 -11.79 52.30 -0.48
CA LEU C 109 -12.51 51.93 -1.68
C LEU C 109 -12.01 50.55 -2.16
N LEU C 110 -12.90 49.59 -2.30
CA LEU C 110 -12.47 48.22 -2.64
C LEU C 110 -13.21 47.61 -3.86
N LEU C 111 -12.50 46.84 -4.66
CA LEU C 111 -13.13 46.06 -5.77
C LEU C 111 -13.04 44.60 -5.43
N VAL C 112 -14.18 43.93 -5.29
CA VAL C 112 -14.24 42.49 -5.04
C VAL C 112 -14.74 41.66 -6.26
N SER C 113 -14.14 40.51 -6.49
CA SER C 113 -14.54 39.66 -7.59
C SER C 113 -14.85 38.25 -7.17
N GLY C 114 -15.50 37.53 -8.07
CA GLY C 114 -15.85 36.15 -7.89
C GLY C 114 -14.70 35.22 -8.10
N THR C 115 -13.66 35.66 -8.78
CA THR C 115 -12.42 34.86 -8.80
C THR C 115 -11.58 35.12 -7.57
N GLY C 116 -12.08 35.97 -6.66
CA GLY C 116 -11.51 36.12 -5.33
C GLY C 116 -10.56 37.29 -5.19
N GLU C 117 -10.60 38.22 -6.12
CA GLU C 117 -9.79 39.42 -6.01
C GLU C 117 -10.43 40.41 -5.01
N VAL C 118 -9.54 41.12 -4.31
CA VAL C 118 -9.86 42.31 -3.55
C VAL C 118 -8.79 43.33 -3.89
N ILE C 119 -9.18 44.40 -4.55
CA ILE C 119 -8.25 45.39 -5.06
C ILE C 119 -8.56 46.81 -4.56
N GLU C 120 -7.54 47.44 -3.99
CA GLU C 120 -7.63 48.79 -3.54
C GLU C 120 -6.94 49.68 -4.58
N PRO C 121 -7.63 50.68 -5.14
CA PRO C 121 -7.02 51.49 -6.18
C PRO C 121 -5.93 52.35 -5.58
N ASP C 122 -5.19 53.04 -6.42
CA ASP C 122 -4.04 53.85 -6.03
C ASP C 122 -4.36 55.34 -6.06
N ASP C 123 -5.51 55.69 -6.64
CA ASP C 123 -5.92 57.07 -6.86
C ASP C 123 -7.38 57.29 -6.45
N GLY C 124 -7.89 56.42 -5.59
CA GLY C 124 -9.23 56.53 -5.07
C GLY C 124 -10.38 56.42 -6.06
N ILE C 125 -10.17 55.72 -7.18
CA ILE C 125 -11.22 55.51 -8.18
C ILE C 125 -11.28 54.07 -8.62
N LEU C 126 -12.50 53.54 -8.61
CA LEU C 126 -12.83 52.24 -9.17
C LEU C 126 -14.01 52.42 -10.13
N ALA C 127 -14.04 51.60 -11.20
CA ALA C 127 -15.19 51.55 -12.07
C ALA C 127 -15.44 50.14 -12.58
N ILE C 128 -16.70 49.81 -12.76
CA ILE C 128 -17.07 48.50 -13.24
C ILE C 128 -18.20 48.59 -14.20
N GLY C 129 -18.53 47.46 -14.84
CA GLY C 129 -19.61 47.37 -15.81
C GLY C 129 -19.16 47.65 -17.24
N SER C 130 -20.16 47.60 -18.12
CA SER C 130 -19.99 47.70 -19.60
C SER C 130 -19.23 48.94 -19.97
N GLY C 131 -19.63 50.06 -19.35
CA GLY C 131 -19.01 51.36 -19.54
C GLY C 131 -17.86 51.70 -18.60
N GLY C 132 -17.48 50.76 -17.73
CA GLY C 132 -16.64 51.08 -16.59
C GLY C 132 -15.32 51.67 -17.00
N ASN C 133 -14.70 51.13 -18.02
CA ASN C 133 -13.42 51.66 -18.42
C ASN C 133 -13.44 53.08 -18.92
N TYR C 134 -14.57 53.51 -19.50
CA TYR C 134 -14.69 54.85 -20.05
C TYR C 134 -14.90 55.84 -18.93
N ALA C 135 -15.64 55.40 -17.92
CA ALA C 135 -15.93 56.21 -16.77
C ALA C 135 -14.67 56.31 -15.94
N LEU C 136 -13.88 55.25 -15.96
CA LEU C 136 -12.63 55.20 -15.25
C LEU C 136 -11.70 56.26 -15.84
N ALA C 137 -11.70 56.34 -17.15
CA ALA C 137 -10.78 57.22 -17.82
C ALA C 137 -11.21 58.67 -17.62
N ALA C 138 -12.50 58.90 -17.61
CA ALA C 138 -13.09 60.21 -17.47
C ALA C 138 -12.89 60.74 -16.03
N GLY C 139 -13.20 59.93 -15.02
CA GLY C 139 -12.88 60.30 -13.65
C GLY C 139 -11.40 60.55 -13.33
N ARG C 140 -10.54 59.64 -13.76
CA ARG C 140 -9.11 59.74 -13.50
C ARG C 140 -8.69 61.12 -13.99
N ALA C 141 -9.17 61.46 -15.18
CA ALA C 141 -8.76 62.68 -15.82
C ALA C 141 -9.32 63.90 -15.06
N LEU C 142 -10.60 63.81 -14.69
CA LEU C 142 -11.23 64.92 -13.99
C LEU C 142 -10.53 65.19 -12.65
N LYS C 143 -10.17 64.12 -11.96
CA LYS C 143 -9.64 64.26 -10.63
C LYS C 143 -8.23 64.80 -10.64
N LYS C 144 -7.50 64.56 -11.72
CA LYS C 144 -6.10 64.93 -11.80
C LYS C 144 -5.92 66.32 -12.40
N HIS C 145 -6.76 66.68 -13.35
CA HIS C 145 -6.60 67.93 -14.09
C HIS C 145 -7.72 68.92 -13.79
N ALA C 146 -8.65 68.55 -12.91
CA ALA C 146 -9.76 69.45 -12.51
C ALA C 146 -10.30 69.13 -11.11
N GLY C 147 -9.48 68.42 -10.33
CA GLY C 147 -9.82 68.06 -8.97
C GLY C 147 -10.24 69.26 -8.14
N GLU C 148 -9.46 70.35 -8.16
CA GLU C 148 -9.68 71.51 -7.28
C GLU C 148 -11.00 72.26 -7.43
N SER C 149 -11.64 72.11 -8.58
CA SER C 149 -12.83 72.88 -8.90
C SER C 149 -14.06 71.98 -9.08
N MET C 150 -13.95 70.74 -8.60
CA MET C 150 -14.99 69.71 -8.69
C MET C 150 -14.92 68.77 -7.47
N SER C 151 -16.07 68.38 -6.95
CA SER C 151 -16.13 67.44 -5.84
C SER C 151 -16.36 65.99 -6.22
N ALA C 152 -16.31 65.11 -5.22
CA ALA C 152 -16.57 63.71 -5.39
C ALA C 152 -17.91 63.40 -6.09
N SER C 153 -18.96 64.18 -5.81
CA SER C 153 -20.23 63.93 -6.48
C SER C 153 -20.24 64.52 -7.89
N GLU C 154 -19.67 65.71 -8.06
CA GLU C 154 -19.62 66.26 -9.41
C GLU C 154 -18.74 65.37 -10.29
N ILE C 155 -17.73 64.74 -9.70
CA ILE C 155 -16.88 63.82 -10.44
C ILE C 155 -17.59 62.51 -10.72
N ALA C 156 -18.22 61.90 -9.75
CA ALA C 156 -18.83 60.62 -10.05
C ALA C 156 -19.88 60.84 -11.14
N ARG C 157 -20.58 61.96 -11.05
CA ARG C 157 -21.64 62.27 -11.96
C ARG C 157 -21.12 62.52 -13.38
N ALA C 158 -20.08 63.35 -13.53
CA ALA C 158 -19.49 63.62 -14.85
C ALA C 158 -18.82 62.39 -15.52
N ALA C 159 -18.33 61.47 -14.72
CA ALA C 159 -17.59 60.38 -15.26
C ALA C 159 -18.61 59.49 -15.95
N LEU C 160 -19.71 59.22 -15.26
CA LEU C 160 -20.82 58.47 -15.81
C LEU C 160 -21.50 59.15 -16.99
N GLU C 161 -21.51 60.49 -17.04
CA GLU C 161 -22.13 61.19 -18.17
C GLU C 161 -21.29 61.01 -19.42
N THR C 162 -19.98 61.08 -19.24
CA THR C 162 -19.04 60.91 -20.35
C THR C 162 -19.16 59.53 -20.94
N ALA C 163 -19.25 58.55 -20.04
CA ALA C 163 -19.44 57.15 -20.41
C ALA C 163 -20.79 56.84 -21.08
N GLY C 164 -21.86 57.50 -20.67
CA GLY C 164 -23.16 57.36 -21.32
C GLY C 164 -23.08 57.85 -22.75
N GLU C 165 -22.29 58.89 -22.93
CA GLU C 165 -22.15 59.56 -24.18
C GLU C 165 -21.29 58.73 -25.16
N ILE C 166 -20.43 57.84 -24.69
CA ILE C 166 -19.69 57.05 -25.66
C ILE C 166 -19.97 55.56 -25.68
N CYS C 167 -20.44 55.02 -24.56
CA CYS C 167 -20.81 53.63 -24.46
C CYS C 167 -22.30 53.41 -24.80
N VAL C 168 -22.56 52.56 -25.79
CA VAL C 168 -23.92 52.24 -26.23
C VAL C 168 -24.63 51.48 -25.13
N TYR C 169 -23.85 50.92 -24.19
CA TYR C 169 -24.40 50.05 -23.14
C TYR C 169 -24.65 50.79 -21.85
N THR C 170 -24.29 52.07 -21.82
CA THR C 170 -24.50 52.99 -20.70
C THR C 170 -25.38 54.17 -21.07
N ASN C 171 -26.34 54.49 -20.22
CA ASN C 171 -27.31 55.55 -20.46
C ASN C 171 -27.19 56.69 -19.45
N ASP C 172 -28.12 57.63 -19.48
CA ASP C 172 -27.98 58.89 -18.77
C ASP C 172 -28.94 59.06 -17.59
N GLN C 173 -29.51 57.95 -17.13
CA GLN C 173 -30.33 57.94 -15.92
C GLN C 173 -29.42 57.56 -14.74
N ILE C 174 -28.74 58.59 -14.27
CA ILE C 174 -27.70 58.47 -13.27
C ILE C 174 -28.19 58.54 -11.84
N ILE C 175 -27.80 57.58 -11.05
CA ILE C 175 -28.15 57.55 -9.66
C ILE C 175 -26.85 57.78 -8.92
N LEU C 176 -26.92 58.57 -7.88
CA LEU C 176 -25.73 58.97 -7.20
C LEU C 176 -25.98 58.93 -5.71
N GLU C 177 -25.12 58.21 -4.99
CA GLU C 177 -25.09 58.23 -3.53
C GLU C 177 -23.75 58.70 -3.01
N GLU C 178 -23.79 59.39 -1.86
CA GLU C 178 -22.58 59.83 -1.17
C GLU C 178 -22.62 59.41 0.24
N LEU C 179 -21.44 59.16 0.79
CA LEU C 179 -21.28 59.19 2.23
C LEU C 179 -21.02 60.63 2.72
N GLU C 180 -21.70 60.98 3.79
CA GLU C 180 -21.43 62.29 4.49
C GLU C 180 -20.22 62.25 5.47
N SER D 1 -8.80 33.76 -15.07
CA SER D 1 -9.85 34.85 -15.23
C SER D 1 -9.53 35.94 -16.32
N SER D 2 -10.39 36.95 -16.40
CA SER D 2 -10.08 38.25 -17.03
C SER D 2 -8.88 39.00 -16.37
N PHE D 3 -8.62 38.82 -15.07
CA PHE D 3 -7.42 39.44 -14.48
C PHE D 3 -6.11 38.68 -14.91
N HIS D 4 -5.14 39.40 -15.49
CA HIS D 4 -3.78 38.89 -15.75
C HIS D 4 -2.90 38.76 -14.50
N ALA D 5 -2.13 37.69 -14.45
CA ALA D 5 -1.20 37.41 -13.38
C ALA D 5 -0.12 38.53 -13.35
N THR D 6 0.43 38.86 -12.21
CA THR D 6 1.59 39.74 -12.22
C THR D 6 2.87 38.91 -12.48
N THR D 7 4.01 39.57 -12.68
CA THR D 7 5.25 38.94 -13.02
C THR D 7 6.11 38.75 -11.79
N ILE D 8 6.64 37.56 -11.59
CA ILE D 8 7.41 37.28 -10.43
C ILE D 8 8.66 36.55 -10.89
N PHE D 9 9.79 36.93 -10.30
CA PHE D 9 11.12 36.37 -10.58
C PHE D 9 11.86 35.98 -9.27
N ALA D 10 12.55 34.86 -9.28
CA ALA D 10 13.26 34.41 -8.10
C ALA D 10 14.65 33.94 -8.53
N VAL D 11 15.66 34.12 -7.67
CA VAL D 11 17.03 33.75 -8.03
C VAL D 11 17.94 33.48 -6.84
N GLN D 12 18.69 32.39 -6.95
CA GLN D 12 19.73 32.03 -6.01
C GLN D 12 21.02 32.16 -6.72
N HIS D 13 21.92 32.95 -6.15
CA HIS D 13 23.16 33.33 -6.78
C HIS D 13 24.20 33.69 -5.71
N LYS D 14 25.19 32.81 -5.57
CA LYS D 14 26.33 33.02 -4.67
C LYS D 14 25.84 33.06 -3.27
N GLY D 15 25.02 32.08 -2.92
CA GLY D 15 24.47 31.97 -1.60
C GLY D 15 23.37 32.97 -1.26
N ARG D 16 22.97 33.85 -2.16
CA ARG D 16 21.88 34.82 -1.82
C ARG D 16 20.60 34.51 -2.56
N SER D 17 19.48 34.80 -1.93
CA SER D 17 18.15 34.53 -2.45
C SER D 17 17.40 35.85 -2.56
N ALA D 18 16.58 35.97 -3.59
CA ALA D 18 15.90 37.20 -3.86
C ALA D 18 14.77 36.95 -4.82
N MET D 19 13.71 37.69 -4.65
CA MET D 19 12.51 37.54 -5.42
C MET D 19 11.94 38.93 -5.71
N SER D 20 11.64 39.17 -6.98
CA SER D 20 11.07 40.42 -7.42
C SER D 20 9.73 40.18 -8.14
N GLY D 21 8.97 41.26 -8.24
CA GLY D 21 7.65 41.17 -8.78
C GLY D 21 7.15 42.57 -9.02
N ASP D 22 6.37 42.77 -10.06
CA ASP D 22 5.81 44.07 -10.38
C ASP D 22 4.45 44.29 -9.74
N GLY D 23 3.77 45.36 -10.14
CA GLY D 23 2.52 45.71 -9.50
C GLY D 23 1.32 45.81 -10.42
N GLN D 24 1.50 45.56 -11.70
CA GLN D 24 0.44 45.80 -12.70
C GLN D 24 -0.72 44.82 -12.58
N VAL D 25 -1.93 45.33 -12.39
CA VAL D 25 -3.11 44.49 -12.40
C VAL D 25 -3.95 44.89 -13.61
N THR D 26 -3.91 44.01 -14.60
CA THR D 26 -4.62 44.24 -15.82
C THR D 26 -5.83 43.32 -15.88
N PHE D 27 -6.91 43.90 -16.38
CA PHE D 27 -8.21 43.29 -16.47
C PHE D 27 -8.59 43.36 -17.92
N GLY D 28 -8.92 42.19 -18.45
CA GLY D 28 -9.30 42.04 -19.83
C GLY D 28 -8.09 42.22 -20.68
N GLN D 29 -8.28 42.62 -21.92
CA GLN D 29 -7.17 42.75 -22.85
C GLN D 29 -6.12 43.78 -22.38
N ALA D 30 -6.56 44.95 -21.91
CA ALA D 30 -5.74 46.17 -21.97
C ALA D 30 -5.88 47.20 -20.81
N VAL D 31 -6.71 46.91 -19.81
CA VAL D 31 -7.11 47.92 -18.85
C VAL D 31 -6.45 47.71 -17.47
N VAL D 32 -5.57 48.65 -17.09
CA VAL D 32 -4.87 48.58 -15.82
C VAL D 32 -5.69 49.21 -14.70
N MET D 33 -6.02 48.45 -13.65
CA MET D 33 -6.80 48.98 -12.51
C MET D 33 -5.94 49.32 -11.31
N LYS D 34 -4.77 48.69 -11.25
CA LYS D 34 -3.85 48.90 -10.17
C LYS D 34 -2.43 48.86 -10.68
N HIS D 35 -1.60 49.75 -10.14
CA HIS D 35 -0.19 49.83 -10.53
C HIS D 35 0.80 49.30 -9.51
N THR D 36 0.37 49.06 -8.27
CA THR D 36 1.28 48.75 -7.14
C THR D 36 0.90 47.52 -6.29
N ALA D 37 0.50 46.42 -6.93
CA ALA D 37 0.17 45.18 -6.22
C ALA D 37 1.36 44.67 -5.46
N ARG D 38 1.09 43.93 -4.38
CA ARG D 38 2.12 43.19 -3.63
C ARG D 38 1.90 41.67 -3.65
N LYS D 39 2.61 40.97 -4.52
CA LYS D 39 2.41 39.52 -4.65
C LYS D 39 3.59 38.65 -4.17
N VAL D 40 4.63 39.31 -3.65
CA VAL D 40 5.86 38.70 -3.10
C VAL D 40 5.90 38.93 -1.60
N ARG D 41 5.93 37.86 -0.82
CA ARG D 41 5.90 37.97 0.63
C ARG D 41 6.94 37.07 1.31
N LYS D 42 7.08 37.26 2.62
CA LYS D 42 7.92 36.43 3.48
C LYS D 42 7.04 35.57 4.35
N LEU D 43 7.42 34.32 4.54
CA LEU D 43 6.69 33.41 5.42
C LEU D 43 7.65 32.76 6.41
N PHE D 44 7.10 32.10 7.42
CA PHE D 44 7.89 31.24 8.28
C PHE D 44 9.03 32.05 8.92
N ASN D 45 8.67 33.23 9.44
CA ASN D 45 9.59 34.09 10.18
C ASN D 45 10.78 34.54 9.37
N GLY D 46 10.51 34.87 8.11
CA GLY D 46 11.51 35.43 7.22
C GLY D 46 12.50 34.43 6.73
N LYS D 47 12.15 33.15 6.79
CA LYS D 47 13.03 32.11 6.24
C LYS D 47 12.70 31.69 4.80
N VAL D 48 11.48 31.98 4.34
CA VAL D 48 11.07 31.69 2.96
C VAL D 48 10.43 32.88 2.21
N LEU D 49 10.63 32.91 0.90
CA LEU D 49 10.03 33.92 0.07
C LEU D 49 8.99 33.22 -0.77
N ALA D 50 7.78 33.78 -0.78
CA ALA D 50 6.70 33.25 -1.58
C ALA D 50 6.12 34.28 -2.55
N GLY D 51 5.97 33.85 -3.80
CA GLY D 51 5.35 34.63 -4.85
C GLY D 51 4.18 33.90 -5.47
N PHE D 52 3.04 34.59 -5.58
CA PHE D 52 1.86 34.03 -6.18
C PHE D 52 1.14 35.07 -6.96
N ALA D 53 1.11 34.94 -8.29
CA ALA D 53 0.56 36.06 -9.10
C ALA D 53 -0.94 36.23 -9.07
N GLY D 54 -1.68 35.35 -8.42
CA GLY D 54 -3.11 35.31 -8.58
C GLY D 54 -3.88 36.25 -7.69
N SER D 55 -5.12 35.86 -7.43
CA SER D 55 -6.05 36.65 -6.67
C SER D 55 -5.61 36.56 -5.21
N VAL D 56 -6.04 37.48 -4.33
CA VAL D 56 -5.60 37.40 -2.92
C VAL D 56 -6.31 36.30 -2.11
N ALA D 57 -7.60 36.05 -2.34
CA ALA D 57 -8.26 34.95 -1.68
C ALA D 57 -7.56 33.61 -2.00
N ASP D 58 -6.95 33.51 -3.19
CA ASP D 58 -6.32 32.26 -3.55
C ASP D 58 -4.93 32.25 -2.91
N ALA D 59 -4.21 33.36 -3.03
CA ALA D 59 -2.86 33.52 -2.48
C ALA D 59 -2.80 33.30 -0.96
N PHE D 60 -3.81 33.75 -0.23
CA PHE D 60 -3.95 33.42 1.17
C PHE D 60 -4.28 31.96 1.44
N THR D 61 -5.24 31.37 0.74
CA THR D 61 -5.49 29.94 0.92
C THR D 61 -4.17 29.09 0.71
N LEU D 62 -3.27 29.55 -0.16
CA LEU D 62 -2.05 28.78 -0.50
C LEU D 62 -0.87 29.03 0.46
N PHE D 63 -0.66 30.28 0.79
CA PHE D 63 0.25 30.67 1.86
C PHE D 63 -0.11 30.04 3.23
N GLU D 64 -1.41 29.95 3.57
CA GLU D 64 -1.87 29.23 4.77
C GLU D 64 -1.60 27.74 4.67
N LYS D 65 -2.00 27.11 3.57
CA LYS D 65 -1.80 25.66 3.47
C LYS D 65 -0.32 25.26 3.57
N PHE D 66 0.54 26.11 2.99
CA PHE D 66 1.96 25.84 2.82
C PHE D 66 2.73 25.98 4.10
N GLU D 67 2.41 27.03 4.83
CA GLU D 67 2.80 27.26 6.21
C GLU D 67 2.44 26.07 7.10
N ALA D 68 1.22 25.55 7.00
CA ALA D 68 0.81 24.34 7.72
C ALA D 68 1.61 23.10 7.36
N LYS D 69 2.06 23.00 6.10
CA LYS D 69 2.90 21.90 5.67
C LYS D 69 4.36 22.10 6.14
N LEU D 70 4.83 23.34 6.10
CA LEU D 70 6.17 23.67 6.56
C LEU D 70 6.42 23.41 8.06
N GLU D 71 5.37 23.44 8.86
CA GLU D 71 5.52 23.20 10.29
C GLU D 71 5.31 21.73 10.58
N GLU D 72 4.52 21.07 9.74
CA GLU D 72 4.34 19.63 9.85
C GLU D 72 5.60 18.88 9.45
N TYR D 73 6.29 19.37 8.42
CA TYR D 73 7.53 18.75 7.96
C TYR D 73 8.76 19.61 8.34
N ASN D 74 8.64 20.40 9.41
CA ASN D 74 9.80 21.02 10.08
C ASN D 74 10.73 21.82 9.19
N GLY D 75 10.13 22.67 8.35
CA GLY D 75 10.86 23.58 7.50
C GLY D 75 11.38 22.97 6.23
N ASN D 76 11.18 21.66 6.05
CA ASN D 76 11.59 20.99 4.82
C ASN D 76 10.83 21.52 3.60
N LEU D 77 11.44 22.44 2.84
CA LEU D 77 10.75 23.08 1.72
C LEU D 77 10.16 22.10 0.71
N LYS D 78 10.94 21.08 0.34
CA LYS D 78 10.50 20.10 -0.64
C LYS D 78 9.36 19.23 -0.11
N ARG D 79 9.40 18.82 1.16
CA ARG D 79 8.34 17.93 1.63
C ARG D 79 7.03 18.73 1.66
N ALA D 80 7.06 19.92 2.22
CA ALA D 80 5.88 20.78 2.24
C ALA D 80 5.34 21.07 0.83
N ALA D 81 6.23 21.45 -0.08
CA ALA D 81 5.88 21.69 -1.48
C ALA D 81 5.21 20.50 -2.18
N VAL D 82 5.74 19.29 -2.01
CA VAL D 82 5.12 18.12 -2.63
C VAL D 82 3.75 17.89 -2.04
N GLU D 83 3.59 18.11 -0.74
CA GLU D 83 2.30 17.81 -0.12
C GLU D 83 1.26 18.89 -0.43
N LEU D 84 1.77 20.11 -0.64
CA LEU D 84 0.97 21.21 -1.18
C LEU D 84 0.46 20.89 -2.57
N ALA D 85 1.32 20.38 -3.43
CA ALA D 85 0.94 20.00 -4.77
C ALA D 85 -0.20 18.98 -4.73
N LYS D 86 -0.08 17.98 -3.87
CA LYS D 86 -1.05 16.87 -3.83
C LYS D 86 -2.41 17.40 -3.50
N GLU D 87 -2.43 18.20 -2.43
CA GLU D 87 -3.62 18.83 -1.91
C GLU D 87 -4.19 19.84 -2.92
N TRP D 88 -3.34 20.72 -3.47
CA TRP D 88 -3.77 21.70 -4.49
C TRP D 88 -4.48 20.98 -5.61
N ARG D 89 -3.85 19.96 -6.18
CA ARG D 89 -4.39 19.30 -7.38
C ARG D 89 -5.66 18.46 -7.13
N SER D 90 -5.87 18.02 -5.89
CA SER D 90 -7.09 17.29 -5.55
C SER D 90 -8.21 18.20 -5.00
N ASP D 91 -8.05 19.52 -5.12
CA ASP D 91 -9.06 20.50 -4.72
C ASP D 91 -9.96 20.86 -5.88
N LYS D 92 -11.25 20.52 -5.78
CA LYS D 92 -12.18 20.70 -6.91
C LYS D 92 -12.08 22.13 -7.50
N VAL D 93 -11.81 23.15 -6.68
CA VAL D 93 -11.78 24.54 -7.18
C VAL D 93 -10.38 25.07 -7.62
N LEU D 94 -9.46 25.17 -6.66
CA LEU D 94 -8.11 25.73 -6.86
C LEU D 94 -7.27 24.99 -7.90
N ARG D 95 -7.59 23.73 -8.12
CA ARG D 95 -6.88 22.92 -9.09
C ARG D 95 -6.84 23.58 -10.49
N LYS D 96 -7.88 24.33 -10.84
CA LYS D 96 -8.00 24.98 -12.16
C LYS D 96 -7.19 26.26 -12.39
N LEU D 97 -6.55 26.75 -11.34
CA LEU D 97 -5.81 28.02 -11.39
C LEU D 97 -4.60 27.94 -12.35
N GLU D 98 -4.48 28.93 -13.20
CA GLU D 98 -3.36 29.10 -14.08
C GLU D 98 -2.24 29.67 -13.31
N ALA D 99 -2.55 30.35 -12.22
CA ALA D 99 -1.49 31.05 -11.47
C ALA D 99 -0.70 30.02 -10.69
N MET D 100 0.62 30.09 -10.81
CA MET D 100 1.51 29.19 -10.13
C MET D 100 2.18 29.88 -8.96
N LEU D 101 2.91 29.09 -8.16
CA LEU D 101 3.45 29.52 -6.85
C LEU D 101 4.92 29.31 -6.89
N ILE D 102 5.72 30.32 -6.56
CA ILE D 102 7.16 30.08 -6.31
C ILE D 102 7.50 30.19 -4.86
N VAL D 103 8.25 29.21 -4.36
CA VAL D 103 8.70 29.21 -2.98
C VAL D 103 10.18 28.92 -2.86
N MET D 104 10.84 29.62 -1.92
CA MET D 104 12.27 29.46 -1.66
C MET D 104 12.70 29.74 -0.25
N ASN D 105 13.62 28.90 0.23
CA ASN D 105 14.40 29.18 1.41
C ASN D 105 15.88 29.32 1.03
N GLN D 106 16.77 29.28 2.00
CA GLN D 106 18.19 29.55 1.79
C GLN D 106 18.87 28.45 0.97
N ASP D 107 18.17 27.33 0.76
CA ASP D 107 18.71 26.11 0.14
C ASP D 107 18.18 25.74 -1.24
N THR D 108 16.95 26.13 -1.52
CA THR D 108 16.40 25.86 -2.81
C THR D 108 15.16 26.68 -3.14
N LEU D 109 14.64 26.39 -4.33
CA LEU D 109 13.80 27.25 -5.12
C LEU D 109 12.94 26.30 -5.90
N LEU D 110 11.63 26.49 -5.89
CA LEU D 110 10.67 25.48 -6.36
C LEU D 110 9.44 26.16 -6.90
N LEU D 111 9.03 25.77 -8.11
CA LEU D 111 7.73 26.17 -8.68
C LEU D 111 6.70 25.09 -8.34
N VAL D 112 5.53 25.50 -7.92
CA VAL D 112 4.44 24.58 -7.63
C VAL D 112 3.18 25.02 -8.38
N SER D 113 2.46 24.05 -8.95
CA SER D 113 1.27 24.34 -9.74
C SER D 113 0.05 23.55 -9.29
N GLY D 114 -1.14 24.09 -9.52
CA GLY D 114 -2.37 23.35 -9.36
C GLY D 114 -2.56 22.08 -10.16
N THR D 115 -1.75 21.83 -11.18
CA THR D 115 -1.73 20.55 -11.84
C THR D 115 -0.99 19.49 -11.06
N GLY D 116 -0.26 19.92 -10.04
CA GLY D 116 0.54 19.06 -9.22
C GLY D 116 2.03 19.06 -9.55
N GLU D 117 2.51 20.03 -10.32
CA GLU D 117 3.94 20.05 -10.62
C GLU D 117 4.68 20.60 -9.42
N VAL D 118 5.87 20.07 -9.18
CA VAL D 118 6.83 20.65 -8.28
C VAL D 118 8.18 20.62 -9.01
N ILE D 119 8.63 21.77 -9.51
CA ILE D 119 9.85 21.84 -10.30
C ILE D 119 10.97 22.65 -9.60
N GLU D 120 12.16 22.02 -9.49
CA GLU D 120 13.37 22.69 -9.05
C GLU D 120 14.22 23.06 -10.30
N PRO D 121 14.63 24.31 -10.45
CA PRO D 121 15.45 24.68 -11.61
C PRO D 121 16.87 24.22 -11.50
N ASP D 122 17.52 24.13 -12.65
CA ASP D 122 18.89 23.63 -12.78
C ASP D 122 19.91 24.76 -12.61
N ASP D 123 19.46 26.00 -12.77
CA ASP D 123 20.34 27.14 -12.78
C ASP D 123 19.98 28.22 -11.75
N GLY D 124 19.22 27.87 -10.73
CA GLY D 124 18.87 28.83 -9.72
C GLY D 124 17.82 29.89 -9.98
N ILE D 125 17.08 29.78 -11.09
CA ILE D 125 16.08 30.75 -11.45
C ILE D 125 14.77 30.12 -11.88
N LEU D 126 13.70 30.69 -11.35
CA LEU D 126 12.33 30.54 -11.81
C LEU D 126 11.70 31.92 -12.07
N ALA D 127 10.78 32.00 -12.99
CA ALA D 127 9.93 33.17 -13.13
C ALA D 127 8.58 32.73 -13.64
N ILE D 128 7.56 33.50 -13.31
CA ILE D 128 6.21 33.18 -13.65
C ILE D 128 5.37 34.43 -13.95
N GLY D 129 4.18 34.20 -14.51
CA GLY D 129 3.24 35.26 -14.70
C GLY D 129 3.34 35.88 -16.08
N SER D 130 2.55 36.91 -16.30
CA SER D 130 2.35 37.48 -17.63
C SER D 130 3.67 37.72 -18.33
N GLY D 131 4.61 38.29 -17.57
CA GLY D 131 5.90 38.72 -18.11
C GLY D 131 7.00 37.78 -17.73
N GLY D 132 6.64 36.66 -17.13
CA GLY D 132 7.58 35.71 -16.58
C GLY D 132 8.68 35.24 -17.52
N ASN D 133 8.34 35.00 -18.76
CA ASN D 133 9.26 34.45 -19.73
C ASN D 133 10.32 35.44 -20.16
N TYR D 134 9.95 36.71 -20.13
CA TYR D 134 10.86 37.78 -20.46
C TYR D 134 11.78 38.01 -19.28
N ALA D 135 11.25 37.96 -18.06
CA ALA D 135 12.09 38.04 -16.86
C ALA D 135 13.07 36.90 -16.79
N LEU D 136 12.63 35.72 -17.21
CA LEU D 136 13.46 34.52 -17.15
C LEU D 136 14.66 34.65 -18.03
N ALA D 137 14.45 35.20 -19.21
CA ALA D 137 15.49 35.24 -20.23
C ALA D 137 16.48 36.32 -19.90
N ALA D 138 15.98 37.45 -19.37
CA ALA D 138 16.80 38.53 -18.84
C ALA D 138 17.67 38.04 -17.67
N GLY D 139 17.02 37.43 -16.67
CA GLY D 139 17.65 36.90 -15.48
C GLY D 139 18.75 35.90 -15.76
N ARG D 140 18.48 34.98 -16.66
CA ARG D 140 19.39 33.90 -17.01
C ARG D 140 20.61 34.46 -17.75
N ALA D 141 20.34 35.37 -18.66
CA ALA D 141 21.42 36.00 -19.39
C ALA D 141 22.40 36.71 -18.44
N LEU D 142 21.86 37.38 -17.44
CA LEU D 142 22.66 38.21 -16.55
C LEU D 142 23.48 37.31 -15.65
N LYS D 143 22.82 36.33 -15.07
CA LYS D 143 23.49 35.32 -14.24
C LYS D 143 24.67 34.65 -14.93
N LYS D 144 24.51 34.26 -16.19
CA LYS D 144 25.53 33.46 -16.88
C LYS D 144 26.68 34.28 -17.42
N HIS D 145 26.39 35.50 -17.84
CA HIS D 145 27.35 36.29 -18.56
C HIS D 145 27.79 37.54 -17.83
N ALA D 146 27.08 37.91 -16.78
CA ALA D 146 27.43 39.07 -15.95
C ALA D 146 27.42 38.75 -14.42
N GLY D 147 27.49 37.47 -14.08
CA GLY D 147 27.28 37.01 -12.71
C GLY D 147 28.35 37.35 -11.66
N GLU D 148 29.58 37.56 -12.11
CA GLU D 148 30.61 38.06 -11.21
C GLU D 148 30.48 39.56 -10.94
N SER D 149 29.58 40.26 -11.60
CA SER D 149 29.48 41.71 -11.33
C SER D 149 28.09 42.17 -10.87
N MET D 150 27.23 41.22 -10.54
CA MET D 150 25.87 41.46 -10.03
C MET D 150 25.50 40.42 -8.97
N SER D 151 24.79 40.87 -7.93
CA SER D 151 24.29 39.96 -6.89
C SER D 151 22.87 39.47 -7.25
N ALA D 152 22.33 38.53 -6.48
CA ALA D 152 20.99 38.01 -6.63
C ALA D 152 19.94 39.13 -6.65
N SER D 153 20.05 40.06 -5.73
CA SER D 153 19.04 41.10 -5.66
C SER D 153 19.16 42.07 -6.83
N GLU D 154 20.40 42.32 -7.26
CA GLU D 154 20.69 43.19 -8.40
C GLU D 154 20.11 42.61 -9.70
N ILE D 155 20.25 41.28 -9.86
CA ILE D 155 19.76 40.53 -10.99
C ILE D 155 18.21 40.48 -10.96
N ALA D 156 17.66 40.11 -9.80
CA ALA D 156 16.23 40.08 -9.56
C ALA D 156 15.55 41.39 -9.98
N ARG D 157 16.08 42.50 -9.50
CA ARG D 157 15.53 43.77 -9.91
C ARG D 157 15.82 44.03 -11.39
N ALA D 158 16.98 43.70 -11.91
CA ALA D 158 17.25 43.98 -13.31
C ALA D 158 16.36 43.14 -14.32
N ALA D 159 16.02 41.92 -13.91
CA ALA D 159 15.30 41.01 -14.78
C ALA D 159 13.87 41.49 -14.88
N LEU D 160 13.32 41.92 -13.78
CA LEU D 160 12.02 42.53 -13.76
C LEU D 160 11.99 43.88 -14.53
N GLU D 161 13.01 44.73 -14.40
CA GLU D 161 13.06 45.94 -15.19
C GLU D 161 13.05 45.67 -16.67
N THR D 162 13.83 44.66 -17.07
CA THR D 162 13.96 44.36 -18.46
C THR D 162 12.58 43.93 -18.96
N ALA D 163 11.93 43.07 -18.19
CA ALA D 163 10.61 42.55 -18.48
C ALA D 163 9.54 43.61 -18.54
N GLY D 164 9.64 44.61 -17.68
CA GLY D 164 8.73 45.74 -17.66
C GLY D 164 8.80 46.59 -18.92
N GLU D 165 10.02 46.74 -19.42
CA GLU D 165 10.34 47.50 -20.63
C GLU D 165 9.76 46.78 -21.84
N ILE D 166 9.79 45.45 -21.91
CA ILE D 166 9.30 44.84 -23.16
C ILE D 166 7.91 44.28 -23.11
N CYS D 167 7.36 44.09 -21.92
CA CYS D 167 6.09 43.41 -21.81
C CYS D 167 5.03 44.40 -21.41
N VAL D 168 3.97 44.53 -22.20
CA VAL D 168 2.86 45.41 -21.90
C VAL D 168 2.09 45.05 -20.63
N TYR D 169 2.28 43.85 -20.07
CA TYR D 169 1.53 43.41 -18.90
C TYR D 169 2.32 43.53 -17.63
N THR D 170 3.55 44.05 -17.72
CA THR D 170 4.48 44.17 -16.58
C THR D 170 4.92 45.62 -16.47
N ASN D 171 4.82 46.22 -15.28
CA ASN D 171 5.26 47.61 -15.12
C ASN D 171 6.55 47.75 -14.36
N ASP D 172 6.85 48.98 -13.99
CA ASP D 172 8.09 49.26 -13.33
C ASP D 172 7.95 49.53 -11.82
N GLN D 173 6.89 49.01 -11.19
CA GLN D 173 6.67 49.20 -9.73
C GLN D 173 7.08 47.91 -9.01
N ILE D 174 8.40 47.77 -8.89
CA ILE D 174 9.06 46.56 -8.50
C ILE D 174 9.18 46.38 -7.00
N ILE D 175 8.62 45.30 -6.47
CA ILE D 175 8.81 44.90 -5.09
C ILE D 175 9.85 43.79 -4.99
N LEU D 176 10.81 43.96 -4.12
CA LEU D 176 11.90 43.05 -3.98
C LEU D 176 12.05 42.60 -2.53
N GLU D 177 12.08 41.29 -2.32
CA GLU D 177 12.42 40.74 -1.01
C GLU D 177 13.63 39.80 -1.13
N GLU D 178 14.48 39.76 -0.09
CA GLU D 178 15.62 38.81 0.01
C GLU D 178 15.71 38.17 1.37
N LEU D 179 16.40 37.05 1.43
CA LEU D 179 16.65 36.38 2.68
C LEU D 179 17.90 37.05 3.32
N GLU D 180 17.76 37.75 4.44
CA GLU D 180 18.96 38.41 5.02
C GLU D 180 19.93 37.30 5.42
N SER E 1 -2.76 20.39 -19.88
CA SER E 1 -1.92 21.47 -19.24
C SER E 1 -0.85 22.10 -20.21
N SER E 2 -0.58 23.37 -19.94
CA SER E 2 0.56 24.03 -20.53
C SER E 2 1.96 23.36 -20.22
N PHE E 3 2.09 22.26 -19.43
CA PHE E 3 3.38 21.49 -19.35
C PHE E 3 3.43 20.18 -20.23
N HIS E 4 4.35 20.13 -21.17
CA HIS E 4 4.47 19.02 -22.08
C HIS E 4 5.02 17.87 -21.33
N ALA E 5 4.70 16.66 -21.77
CA ALA E 5 5.28 15.48 -21.20
C ALA E 5 6.80 15.29 -21.65
N THR E 6 7.66 14.86 -20.73
CA THR E 6 8.96 14.38 -21.14
C THR E 6 8.74 13.14 -22.03
N THR E 7 9.85 12.58 -22.55
CA THR E 7 9.86 11.43 -23.45
C THR E 7 10.47 10.26 -22.74
N ILE E 8 9.83 9.11 -22.88
CA ILE E 8 10.16 7.90 -22.18
C ILE E 8 10.13 6.71 -23.17
N PHE E 9 11.09 5.81 -23.03
CA PHE E 9 11.26 4.72 -23.95
C PHE E 9 11.70 3.47 -23.18
N ALA E 10 11.08 2.33 -23.46
CA ALA E 10 11.40 1.09 -22.78
C ALA E 10 11.62 -0.01 -23.77
N VAL E 11 12.42 -0.97 -23.40
CA VAL E 11 12.79 -2.04 -24.30
C VAL E 11 13.27 -3.28 -23.55
N GLN E 12 12.88 -4.43 -24.07
CA GLN E 12 13.35 -5.71 -23.63
C GLN E 12 14.05 -6.35 -24.83
N HIS E 13 15.32 -6.68 -24.67
CA HIS E 13 16.16 -7.14 -25.78
C HIS E 13 17.21 -8.15 -25.28
N LYS E 14 17.05 -9.41 -25.65
CA LYS E 14 18.02 -10.40 -25.23
C LYS E 14 18.08 -10.58 -23.71
N GLY E 15 16.91 -10.62 -23.08
CA GLY E 15 16.80 -10.86 -21.65
C GLY E 15 17.19 -9.71 -20.74
N ARG E 16 17.50 -8.55 -21.28
CA ARG E 16 17.73 -7.35 -20.49
C ARG E 16 16.55 -6.40 -20.73
N SER E 17 16.22 -5.63 -19.70
CA SER E 17 15.14 -4.66 -19.69
C SER E 17 15.72 -3.29 -19.47
N ALA E 18 15.32 -2.31 -20.27
CA ALA E 18 15.82 -0.95 -20.10
C ALA E 18 14.75 0.07 -20.37
N MET E 19 14.90 1.21 -19.71
CA MET E 19 13.97 2.34 -19.85
C MET E 19 14.77 3.60 -19.67
N SER E 20 14.59 4.51 -20.61
CA SER E 20 15.24 5.81 -20.66
C SER E 20 14.22 6.94 -20.79
N GLY E 21 14.62 8.13 -20.39
CA GLY E 21 13.78 9.31 -20.63
C GLY E 21 14.64 10.55 -20.64
N ASP E 22 14.20 11.57 -21.35
CA ASP E 22 14.95 12.84 -21.33
C ASP E 22 14.49 13.66 -20.12
N GLY E 23 15.03 14.87 -19.97
CA GLY E 23 14.73 15.74 -18.83
C GLY E 23 14.03 17.08 -19.10
N GLN E 24 13.68 17.33 -20.37
CA GLN E 24 13.13 18.63 -20.77
C GLN E 24 11.70 18.82 -20.24
N VAL E 25 11.48 19.89 -19.49
CA VAL E 25 10.16 20.24 -19.02
C VAL E 25 9.85 21.55 -19.68
N THR E 26 8.86 21.50 -20.58
CA THR E 26 8.52 22.69 -21.38
C THR E 26 7.18 23.20 -20.94
N PHE E 27 7.07 24.51 -20.86
CA PHE E 27 5.85 25.15 -20.44
C PHE E 27 5.30 25.94 -21.59
N GLY E 28 4.04 25.73 -21.88
CA GLY E 28 3.35 26.37 -22.99
C GLY E 28 3.90 25.81 -24.27
N GLN E 29 3.99 26.69 -25.23
CA GLN E 29 4.43 26.30 -26.54
C GLN E 29 5.90 25.98 -26.57
N ALA E 30 6.72 26.85 -25.98
CA ALA E 30 8.14 26.90 -26.28
C ALA E 30 9.16 27.10 -25.09
N VAL E 31 8.70 27.48 -23.90
CA VAL E 31 9.61 27.86 -22.85
C VAL E 31 10.08 26.66 -22.01
N VAL E 32 11.38 26.41 -22.00
CA VAL E 32 11.98 25.32 -21.23
C VAL E 32 12.26 25.79 -19.78
N MET E 33 11.69 25.10 -18.81
CA MET E 33 11.79 25.49 -17.40
C MET E 33 12.83 24.67 -16.64
N LYS E 34 12.94 23.39 -17.01
CA LYS E 34 13.89 22.47 -16.46
C LYS E 34 14.45 21.63 -17.58
N HIS E 35 15.67 21.15 -17.40
CA HIS E 35 16.38 20.34 -18.36
C HIS E 35 16.76 18.96 -17.82
N THR E 36 16.66 18.70 -16.52
CA THR E 36 17.15 17.43 -15.94
C THR E 36 16.07 16.65 -15.16
N ALA E 37 14.81 16.77 -15.53
CA ALA E 37 13.75 16.04 -14.81
C ALA E 37 13.93 14.50 -14.80
N ARG E 38 13.43 13.90 -13.72
CA ARG E 38 13.49 12.45 -13.52
C ARG E 38 12.12 11.80 -13.54
N LYS E 39 11.78 11.19 -14.64
CA LYS E 39 10.46 10.61 -14.79
C LYS E 39 10.53 9.08 -14.88
N VAL E 40 11.74 8.53 -14.88
CA VAL E 40 12.01 7.08 -14.84
C VAL E 40 12.53 6.65 -13.50
N ARG E 41 11.82 5.73 -12.85
CA ARG E 41 12.16 5.26 -11.52
C ARG E 41 12.10 3.74 -11.35
N LYS E 42 12.76 3.24 -10.30
CA LYS E 42 12.76 1.82 -9.86
C LYS E 42 11.78 1.62 -8.72
N LEU E 43 10.88 0.65 -8.85
CA LEU E 43 9.84 0.42 -7.84
C LEU E 43 9.93 -0.98 -7.22
N PHE E 44 8.98 -1.27 -6.32
CA PHE E 44 8.71 -2.63 -5.86
C PHE E 44 10.07 -3.32 -5.57
N ASN E 45 10.96 -2.60 -4.89
CA ASN E 45 12.24 -3.14 -4.49
C ASN E 45 13.15 -3.53 -5.68
N GLY E 46 13.39 -2.60 -6.59
CA GLY E 46 14.33 -2.85 -7.68
C GLY E 46 13.91 -3.84 -8.76
N LYS E 47 12.61 -4.21 -8.73
CA LYS E 47 12.05 -5.29 -9.58
C LYS E 47 11.22 -4.79 -10.73
N VAL E 48 10.66 -3.60 -10.63
CA VAL E 48 9.94 -3.02 -11.76
C VAL E 48 10.49 -1.62 -12.08
N LEU E 49 10.59 -1.29 -13.36
CA LEU E 49 10.85 0.06 -13.85
C LEU E 49 9.56 0.77 -14.29
N ALA E 50 9.41 2.02 -13.89
CA ALA E 50 8.19 2.77 -14.13
C ALA E 50 8.53 4.13 -14.66
N GLY E 51 7.76 4.51 -15.70
CA GLY E 51 7.91 5.75 -16.41
C GLY E 51 6.61 6.50 -16.52
N PHE E 52 6.60 7.76 -16.09
CA PHE E 52 5.42 8.62 -16.15
C PHE E 52 5.87 10.07 -16.28
N ALA E 53 5.51 10.69 -17.39
CA ALA E 53 6.03 12.00 -17.74
C ALA E 53 5.25 13.21 -17.19
N GLY E 54 4.13 12.92 -16.54
CA GLY E 54 3.26 13.96 -16.04
C GLY E 54 3.83 14.50 -14.76
N SER E 55 2.99 15.03 -13.91
CA SER E 55 3.43 15.81 -12.79
C SER E 55 3.75 14.87 -11.65
N VAL E 56 4.42 15.36 -10.61
CA VAL E 56 4.82 14.45 -9.57
C VAL E 56 3.68 14.13 -8.67
N ALA E 57 2.68 14.98 -8.57
CA ALA E 57 1.56 14.60 -7.71
C ALA E 57 0.72 13.48 -8.35
N ASP E 58 0.73 13.37 -9.68
CA ASP E 58 -0.04 12.33 -10.34
C ASP E 58 0.81 11.08 -10.39
N ALA E 59 2.10 11.28 -10.66
CA ALA E 59 3.12 10.24 -10.58
C ALA E 59 2.98 9.45 -9.28
N PHE E 60 2.80 10.14 -8.14
CA PHE E 60 2.73 9.49 -6.86
C PHE E 60 1.37 8.93 -6.55
N THR E 61 0.32 9.55 -7.03
CA THR E 61 -0.99 8.96 -6.86
C THR E 61 -1.00 7.64 -7.60
N LEU E 62 -0.37 7.60 -8.76
CA LEU E 62 -0.45 6.46 -9.62
C LEU E 62 0.50 5.39 -9.13
N PHE E 63 1.69 5.82 -8.65
CA PHE E 63 2.74 4.89 -8.21
C PHE E 63 2.35 4.28 -6.84
N GLU E 64 1.46 4.94 -6.11
CA GLU E 64 0.88 4.36 -4.92
C GLU E 64 -0.24 3.44 -5.30
N LYS E 65 -1.10 3.85 -6.21
CA LYS E 65 -2.23 2.99 -6.60
C LYS E 65 -1.73 1.68 -7.17
N PHE E 66 -0.53 1.72 -7.75
CA PHE E 66 0.00 0.59 -8.50
C PHE E 66 0.65 -0.40 -7.59
N GLU E 67 1.39 0.08 -6.56
CA GLU E 67 1.97 -0.76 -5.52
C GLU E 67 0.80 -1.52 -4.91
N ALA E 68 -0.21 -0.78 -4.49
CA ALA E 68 -1.39 -1.37 -3.88
C ALA E 68 -2.06 -2.43 -4.71
N LYS E 69 -1.88 -2.41 -6.03
CA LYS E 69 -2.48 -3.44 -6.89
C LYS E 69 -1.57 -4.64 -7.08
N LEU E 70 -0.27 -4.40 -7.09
CA LEU E 70 0.71 -5.48 -7.08
C LEU E 70 0.60 -6.40 -5.84
N GLU E 71 0.37 -5.81 -4.68
CA GLU E 71 0.17 -6.60 -3.49
C GLU E 71 -1.11 -7.39 -3.63
N GLU E 72 -2.19 -6.70 -3.97
CA GLU E 72 -3.47 -7.37 -4.20
C GLU E 72 -3.40 -8.57 -5.14
N TYR E 73 -2.52 -8.53 -6.14
CA TYR E 73 -2.45 -9.56 -7.19
C TYR E 73 -1.12 -10.30 -7.23
N ASN E 74 -0.38 -10.27 -6.11
CA ASN E 74 0.80 -11.10 -5.88
C ASN E 74 1.92 -10.93 -6.90
N GLY E 75 2.17 -9.66 -7.27
CA GLY E 75 3.26 -9.32 -8.15
C GLY E 75 2.96 -9.62 -9.60
N ASN E 76 1.75 -10.05 -9.91
CA ASN E 76 1.40 -10.33 -11.28
C ASN E 76 1.28 -9.00 -12.02
N LEU E 77 2.31 -8.62 -12.78
CA LEU E 77 2.30 -7.30 -13.41
C LEU E 77 1.02 -7.04 -14.23
N LYS E 78 0.66 -7.96 -15.11
CA LYS E 78 -0.46 -7.72 -16.03
C LYS E 78 -1.79 -7.52 -15.34
N ARG E 79 -1.98 -8.22 -14.23
CA ARG E 79 -3.19 -8.10 -13.47
C ARG E 79 -3.22 -6.76 -12.77
N ALA E 80 -2.14 -6.37 -12.13
CA ALA E 80 -2.09 -5.09 -11.45
C ALA E 80 -2.32 -3.97 -12.43
N ALA E 81 -1.71 -4.08 -13.60
CA ALA E 81 -1.84 -3.06 -14.64
C ALA E 81 -3.30 -2.94 -15.07
N VAL E 82 -3.93 -4.07 -15.40
CA VAL E 82 -5.36 -4.11 -15.71
C VAL E 82 -6.24 -3.53 -14.63
N GLU E 83 -5.95 -3.79 -13.35
CA GLU E 83 -6.78 -3.20 -12.29
C GLU E 83 -6.45 -1.72 -12.08
N LEU E 84 -5.23 -1.32 -12.32
CA LEU E 84 -4.88 0.08 -12.28
C LEU E 84 -5.66 0.84 -13.34
N ALA E 85 -5.65 0.29 -14.55
CA ALA E 85 -6.42 0.83 -15.69
C ALA E 85 -7.91 1.06 -15.39
N LYS E 86 -8.58 0.08 -14.78
CA LYS E 86 -9.99 0.16 -14.44
C LYS E 86 -10.30 1.32 -13.50
N GLU E 87 -9.41 1.55 -12.55
CA GLU E 87 -9.62 2.52 -11.48
C GLU E 87 -9.22 3.91 -11.97
N TRP E 88 -8.18 3.97 -12.80
CA TRP E 88 -7.70 5.18 -13.44
C TRP E 88 -8.76 5.77 -14.35
N ARG E 89 -9.40 4.90 -15.12
CA ARG E 89 -10.41 5.33 -16.12
C ARG E 89 -11.72 5.76 -15.48
N SER E 90 -11.99 5.32 -14.26
CA SER E 90 -13.18 5.77 -13.55
C SER E 90 -12.94 6.92 -12.60
N ASP E 91 -11.69 7.28 -12.34
CA ASP E 91 -11.38 8.45 -11.55
C ASP E 91 -11.72 9.73 -12.31
N LYS E 92 -12.51 10.62 -11.69
CA LYS E 92 -13.11 11.78 -12.36
C LYS E 92 -12.06 12.75 -12.93
N VAL E 93 -10.91 12.82 -12.26
CA VAL E 93 -9.84 13.75 -12.68
C VAL E 93 -8.73 13.08 -13.43
N LEU E 94 -8.21 12.01 -12.83
CA LEU E 94 -7.07 11.28 -13.40
C LEU E 94 -7.42 10.72 -14.77
N ARG E 95 -8.65 10.25 -14.92
CA ARG E 95 -9.27 9.84 -16.20
C ARG E 95 -8.87 10.71 -17.38
N LYS E 96 -8.69 12.01 -17.14
CA LYS E 96 -8.40 13.01 -18.17
C LYS E 96 -6.94 13.27 -18.45
N LEU E 97 -6.02 12.53 -17.87
CA LEU E 97 -4.62 12.79 -18.11
C LEU E 97 -4.14 12.37 -19.48
N GLU E 98 -3.33 13.21 -20.09
CA GLU E 98 -2.73 12.82 -21.34
C GLU E 98 -1.57 11.93 -21.08
N ALA E 99 -0.78 12.17 -20.05
CA ALA E 99 0.37 11.31 -19.79
C ALA E 99 0.02 9.82 -19.52
N MET E 100 0.77 8.93 -20.11
CA MET E 100 0.55 7.51 -19.94
C MET E 100 1.65 6.97 -19.11
N LEU E 101 1.51 5.72 -18.64
CA LEU E 101 2.43 5.04 -17.71
C LEU E 101 3.08 3.87 -18.44
N ILE E 102 4.37 3.66 -18.27
CA ILE E 102 4.97 2.41 -18.67
C ILE E 102 5.53 1.73 -17.44
N VAL E 103 5.18 0.45 -17.28
CA VAL E 103 5.69 -0.38 -16.21
C VAL E 103 6.30 -1.59 -16.85
N MET E 104 7.30 -2.13 -16.18
CA MET E 104 7.97 -3.26 -16.72
C MET E 104 8.68 -4.09 -15.64
N ASN E 105 8.60 -5.40 -15.73
CA ASN E 105 9.50 -6.25 -14.96
C ASN E 105 10.40 -7.13 -15.85
N GLN E 106 11.27 -7.90 -15.25
CA GLN E 106 12.01 -8.96 -15.96
C GLN E 106 11.29 -9.65 -17.16
N ASP E 107 9.98 -9.84 -17.06
CA ASP E 107 9.27 -10.69 -18.02
C ASP E 107 8.41 -9.93 -19.03
N THR E 108 7.83 -8.83 -18.59
CA THR E 108 6.90 -8.12 -19.40
C THR E 108 6.95 -6.59 -19.25
N LEU E 109 6.48 -5.95 -20.32
CA LEU E 109 6.49 -4.54 -20.56
C LEU E 109 5.03 -4.08 -20.93
N LEU E 110 4.44 -3.18 -20.14
CA LEU E 110 3.10 -2.70 -20.45
C LEU E 110 3.01 -1.19 -20.54
N LEU E 111 2.06 -0.71 -21.34
CA LEU E 111 1.70 0.67 -21.37
C LEU E 111 0.36 0.73 -20.73
N VAL E 112 0.16 1.63 -19.78
CA VAL E 112 -1.15 1.89 -19.23
C VAL E 112 -1.60 3.33 -19.41
N SER E 113 -2.86 3.51 -19.78
CA SER E 113 -3.47 4.83 -19.97
C SER E 113 -4.71 4.97 -19.13
N GLY E 114 -5.04 6.21 -18.81
CA GLY E 114 -6.22 6.55 -18.06
C GLY E 114 -7.50 6.43 -18.83
N THR E 115 -7.47 5.97 -20.07
CA THR E 115 -8.69 5.59 -20.75
C THR E 115 -8.88 4.09 -20.64
N GLY E 116 -8.01 3.41 -19.90
CA GLY E 116 -8.18 2.01 -19.58
C GLY E 116 -7.50 1.03 -20.53
N GLU E 117 -6.56 1.52 -21.31
CA GLU E 117 -5.78 0.68 -22.18
C GLU E 117 -4.63 0.02 -21.38
N VAL E 118 -4.36 -1.24 -21.70
CA VAL E 118 -3.18 -1.92 -21.23
C VAL E 118 -2.62 -2.67 -22.43
N ILE E 119 -1.45 -2.25 -22.88
CA ILE E 119 -0.86 -2.78 -24.10
C ILE E 119 0.50 -3.34 -23.83
N GLU E 120 0.64 -4.62 -24.17
CA GLU E 120 1.89 -5.28 -24.24
C GLU E 120 2.34 -5.31 -25.71
N PRO E 121 3.50 -4.79 -26.01
CA PRO E 121 3.95 -4.72 -27.40
C PRO E 121 4.36 -6.08 -27.90
N ASP E 122 4.51 -6.20 -29.20
CA ASP E 122 4.84 -7.45 -29.91
C ASP E 122 6.33 -7.62 -30.23
N ASP E 123 7.06 -6.52 -30.14
CA ASP E 123 8.47 -6.45 -30.48
C ASP E 123 9.29 -5.86 -29.35
N GLY E 124 8.78 -5.91 -28.12
CA GLY E 124 9.55 -5.60 -26.95
C GLY E 124 9.80 -4.13 -26.70
N ILE E 125 9.10 -3.22 -27.40
CA ILE E 125 9.33 -1.76 -27.25
C ILE E 125 8.05 -0.94 -27.00
N LEU E 126 8.11 -0.06 -26.01
CA LEU E 126 7.05 0.98 -25.86
C LEU E 126 7.74 2.33 -25.78
N ALA E 127 7.04 3.38 -26.16
CA ALA E 127 7.50 4.77 -25.93
C ALA E 127 6.34 5.68 -25.80
N ILE E 128 6.48 6.69 -24.95
CA ILE E 128 5.42 7.69 -24.71
C ILE E 128 6.01 9.05 -24.56
N GLY E 129 5.17 10.08 -24.54
CA GLY E 129 5.61 11.41 -24.33
C GLY E 129 5.72 12.19 -25.60
N SER E 130 6.12 13.45 -25.44
CA SER E 130 6.30 14.37 -26.55
C SER E 130 7.00 13.79 -27.73
N GLY E 131 8.16 13.22 -27.48
CA GLY E 131 8.99 12.66 -28.54
C GLY E 131 8.80 11.18 -28.73
N GLY E 132 7.83 10.62 -28.02
CA GLY E 132 7.61 9.19 -28.05
C GLY E 132 7.64 8.50 -29.38
N ASN E 133 6.91 9.03 -30.33
CA ASN E 133 6.84 8.42 -31.68
C ASN E 133 8.13 8.38 -32.47
N TYR E 134 8.99 9.40 -32.25
CA TYR E 134 10.36 9.40 -32.78
C TYR E 134 11.19 8.37 -32.06
N ALA E 135 11.07 8.28 -30.74
CA ALA E 135 11.91 7.33 -29.98
C ALA E 135 11.52 5.90 -30.35
N LEU E 136 10.22 5.69 -30.47
CA LEU E 136 9.68 4.41 -30.98
C LEU E 136 10.25 4.00 -32.36
N ALA E 137 10.25 4.94 -33.32
CA ALA E 137 10.69 4.62 -34.67
C ALA E 137 12.17 4.29 -34.68
N ALA E 138 12.96 5.09 -33.96
CA ALA E 138 14.40 4.83 -33.77
C ALA E 138 14.63 3.45 -33.17
N GLY E 139 14.06 3.16 -32.03
CA GLY E 139 14.30 1.87 -31.40
C GLY E 139 13.82 0.65 -32.19
N ARG E 140 12.72 0.78 -32.90
CA ARG E 140 12.22 -0.35 -33.67
C ARG E 140 13.21 -0.63 -34.78
N ALA E 141 13.71 0.46 -35.32
CA ALA E 141 14.71 0.38 -36.35
C ALA E 141 16.03 -0.17 -35.79
N LEU E 142 16.48 0.22 -34.62
CA LEU E 142 17.78 -0.31 -34.16
C LEU E 142 17.61 -1.76 -33.78
N LYS E 143 16.51 -2.06 -33.12
CA LYS E 143 16.30 -3.42 -32.67
C LYS E 143 16.22 -4.41 -33.79
N LYS E 144 15.45 -4.09 -34.82
CA LYS E 144 15.26 -4.98 -35.98
C LYS E 144 16.41 -5.10 -36.93
N HIS E 145 17.13 -4.01 -37.17
CA HIS E 145 18.15 -4.00 -38.20
C HIS E 145 19.55 -3.95 -37.61
N ALA E 146 19.70 -3.55 -36.35
CA ALA E 146 21.02 -3.55 -35.70
C ALA E 146 20.99 -4.30 -34.35
N GLY E 147 19.97 -5.12 -34.19
CA GLY E 147 19.70 -5.80 -32.94
C GLY E 147 20.79 -6.71 -32.46
N GLU E 148 21.42 -7.44 -33.39
CA GLU E 148 22.40 -8.43 -33.01
C GLU E 148 23.66 -7.82 -32.40
N SER E 149 23.81 -6.51 -32.54
CA SER E 149 25.01 -5.82 -32.12
C SER E 149 24.77 -4.68 -31.11
N MET E 150 23.57 -4.62 -30.57
CA MET E 150 23.22 -3.70 -29.46
C MET E 150 22.51 -4.38 -28.29
N SER E 151 22.73 -3.83 -27.11
CA SER E 151 22.06 -4.32 -25.92
C SER E 151 20.83 -3.50 -25.71
N ALA E 152 19.94 -3.98 -24.87
CA ALA E 152 18.77 -3.24 -24.44
C ALA E 152 19.13 -1.84 -23.98
N SER E 153 20.13 -1.68 -23.15
CA SER E 153 20.42 -0.34 -22.61
C SER E 153 21.01 0.58 -23.69
N GLU E 154 21.71 -0.01 -24.67
CA GLU E 154 22.29 0.77 -25.76
C GLU E 154 21.22 1.31 -26.69
N ILE E 155 20.19 0.51 -26.91
CA ILE E 155 19.11 0.88 -27.76
C ILE E 155 18.31 1.96 -27.11
N ALA E 156 18.00 1.80 -25.82
CA ALA E 156 17.19 2.78 -25.10
C ALA E 156 17.86 4.13 -25.11
N ARG E 157 19.18 4.11 -25.02
CA ARG E 157 20.00 5.31 -25.01
C ARG E 157 20.06 5.95 -26.40
N ALA E 158 20.21 5.13 -27.41
CA ALA E 158 20.32 5.59 -28.77
C ALA E 158 18.95 6.06 -29.34
N ALA E 159 17.88 5.53 -28.79
CA ALA E 159 16.54 5.87 -29.25
C ALA E 159 16.23 7.25 -28.71
N LEU E 160 16.48 7.46 -27.42
CA LEU E 160 16.25 8.77 -26.84
C LEU E 160 17.16 9.82 -27.48
N GLU E 161 18.36 9.43 -27.86
CA GLU E 161 19.28 10.39 -28.50
C GLU E 161 18.68 10.82 -29.82
N THR E 162 18.21 9.84 -30.59
CA THR E 162 17.61 10.13 -31.89
C THR E 162 16.42 11.05 -31.74
N ALA E 163 15.53 10.75 -30.83
CA ALA E 163 14.36 11.57 -30.59
C ALA E 163 14.68 12.98 -30.17
N GLY E 164 15.74 13.18 -29.39
CA GLY E 164 16.10 14.49 -28.90
C GLY E 164 16.64 15.34 -30.03
N GLU E 165 17.18 14.66 -31.04
CA GLU E 165 17.84 15.28 -32.18
C GLU E 165 16.77 15.78 -33.14
N ILE E 166 15.63 15.12 -33.19
CA ILE E 166 14.62 15.62 -34.08
C ILE E 166 13.47 16.32 -33.43
N CYS E 167 13.20 16.07 -32.15
CA CYS E 167 11.99 16.60 -31.56
C CYS E 167 12.30 17.81 -30.68
N VAL E 168 11.69 18.95 -30.96
CA VAL E 168 11.95 20.13 -30.20
C VAL E 168 11.59 20.02 -28.69
N TYR E 169 10.88 18.97 -28.33
CA TYR E 169 10.35 18.81 -26.99
C TYR E 169 11.14 17.80 -26.20
N THR E 170 12.09 17.17 -26.85
CA THR E 170 12.97 16.21 -26.28
C THR E 170 14.43 16.70 -26.36
N ASN E 171 15.12 16.56 -25.24
CA ASN E 171 16.50 17.00 -25.08
C ASN E 171 17.42 15.81 -24.76
N ASP E 172 18.65 16.18 -24.46
CA ASP E 172 19.74 15.25 -24.40
C ASP E 172 20.22 14.88 -22.97
N GLN E 173 19.38 15.13 -21.96
CA GLN E 173 19.72 14.83 -20.52
C GLN E 173 18.98 13.58 -20.11
N ILE E 174 19.60 12.48 -20.47
CA ILE E 174 18.97 11.18 -20.47
C ILE E 174 19.21 10.40 -19.16
N ILE E 175 18.15 9.77 -18.68
CA ILE E 175 18.23 8.98 -17.48
C ILE E 175 17.97 7.55 -17.90
N LEU E 176 18.81 6.63 -17.46
CA LEU E 176 18.66 5.25 -17.83
C LEU E 176 18.59 4.34 -16.62
N GLU E 177 17.58 3.49 -16.55
CA GLU E 177 17.53 2.46 -15.54
C GLU E 177 17.41 1.12 -16.23
N GLU E 178 18.05 0.10 -15.64
CA GLU E 178 17.95 -1.30 -16.08
C GLU E 178 17.50 -2.28 -15.02
N LEU E 179 16.92 -3.40 -15.45
CA LEU E 179 16.81 -4.62 -14.60
C LEU E 179 17.76 -5.76 -15.07
N GLU E 180 18.57 -6.28 -14.15
CA GLU E 180 19.31 -7.55 -14.43
C GLU E 180 18.47 -8.59 -15.24
N SER F 1 -11.31 8.00 -27.23
CA SER F 1 -9.93 8.44 -26.91
C SER F 1 -9.09 8.71 -28.22
N SER F 2 -7.81 9.03 -28.01
CA SER F 2 -6.76 8.91 -29.05
C SER F 2 -6.54 7.45 -29.57
N PHE F 3 -6.94 6.42 -28.83
CA PHE F 3 -6.80 5.05 -29.34
C PHE F 3 -8.01 4.70 -30.20
N HIS F 4 -7.76 4.13 -31.37
CA HIS F 4 -8.80 3.71 -32.28
C HIS F 4 -9.23 2.30 -31.88
N ALA F 5 -10.52 2.05 -32.06
CA ALA F 5 -11.11 0.71 -31.96
C ALA F 5 -10.50 -0.17 -33.02
N THR F 6 -10.25 -1.44 -32.70
CA THR F 6 -9.83 -2.44 -33.69
C THR F 6 -11.16 -2.77 -34.39
N THR F 7 -11.19 -3.81 -35.22
CA THR F 7 -12.33 -4.17 -36.06
C THR F 7 -12.86 -5.55 -35.72
N ILE F 8 -14.16 -5.72 -35.76
CA ILE F 8 -14.73 -6.98 -35.38
C ILE F 8 -15.95 -7.29 -36.25
N PHE F 9 -16.06 -8.54 -36.67
CA PHE F 9 -17.12 -8.96 -37.57
C PHE F 9 -17.74 -10.22 -37.02
N ALA F 10 -19.05 -10.38 -37.18
CA ALA F 10 -19.73 -11.60 -36.75
C ALA F 10 -20.74 -12.04 -37.78
N VAL F 11 -20.95 -13.35 -37.89
CA VAL F 11 -21.89 -13.88 -38.86
C VAL F 11 -22.46 -15.21 -38.44
N GLN F 12 -23.77 -15.40 -38.70
CA GLN F 12 -24.46 -16.68 -38.52
C GLN F 12 -24.86 -17.13 -39.90
N HIS F 13 -24.59 -18.41 -40.21
CA HIS F 13 -24.64 -18.89 -41.56
C HIS F 13 -24.62 -20.43 -41.59
N LYS F 14 -25.74 -21.02 -42.05
CA LYS F 14 -25.93 -22.47 -42.11
C LYS F 14 -25.67 -23.14 -40.77
N GLY F 15 -26.34 -22.65 -39.74
CA GLY F 15 -26.23 -23.20 -38.41
C GLY F 15 -24.91 -22.91 -37.71
N ARG F 16 -24.02 -22.13 -38.33
CA ARG F 16 -22.70 -21.88 -37.75
C ARG F 16 -22.57 -20.44 -37.35
N SER F 17 -21.73 -20.18 -36.37
CA SER F 17 -21.53 -18.87 -35.76
C SER F 17 -20.04 -18.64 -35.73
N ALA F 18 -19.60 -17.52 -36.27
CA ALA F 18 -18.20 -17.13 -36.20
C ALA F 18 -18.06 -15.65 -35.92
N MET F 19 -16.94 -15.30 -35.30
CA MET F 19 -16.56 -13.94 -34.98
C MET F 19 -15.05 -13.75 -35.23
N SER F 20 -14.72 -12.77 -36.06
CA SER F 20 -13.34 -12.48 -36.44
C SER F 20 -12.98 -11.06 -36.01
N GLY F 21 -11.69 -10.80 -35.86
CA GLY F 21 -11.20 -9.51 -35.37
C GLY F 21 -9.74 -9.36 -35.76
N ASP F 22 -9.35 -8.14 -36.06
CA ASP F 22 -7.94 -7.85 -36.37
C ASP F 22 -7.23 -7.51 -35.06
N GLY F 23 -5.95 -7.18 -35.13
CA GLY F 23 -5.18 -6.86 -33.95
C GLY F 23 -4.51 -5.49 -33.90
N GLN F 24 -4.86 -4.60 -34.84
CA GLN F 24 -4.19 -3.31 -34.94
C GLN F 24 -4.69 -2.32 -33.91
N VAL F 25 -3.78 -1.79 -33.11
CA VAL F 25 -4.12 -0.81 -32.11
C VAL F 25 -3.35 0.41 -32.50
N THR F 26 -4.10 1.45 -32.87
CA THR F 26 -3.54 2.69 -33.37
C THR F 26 -3.74 3.81 -32.36
N PHE F 27 -2.70 4.59 -32.16
CA PHE F 27 -2.76 5.70 -31.23
C PHE F 27 -2.60 6.99 -32.01
N GLY F 28 -3.48 7.93 -31.68
CA GLY F 28 -3.63 9.18 -32.40
C GLY F 28 -4.17 8.96 -33.80
N GLN F 29 -3.81 9.86 -34.69
CA GLN F 29 -4.11 9.72 -36.13
C GLN F 29 -3.48 8.45 -36.78
N ALA F 30 -2.23 8.15 -36.46
CA ALA F 30 -1.48 7.26 -37.34
C ALA F 30 -0.45 6.30 -36.73
N VAL F 31 -0.23 6.26 -35.44
CA VAL F 31 0.84 5.44 -34.92
C VAL F 31 0.36 4.07 -34.40
N VAL F 32 0.85 3.00 -35.01
CA VAL F 32 0.49 1.65 -34.60
C VAL F 32 1.38 1.20 -33.40
N MET F 33 0.75 0.86 -32.27
CA MET F 33 1.43 0.47 -31.01
C MET F 33 1.41 -1.02 -30.72
N LYS F 34 0.41 -1.73 -31.27
CA LYS F 34 0.37 -3.18 -31.22
C LYS F 34 -0.25 -3.74 -32.49
N HIS F 35 0.10 -4.96 -32.88
CA HIS F 35 -0.48 -5.56 -34.09
C HIS F 35 -1.30 -6.82 -33.83
N THR F 36 -1.14 -7.44 -32.65
CA THR F 36 -1.79 -8.73 -32.38
C THR F 36 -2.77 -8.69 -31.23
N ALA F 37 -3.45 -7.58 -31.04
CA ALA F 37 -4.45 -7.49 -29.99
C ALA F 37 -5.59 -8.55 -30.18
N ARG F 38 -6.04 -9.09 -29.05
CA ARG F 38 -7.12 -10.03 -29.06
C ARG F 38 -8.35 -9.40 -28.41
N LYS F 39 -9.36 -9.11 -29.19
CA LYS F 39 -10.57 -8.48 -28.66
C LYS F 39 -11.82 -9.35 -28.83
N VAL F 40 -11.64 -10.63 -29.18
CA VAL F 40 -12.70 -11.60 -29.37
C VAL F 40 -12.49 -12.73 -28.36
N ARG F 41 -13.45 -12.96 -27.49
CA ARG F 41 -13.31 -13.97 -26.48
C ARG F 41 -14.52 -14.90 -26.41
N LYS F 42 -14.33 -16.06 -25.82
CA LYS F 42 -15.47 -16.94 -25.58
C LYS F 42 -15.88 -16.68 -24.15
N LEU F 43 -17.17 -16.55 -23.89
CA LEU F 43 -17.65 -16.44 -22.53
C LEU F 43 -18.63 -17.59 -22.23
N PHE F 44 -19.04 -17.72 -20.98
CA PHE F 44 -20.13 -18.61 -20.60
C PHE F 44 -19.84 -20.05 -21.07
N ASN F 45 -18.78 -20.65 -20.52
CA ASN F 45 -18.32 -21.98 -20.95
C ASN F 45 -18.45 -22.19 -22.46
N GLY F 46 -17.72 -21.38 -23.23
CA GLY F 46 -17.64 -21.53 -24.67
C GLY F 46 -18.96 -21.62 -25.41
N LYS F 47 -19.97 -20.92 -24.90
CA LYS F 47 -21.29 -20.94 -25.54
C LYS F 47 -21.60 -19.62 -26.24
N VAL F 48 -20.94 -18.56 -25.78
CA VAL F 48 -21.14 -17.25 -26.38
C VAL F 48 -19.84 -16.71 -26.89
N LEU F 49 -19.90 -15.95 -27.98
CA LEU F 49 -18.75 -15.24 -28.47
C LEU F 49 -18.96 -13.75 -28.22
N ALA F 50 -18.00 -13.08 -27.59
CA ALA F 50 -18.13 -11.66 -27.33
C ALA F 50 -16.95 -10.91 -27.94
N GLY F 51 -17.22 -9.72 -28.43
CA GLY F 51 -16.22 -8.91 -29.09
C GLY F 51 -16.39 -7.47 -28.67
N PHE F 52 -15.34 -6.84 -28.19
CA PHE F 52 -15.41 -5.43 -27.85
C PHE F 52 -14.11 -4.80 -28.23
N ALA F 53 -14.26 -3.74 -29.02
CA ALA F 53 -13.17 -3.17 -29.79
C ALA F 53 -12.49 -1.98 -29.13
N GLY F 54 -12.99 -1.56 -27.98
CA GLY F 54 -12.36 -0.50 -27.20
C GLY F 54 -11.29 -1.08 -26.34
N SER F 55 -11.07 -0.47 -25.17
CA SER F 55 -9.88 -0.76 -24.32
C SER F 55 -10.03 -2.02 -23.45
N VAL F 56 -8.94 -2.54 -22.86
CA VAL F 56 -9.09 -3.79 -22.10
C VAL F 56 -9.85 -3.58 -20.82
N ALA F 57 -9.58 -2.50 -20.10
CA ALA F 57 -10.29 -2.22 -18.86
C ALA F 57 -11.82 -2.12 -19.05
N ASP F 58 -12.23 -1.75 -20.26
CA ASP F 58 -13.64 -1.65 -20.55
C ASP F 58 -14.22 -2.98 -21.01
N ALA F 59 -13.45 -3.69 -21.82
CA ALA F 59 -13.86 -4.97 -22.37
C ALA F 59 -14.05 -6.01 -21.27
N PHE F 60 -13.16 -6.03 -20.27
CA PHE F 60 -13.37 -6.85 -19.07
C PHE F 60 -14.55 -6.40 -18.22
N THR F 61 -14.74 -5.10 -18.01
CA THR F 61 -15.85 -4.66 -17.16
C THR F 61 -17.15 -5.10 -17.80
N LEU F 62 -17.26 -4.98 -19.12
CA LEU F 62 -18.44 -5.40 -19.88
C LEU F 62 -18.61 -6.91 -20.00
N PHE F 63 -17.51 -7.63 -20.13
CA PHE F 63 -17.61 -9.08 -20.24
C PHE F 63 -18.03 -9.65 -18.91
N GLU F 64 -17.43 -9.17 -17.84
CA GLU F 64 -17.89 -9.60 -16.52
C GLU F 64 -19.33 -9.25 -16.34
N LYS F 65 -19.71 -8.02 -16.62
CA LYS F 65 -21.08 -7.58 -16.36
C LYS F 65 -22.07 -8.40 -17.17
N PHE F 66 -21.70 -8.73 -18.39
CA PHE F 66 -22.56 -9.47 -19.31
C PHE F 66 -22.72 -10.89 -18.84
N GLU F 67 -21.63 -11.50 -18.43
CA GLU F 67 -21.60 -12.87 -17.91
C GLU F 67 -22.36 -13.05 -16.61
N ALA F 68 -22.42 -12.03 -15.77
CA ALA F 68 -23.25 -12.05 -14.57
C ALA F 68 -24.74 -12.08 -14.97
N LYS F 69 -25.13 -11.21 -15.89
CA LYS F 69 -26.51 -11.16 -16.37
C LYS F 69 -26.91 -12.49 -17.01
N LEU F 70 -25.96 -13.17 -17.68
CA LEU F 70 -26.23 -14.52 -18.20
C LEU F 70 -26.44 -15.58 -17.09
N GLU F 71 -25.61 -15.60 -16.06
CA GLU F 71 -25.79 -16.57 -14.99
C GLU F 71 -27.11 -16.26 -14.28
N GLU F 72 -27.51 -14.99 -14.25
CA GLU F 72 -28.69 -14.55 -13.53
C GLU F 72 -29.97 -14.83 -14.30
N TYR F 73 -29.88 -14.76 -15.62
CA TYR F 73 -31.02 -15.05 -16.49
C TYR F 73 -30.77 -16.30 -17.35
N ASN F 74 -30.06 -17.28 -16.82
CA ASN F 74 -30.05 -18.61 -17.42
C ASN F 74 -29.95 -18.65 -18.95
N GLY F 75 -28.86 -18.11 -19.47
CA GLY F 75 -28.47 -18.28 -20.87
C GLY F 75 -29.22 -17.42 -21.86
N ASN F 76 -30.17 -16.63 -21.38
CA ASN F 76 -31.01 -15.83 -22.26
C ASN F 76 -30.23 -14.64 -22.76
N LEU F 77 -29.69 -14.76 -23.96
CA LEU F 77 -28.84 -13.73 -24.51
C LEU F 77 -29.57 -12.41 -24.55
N LYS F 78 -30.81 -12.43 -25.05
CA LYS F 78 -31.56 -11.20 -25.28
C LYS F 78 -31.81 -10.43 -24.00
N ARG F 79 -32.11 -11.15 -22.94
CA ARG F 79 -32.51 -10.53 -21.69
C ARG F 79 -31.32 -9.88 -21.00
N ALA F 80 -30.23 -10.63 -20.95
CA ALA F 80 -29.00 -10.16 -20.36
C ALA F 80 -28.49 -8.95 -21.13
N ALA F 81 -28.68 -8.98 -22.43
CA ALA F 81 -28.20 -7.93 -23.32
C ALA F 81 -28.92 -6.65 -23.03
N VAL F 82 -30.20 -6.76 -22.72
CA VAL F 82 -31.02 -5.58 -22.53
C VAL F 82 -30.69 -4.97 -21.18
N GLU F 83 -30.44 -5.84 -20.20
CA GLU F 83 -30.13 -5.39 -18.84
C GLU F 83 -28.73 -4.80 -18.80
N LEU F 84 -27.83 -5.38 -19.57
CA LEU F 84 -26.53 -4.78 -19.77
C LEU F 84 -26.70 -3.34 -20.26
N ALA F 85 -27.45 -3.18 -21.34
CA ALA F 85 -27.66 -1.89 -21.95
C ALA F 85 -28.28 -0.89 -20.97
N LYS F 86 -29.25 -1.35 -20.21
CA LYS F 86 -29.90 -0.51 -19.24
C LYS F 86 -28.84 0.02 -18.25
N GLU F 87 -28.04 -0.89 -17.75
CA GLU F 87 -27.03 -0.58 -16.74
C GLU F 87 -25.97 0.35 -17.35
N TRP F 88 -25.44 -0.07 -18.49
CA TRP F 88 -24.42 0.65 -19.23
C TRP F 88 -24.86 2.09 -19.50
N ARG F 89 -26.10 2.32 -19.89
CA ARG F 89 -26.48 3.68 -20.32
C ARG F 89 -26.73 4.56 -19.12
N SER F 90 -26.92 3.97 -17.96
CA SER F 90 -27.04 4.79 -16.76
C SER F 90 -25.72 4.93 -15.96
N ASP F 91 -24.63 4.26 -16.40
CA ASP F 91 -23.31 4.34 -15.73
C ASP F 91 -22.59 5.65 -16.05
N LYS F 92 -22.15 6.38 -15.03
CA LYS F 92 -21.57 7.71 -15.27
C LYS F 92 -20.39 7.66 -16.23
N VAL F 93 -19.60 6.59 -16.14
CA VAL F 93 -18.34 6.50 -16.91
C VAL F 93 -18.52 5.75 -18.22
N LEU F 94 -19.01 4.52 -18.13
CA LEU F 94 -19.11 3.69 -19.31
C LEU F 94 -20.11 4.11 -20.40
N ARG F 95 -21.04 5.00 -20.06
CA ARG F 95 -22.11 5.45 -20.97
C ARG F 95 -21.58 6.21 -22.18
N LYS F 96 -20.38 6.78 -21.99
CA LYS F 96 -19.75 7.64 -22.96
C LYS F 96 -18.87 6.92 -23.98
N LEU F 97 -18.73 5.60 -23.84
CA LEU F 97 -17.88 4.88 -24.74
C LEU F 97 -18.43 4.89 -26.17
N GLU F 98 -17.55 5.16 -27.12
CA GLU F 98 -17.86 4.97 -28.53
C GLU F 98 -17.93 3.53 -28.88
N ALA F 99 -17.10 2.69 -28.27
CA ALA F 99 -17.00 1.31 -28.72
C ALA F 99 -18.22 0.54 -28.30
N MET F 100 -18.60 -0.40 -29.15
CA MET F 100 -19.79 -1.18 -28.98
C MET F 100 -19.41 -2.62 -28.75
N LEU F 101 -20.40 -3.39 -28.31
CA LEU F 101 -20.25 -4.78 -27.93
C LEU F 101 -21.02 -5.68 -28.87
N ILE F 102 -20.46 -6.82 -29.25
CA ILE F 102 -21.23 -7.83 -29.94
C ILE F 102 -21.18 -9.09 -29.13
N VAL F 103 -22.36 -9.69 -28.92
CA VAL F 103 -22.49 -10.97 -28.26
C VAL F 103 -23.32 -11.88 -29.16
N MET F 104 -22.94 -13.14 -29.27
CA MET F 104 -23.78 -14.11 -30.01
C MET F 104 -23.71 -15.50 -29.45
N ASN F 105 -24.84 -16.15 -29.32
CA ASN F 105 -24.84 -17.58 -29.00
C ASN F 105 -25.25 -18.35 -30.23
N GLN F 106 -25.49 -19.63 -30.10
CA GLN F 106 -25.86 -20.47 -31.24
C GLN F 106 -27.10 -19.93 -32.01
N ASP F 107 -28.06 -19.35 -31.28
CA ASP F 107 -29.36 -18.97 -31.82
C ASP F 107 -29.45 -17.52 -32.27
N THR F 108 -28.64 -16.64 -31.70
CA THR F 108 -28.74 -15.22 -32.09
C THR F 108 -27.50 -14.33 -31.93
N LEU F 109 -27.54 -13.21 -32.64
CA LEU F 109 -26.48 -12.21 -32.74
C LEU F 109 -26.99 -10.81 -32.28
N LEU F 110 -26.22 -10.11 -31.49
CA LEU F 110 -26.69 -8.87 -30.89
C LEU F 110 -25.58 -7.83 -30.78
N LEU F 111 -25.89 -6.61 -31.19
CA LEU F 111 -25.07 -5.43 -30.90
C LEU F 111 -25.63 -4.66 -29.72
N VAL F 112 -24.77 -4.41 -28.74
CA VAL F 112 -25.14 -3.58 -27.59
C VAL F 112 -24.27 -2.30 -27.57
N SER F 113 -24.87 -1.16 -27.28
CA SER F 113 -24.16 0.12 -27.21
C SER F 113 -24.37 0.77 -25.85
N GLY F 114 -23.48 1.68 -25.48
CA GLY F 114 -23.59 2.42 -24.25
C GLY F 114 -24.63 3.52 -24.24
N THR F 115 -25.26 3.82 -25.37
CA THR F 115 -26.46 4.66 -25.41
C THR F 115 -27.70 3.84 -25.24
N GLY F 116 -27.52 2.56 -24.98
CA GLY F 116 -28.66 1.68 -24.74
C GLY F 116 -29.28 0.98 -25.93
N GLU F 117 -28.61 0.96 -27.06
CA GLU F 117 -29.09 0.17 -28.19
C GLU F 117 -28.95 -1.33 -27.94
N VAL F 118 -29.93 -2.11 -28.35
CA VAL F 118 -29.79 -3.53 -28.55
C VAL F 118 -30.37 -3.86 -29.90
N ILE F 119 -29.54 -4.25 -30.84
CA ILE F 119 -29.94 -4.50 -32.22
C ILE F 119 -29.61 -5.91 -32.72
N GLU F 120 -30.63 -6.64 -33.13
CA GLU F 120 -30.47 -7.90 -33.84
C GLU F 120 -30.49 -7.59 -35.37
N PRO F 121 -29.47 -8.03 -36.10
CA PRO F 121 -29.43 -7.80 -37.55
C PRO F 121 -30.45 -8.69 -38.21
N ASP F 122 -30.90 -8.27 -39.39
CA ASP F 122 -31.88 -9.00 -40.19
C ASP F 122 -31.31 -10.14 -40.99
N ASP F 123 -30.02 -10.06 -41.29
CA ASP F 123 -29.32 -10.89 -42.22
C ASP F 123 -28.13 -11.68 -41.59
N GLY F 124 -28.16 -11.89 -40.28
CA GLY F 124 -27.14 -12.67 -39.59
C GLY F 124 -25.76 -12.06 -39.37
N ILE F 125 -25.55 -10.78 -39.69
CA ILE F 125 -24.23 -10.16 -39.68
C ILE F 125 -24.14 -8.87 -38.90
N LEU F 126 -23.14 -8.76 -38.03
CA LEU F 126 -22.76 -7.48 -37.42
C LEU F 126 -21.30 -7.24 -37.55
N ALA F 127 -20.92 -5.98 -37.65
CA ALA F 127 -19.50 -5.63 -37.57
C ALA F 127 -19.39 -4.29 -36.94
N ILE F 128 -18.33 -4.10 -36.19
CA ILE F 128 -18.06 -2.86 -35.46
C ILE F 128 -16.57 -2.48 -35.58
N GLY F 129 -16.25 -1.25 -35.15
CA GLY F 129 -14.90 -0.79 -35.11
C GLY F 129 -14.53 0.08 -36.30
N SER F 130 -13.25 0.40 -36.34
CA SER F 130 -12.65 1.32 -37.31
C SER F 130 -13.00 0.95 -38.71
N GLY F 131 -12.87 -0.33 -38.98
CA GLY F 131 -13.09 -0.90 -40.30
C GLY F 131 -14.39 -1.66 -40.43
N GLY F 132 -15.23 -1.55 -39.40
CA GLY F 132 -16.46 -2.28 -39.29
C GLY F 132 -17.31 -2.19 -40.52
N ASN F 133 -17.50 -1.02 -41.06
CA ASN F 133 -18.37 -0.89 -42.22
C ASN F 133 -17.87 -1.59 -43.47
N TYR F 134 -16.56 -1.60 -43.66
CA TYR F 134 -15.94 -2.27 -44.80
C TYR F 134 -16.06 -3.78 -44.64
N ALA F 135 -15.81 -4.25 -43.44
CA ALA F 135 -16.07 -5.63 -43.16
C ALA F 135 -17.59 -6.00 -43.30
N LEU F 136 -18.46 -5.09 -42.91
CA LEU F 136 -19.89 -5.32 -43.08
C LEU F 136 -20.33 -5.43 -44.54
N ALA F 137 -19.72 -4.65 -45.42
CA ALA F 137 -20.12 -4.63 -46.81
C ALA F 137 -19.60 -5.89 -47.44
N ALA F 138 -18.38 -6.26 -47.09
CA ALA F 138 -17.71 -7.45 -47.61
C ALA F 138 -18.44 -8.74 -47.24
N GLY F 139 -18.69 -8.90 -45.96
CA GLY F 139 -19.36 -10.06 -45.44
C GLY F 139 -20.79 -10.18 -45.91
N ARG F 140 -21.48 -9.07 -46.04
CA ARG F 140 -22.83 -9.09 -46.55
C ARG F 140 -22.78 -9.54 -48.02
N ALA F 141 -21.77 -9.09 -48.76
CA ALA F 141 -21.66 -9.38 -50.17
C ALA F 141 -21.31 -10.82 -50.38
N LEU F 142 -20.46 -11.33 -49.51
CA LEU F 142 -20.11 -12.73 -49.58
C LEU F 142 -21.30 -13.68 -49.27
N LYS F 143 -22.16 -13.30 -48.34
CA LYS F 143 -23.13 -14.21 -47.80
C LYS F 143 -24.28 -14.35 -48.77
N LYS F 144 -24.62 -13.23 -49.37
CA LYS F 144 -25.73 -13.17 -50.29
C LYS F 144 -25.37 -13.79 -51.64
N HIS F 145 -24.22 -13.41 -52.17
CA HIS F 145 -23.83 -13.74 -53.54
C HIS F 145 -22.86 -14.91 -53.67
N ALA F 146 -22.29 -15.35 -52.55
CA ALA F 146 -21.43 -16.54 -52.51
C ALA F 146 -21.62 -17.35 -51.24
N GLY F 147 -22.84 -17.29 -50.70
CA GLY F 147 -23.21 -18.00 -49.51
C GLY F 147 -23.28 -19.52 -49.61
N GLU F 148 -23.69 -20.05 -50.76
CA GLU F 148 -23.83 -21.51 -50.89
C GLU F 148 -22.51 -22.26 -50.98
N SER F 149 -21.39 -21.56 -51.08
CA SER F 149 -20.11 -22.22 -51.19
C SER F 149 -19.08 -21.68 -50.18
N MET F 150 -19.55 -20.92 -49.20
CA MET F 150 -18.69 -20.41 -48.13
C MET F 150 -19.28 -20.71 -46.75
N SER F 151 -18.41 -21.02 -45.79
CA SER F 151 -18.84 -21.24 -44.41
C SER F 151 -18.81 -19.96 -43.55
N ALA F 152 -19.37 -20.03 -42.35
CA ALA F 152 -19.48 -18.88 -41.47
C ALA F 152 -18.11 -18.35 -41.08
N SER F 153 -17.21 -19.26 -40.71
CA SER F 153 -15.85 -18.87 -40.35
C SER F 153 -15.05 -18.44 -41.59
N GLU F 154 -15.27 -19.10 -42.73
CA GLU F 154 -14.67 -18.66 -43.99
C GLU F 154 -15.07 -17.23 -44.42
N ILE F 155 -16.26 -16.79 -44.00
CA ILE F 155 -16.76 -15.46 -44.31
C ILE F 155 -16.22 -14.48 -43.30
N ALA F 156 -16.21 -14.88 -42.06
CA ALA F 156 -15.71 -13.99 -41.03
C ALA F 156 -14.29 -13.63 -41.43
N ARG F 157 -13.50 -14.61 -41.80
CA ARG F 157 -12.12 -14.39 -42.15
C ARG F 157 -12.00 -13.50 -43.39
N ALA F 158 -12.63 -13.90 -44.48
CA ALA F 158 -12.62 -13.10 -45.70
C ALA F 158 -13.09 -11.63 -45.51
N ALA F 159 -14.10 -11.38 -44.69
CA ALA F 159 -14.64 -10.04 -44.56
C ALA F 159 -13.59 -9.15 -43.87
N LEU F 160 -12.89 -9.73 -42.89
CA LEU F 160 -11.78 -9.08 -42.26
C LEU F 160 -10.59 -8.93 -43.23
N GLU F 161 -10.36 -9.86 -44.15
CA GLU F 161 -9.20 -9.68 -45.03
C GLU F 161 -9.39 -8.43 -45.88
N THR F 162 -10.61 -8.30 -46.39
CA THR F 162 -10.98 -7.22 -47.27
C THR F 162 -10.88 -5.88 -46.55
N ALA F 163 -11.40 -5.87 -45.32
CA ALA F 163 -11.38 -4.70 -44.44
C ALA F 163 -9.95 -4.23 -44.18
N GLY F 164 -9.05 -5.18 -43.98
CA GLY F 164 -7.67 -4.88 -43.68
C GLY F 164 -6.98 -4.30 -44.89
N GLU F 165 -7.37 -4.80 -46.05
CA GLU F 165 -6.78 -4.45 -47.33
C GLU F 165 -7.18 -3.02 -47.73
N ILE F 166 -8.30 -2.52 -47.28
CA ILE F 166 -8.71 -1.16 -47.68
C ILE F 166 -8.72 -0.09 -46.65
N CYS F 167 -8.77 -0.48 -45.38
CA CYS F 167 -8.80 0.43 -44.26
C CYS F 167 -7.47 0.46 -43.50
N VAL F 168 -6.88 1.65 -43.44
CA VAL F 168 -5.64 1.91 -42.74
C VAL F 168 -5.67 1.54 -41.23
N TYR F 169 -6.82 1.38 -40.62
CA TYR F 169 -6.90 1.10 -39.20
C TYR F 169 -7.11 -0.40 -38.87
N THR F 170 -7.06 -1.21 -39.90
CA THR F 170 -7.37 -2.62 -39.81
C THR F 170 -6.20 -3.33 -40.49
N ASN F 171 -5.55 -4.22 -39.75
CA ASN F 171 -4.48 -5.02 -40.26
C ASN F 171 -4.91 -6.45 -40.55
N ASP F 172 -3.90 -7.29 -40.79
CA ASP F 172 -4.13 -8.63 -41.28
C ASP F 172 -3.89 -9.69 -40.18
N GLN F 173 -3.65 -9.29 -38.93
CA GLN F 173 -3.49 -10.26 -37.82
C GLN F 173 -4.86 -10.67 -37.23
N ILE F 174 -5.43 -11.69 -37.82
CA ILE F 174 -6.81 -12.08 -37.56
C ILE F 174 -6.96 -13.16 -36.49
N ILE F 175 -7.95 -13.01 -35.66
CA ILE F 175 -8.28 -13.96 -34.64
C ILE F 175 -9.65 -14.42 -34.99
N LEU F 176 -9.90 -15.71 -34.81
CA LEU F 176 -11.16 -16.28 -35.28
C LEU F 176 -11.69 -17.24 -34.25
N GLU F 177 -12.87 -16.96 -33.75
CA GLU F 177 -13.56 -17.90 -32.88
C GLU F 177 -14.86 -18.36 -33.53
N GLU F 178 -15.25 -19.59 -33.25
CA GLU F 178 -16.52 -20.16 -33.74
C GLU F 178 -17.18 -20.95 -32.63
N LEU F 179 -18.49 -21.11 -32.74
CA LEU F 179 -19.20 -22.12 -31.95
C LEU F 179 -19.60 -23.25 -32.90
N GLU F 180 -19.44 -24.50 -32.46
CA GLU F 180 -19.92 -25.66 -33.29
C GLU F 180 -21.43 -25.61 -33.66
N SER G 1 -7.50 -34.20 17.14
CA SER G 1 -8.33 -35.37 17.56
C SER G 1 -7.69 -36.75 17.24
N SER G 2 -8.37 -37.81 17.67
CA SER G 2 -8.05 -39.17 17.27
C SER G 2 -7.95 -39.28 15.73
N PHE G 3 -8.79 -38.50 15.01
CA PHE G 3 -8.94 -38.54 13.55
C PHE G 3 -7.95 -37.65 12.79
N HIS G 4 -7.24 -38.28 11.84
CA HIS G 4 -6.33 -37.60 10.90
C HIS G 4 -7.11 -36.89 9.79
N ALA G 5 -6.66 -35.69 9.45
CA ALA G 5 -7.15 -34.97 8.27
C ALA G 5 -6.90 -35.78 7.00
N THR G 6 -7.69 -35.57 5.95
CA THR G 6 -7.40 -36.18 4.66
C THR G 6 -6.30 -35.35 4.00
N THR G 7 -6.20 -35.39 2.68
CA THR G 7 -5.12 -34.75 1.95
C THR G 7 -5.76 -33.99 0.82
N ILE G 8 -5.41 -32.73 0.64
CA ILE G 8 -6.04 -31.90 -0.37
C ILE G 8 -5.01 -31.04 -1.11
N PHE G 9 -5.24 -30.83 -2.40
CA PHE G 9 -4.24 -30.26 -3.29
C PHE G 9 -4.95 -29.42 -4.33
N ALA G 10 -4.47 -28.19 -4.52
CA ALA G 10 -5.06 -27.28 -5.48
C ALA G 10 -3.98 -26.67 -6.36
N VAL G 11 -4.34 -26.35 -7.60
CA VAL G 11 -3.38 -25.81 -8.55
C VAL G 11 -4.09 -25.01 -9.61
N GLN G 12 -3.53 -23.83 -9.91
CA GLN G 12 -3.92 -23.04 -11.09
C GLN G 12 -2.83 -23.16 -12.14
N HIS G 13 -3.22 -23.52 -13.35
CA HIS G 13 -2.24 -23.79 -14.40
C HIS G 13 -2.80 -23.53 -15.78
N LYS G 14 -2.46 -22.38 -16.33
CA LYS G 14 -2.95 -22.00 -17.66
C LYS G 14 -4.42 -21.64 -17.58
N GLY G 15 -4.76 -20.76 -16.65
CA GLY G 15 -6.11 -20.26 -16.56
C GLY G 15 -7.10 -21.37 -16.25
N ARG G 16 -6.60 -22.48 -15.72
CA ARG G 16 -7.42 -23.59 -15.28
C ARG G 16 -7.16 -23.72 -13.79
N SER G 17 -8.17 -24.18 -13.07
CA SER G 17 -8.11 -24.33 -11.62
C SER G 17 -8.67 -25.67 -11.27
N ALA G 18 -7.96 -26.41 -10.42
CA ALA G 18 -8.39 -27.76 -10.07
C ALA G 18 -7.98 -28.08 -8.64
N MET G 19 -8.78 -28.92 -7.98
CA MET G 19 -8.53 -29.33 -6.61
C MET G 19 -8.90 -30.80 -6.44
N SER G 20 -7.99 -31.55 -5.83
CA SER G 20 -8.19 -32.96 -5.57
C SER G 20 -8.01 -33.23 -4.10
N GLY G 21 -8.80 -34.19 -3.62
CA GLY G 21 -8.59 -34.78 -2.31
C GLY G 21 -8.68 -36.29 -2.42
N ASP G 22 -8.29 -36.96 -1.35
CA ASP G 22 -8.46 -38.42 -1.24
C ASP G 22 -9.55 -38.64 -0.20
N GLY G 23 -9.85 -39.91 0.08
CA GLY G 23 -10.95 -40.26 0.97
C GLY G 23 -10.60 -41.08 2.20
N GLN G 24 -9.33 -41.20 2.53
CA GLN G 24 -8.91 -42.03 3.67
C GLN G 24 -9.21 -41.28 4.97
N VAL G 25 -9.96 -41.94 5.85
CA VAL G 25 -10.29 -41.38 7.14
C VAL G 25 -9.76 -42.35 8.16
N THR G 26 -8.66 -41.97 8.80
CA THR G 26 -8.00 -42.79 9.77
C THR G 26 -8.30 -42.26 11.14
N PHE G 27 -8.44 -43.18 12.10
CA PHE G 27 -8.71 -42.88 13.49
C PHE G 27 -7.54 -43.48 14.24
N GLY G 28 -6.92 -42.66 15.07
CA GLY G 28 -5.84 -43.12 15.93
C GLY G 28 -4.57 -43.21 15.11
N GLN G 29 -3.69 -44.09 15.58
CA GLN G 29 -2.42 -44.41 14.93
C GLN G 29 -2.56 -44.89 13.48
N ALA G 30 -3.47 -45.84 13.27
CA ALA G 30 -3.36 -46.75 12.14
C ALA G 30 -4.65 -47.40 11.65
N VAL G 31 -5.82 -46.79 11.88
CA VAL G 31 -7.07 -47.50 11.60
C VAL G 31 -7.97 -46.75 10.64
N VAL G 32 -8.29 -47.38 9.51
CA VAL G 32 -9.11 -46.74 8.49
C VAL G 32 -10.56 -47.10 8.72
N MET G 33 -11.43 -46.11 8.68
CA MET G 33 -12.87 -46.27 8.89
C MET G 33 -13.63 -46.10 7.57
N LYS G 34 -13.36 -44.99 6.89
CA LYS G 34 -13.96 -44.70 5.59
C LYS G 34 -12.88 -44.57 4.54
N HIS G 35 -13.14 -45.10 3.35
CA HIS G 35 -12.20 -44.98 2.23
C HIS G 35 -12.51 -43.89 1.18
N THR G 36 -13.72 -43.32 1.18
CA THR G 36 -14.14 -42.41 0.11
C THR G 36 -14.74 -41.09 0.60
N ALA G 37 -14.08 -40.43 1.54
CA ALA G 37 -14.54 -39.13 1.99
C ALA G 37 -14.52 -38.09 0.85
N ARG G 38 -15.46 -37.17 0.92
CA ARG G 38 -15.51 -36.02 0.01
C ARG G 38 -15.11 -34.77 0.79
N LYS G 39 -13.86 -34.34 0.67
CA LYS G 39 -13.42 -33.20 1.43
C LYS G 39 -13.09 -32.03 0.52
N VAL G 40 -13.71 -32.07 -0.67
CA VAL G 40 -13.57 -31.05 -1.72
C VAL G 40 -14.95 -30.72 -2.30
N ARG G 41 -15.42 -29.51 -2.05
CA ARG G 41 -16.73 -29.11 -2.53
C ARG G 41 -16.66 -27.83 -3.40
N LYS G 42 -17.74 -27.57 -4.14
CA LYS G 42 -17.92 -26.35 -4.96
C LYS G 42 -18.89 -25.39 -4.26
N LEU G 43 -18.41 -24.22 -3.84
CA LEU G 43 -19.30 -23.21 -3.25
C LEU G 43 -19.68 -22.12 -4.26
N PHE G 44 -20.69 -21.32 -3.92
CA PHE G 44 -20.92 -20.04 -4.56
C PHE G 44 -21.23 -20.21 -6.06
N ASN G 45 -22.33 -20.91 -6.33
CA ASN G 45 -22.80 -21.14 -7.69
C ASN G 45 -21.77 -21.77 -8.61
N GLY G 46 -20.80 -22.45 -8.01
CA GLY G 46 -19.78 -23.16 -8.77
C GLY G 46 -18.54 -22.35 -9.07
N LYS G 47 -18.46 -21.15 -8.52
CA LYS G 47 -17.36 -20.22 -8.81
C LYS G 47 -16.15 -20.33 -7.86
N VAL G 48 -16.30 -21.06 -6.76
CA VAL G 48 -15.14 -21.36 -5.89
C VAL G 48 -15.04 -22.85 -5.54
N LEU G 49 -13.81 -23.29 -5.30
CA LEU G 49 -13.54 -24.62 -4.80
C LEU G 49 -13.01 -24.46 -3.40
N ALA G 50 -13.69 -25.10 -2.45
CA ALA G 50 -13.27 -25.07 -1.08
C ALA G 50 -12.82 -26.47 -0.66
N GLY G 51 -11.77 -26.55 0.14
CA GLY G 51 -11.25 -27.82 0.58
C GLY G 51 -10.90 -27.75 2.05
N PHE G 52 -11.66 -28.46 2.88
CA PHE G 52 -11.37 -28.57 4.31
C PHE G 52 -11.22 -30.03 4.67
N ALA G 53 -10.26 -30.34 5.55
CA ALA G 53 -9.82 -31.71 5.74
C ALA G 53 -10.38 -32.34 7.02
N GLY G 54 -10.73 -31.50 7.98
CA GLY G 54 -11.26 -31.95 9.23
C GLY G 54 -12.71 -32.41 9.11
N SER G 55 -13.41 -32.30 10.24
CA SER G 55 -14.68 -32.96 10.42
C SER G 55 -15.76 -32.21 9.69
N VAL G 56 -16.85 -32.91 9.41
CA VAL G 56 -17.96 -32.37 8.64
C VAL G 56 -18.63 -31.17 9.33
N ALA G 57 -18.88 -31.25 10.64
CA ALA G 57 -19.51 -30.15 11.38
C ALA G 57 -18.72 -28.84 11.33
N ASP G 58 -17.40 -28.94 11.35
CA ASP G 58 -16.57 -27.76 11.30
C ASP G 58 -16.58 -27.24 9.87
N ALA G 59 -16.63 -28.19 8.92
CA ALA G 59 -16.62 -27.91 7.50
C ALA G 59 -17.81 -27.05 7.08
N PHE G 60 -18.99 -27.40 7.59
CA PHE G 60 -20.23 -26.66 7.33
C PHE G 60 -20.24 -25.31 8.03
N THR G 61 -19.79 -25.26 9.28
CA THR G 61 -19.69 -23.96 9.93
C THR G 61 -18.81 -23.02 9.12
N LEU G 62 -17.74 -23.57 8.54
CA LEU G 62 -16.74 -22.76 7.84
C LEU G 62 -17.15 -22.48 6.41
N PHE G 63 -17.93 -23.37 5.80
CA PHE G 63 -18.47 -23.11 4.47
C PHE G 63 -19.69 -22.17 4.53
N GLU G 64 -20.36 -22.12 5.67
CA GLU G 64 -21.46 -21.17 5.85
C GLU G 64 -20.91 -19.77 6.10
N LYS G 65 -19.98 -19.65 7.05
CA LYS G 65 -19.35 -18.38 7.39
C LYS G 65 -18.55 -17.77 6.24
N PHE G 66 -18.11 -18.59 5.28
CA PHE G 66 -17.36 -18.11 4.11
C PHE G 66 -18.34 -17.59 3.04
N GLU G 67 -19.32 -18.42 2.70
CA GLU G 67 -20.48 -18.03 1.87
C GLU G 67 -21.07 -16.63 2.22
N ALA G 68 -21.36 -16.40 3.51
CA ALA G 68 -21.92 -15.13 3.99
C ALA G 68 -20.95 -13.97 3.78
N LYS G 69 -19.65 -14.25 3.90
CA LYS G 69 -18.62 -13.24 3.71
C LYS G 69 -18.44 -12.86 2.25
N LEU G 70 -18.70 -13.83 1.35
CA LEU G 70 -18.61 -13.62 -0.10
C LEU G 70 -19.80 -12.80 -0.65
N GLU G 71 -21.00 -13.12 -0.18
CA GLU G 71 -22.18 -12.36 -0.58
C GLU G 71 -22.19 -11.00 0.13
N GLU G 72 -21.32 -10.85 1.13
CA GLU G 72 -21.10 -9.57 1.80
C GLU G 72 -20.06 -8.73 1.05
N TYR G 73 -19.01 -9.37 0.56
CA TYR G 73 -17.96 -8.64 -0.13
C TYR G 73 -17.91 -8.98 -1.62
N ASN G 74 -19.09 -9.15 -2.22
CA ASN G 74 -19.26 -9.29 -3.66
C ASN G 74 -18.26 -10.23 -4.39
N GLY G 75 -17.84 -11.30 -3.71
CA GLY G 75 -17.04 -12.35 -4.32
C GLY G 75 -15.53 -12.14 -4.34
N ASN G 76 -15.08 -11.04 -3.72
CA ASN G 76 -13.68 -10.78 -3.47
C ASN G 76 -13.17 -11.87 -2.53
N LEU G 77 -12.32 -12.75 -3.04
CA LEU G 77 -11.90 -13.90 -2.28
C LEU G 77 -10.88 -13.55 -1.22
N LYS G 78 -10.02 -12.58 -1.47
CA LYS G 78 -9.03 -12.20 -0.45
C LYS G 78 -9.71 -11.53 0.74
N ARG G 79 -10.78 -10.80 0.49
CA ARG G 79 -11.43 -10.03 1.54
C ARG G 79 -12.25 -10.93 2.46
N ALA G 80 -12.97 -11.88 1.86
CA ALA G 80 -13.78 -12.81 2.60
C ALA G 80 -12.90 -13.74 3.42
N ALA G 81 -11.76 -14.13 2.86
CA ALA G 81 -10.86 -15.04 3.57
C ALA G 81 -10.18 -14.34 4.76
N VAL G 82 -9.85 -13.06 4.60
CA VAL G 82 -9.15 -12.33 5.65
C VAL G 82 -10.08 -12.19 6.83
N GLU G 83 -11.35 -11.93 6.56
CA GLU G 83 -12.34 -11.71 7.62
C GLU G 83 -12.81 -13.03 8.23
N LEU G 84 -12.72 -14.12 7.47
CA LEU G 84 -13.02 -15.45 8.01
C LEU G 84 -11.96 -15.86 9.02
N ALA G 85 -10.72 -15.50 8.70
CA ALA G 85 -9.57 -15.78 9.56
C ALA G 85 -9.70 -15.01 10.85
N LYS G 86 -10.20 -13.77 10.76
CA LYS G 86 -10.40 -12.92 11.94
C LYS G 86 -11.46 -13.50 12.87
N GLU G 87 -12.56 -13.97 12.28
CA GLU G 87 -13.65 -14.64 13.02
C GLU G 87 -13.19 -16.00 13.61
N TRP G 88 -12.35 -16.71 12.84
CA TRP G 88 -11.92 -18.07 13.15
C TRP G 88 -10.90 -18.05 14.29
N ARG G 89 -9.93 -17.14 14.22
CA ARG G 89 -8.91 -17.04 15.27
C ARG G 89 -9.47 -16.43 16.54
N SER G 90 -10.62 -15.77 16.44
CA SER G 90 -11.27 -15.19 17.63
C SER G 90 -12.35 -16.10 18.26
N ASP G 91 -12.63 -17.24 17.63
CA ASP G 91 -13.60 -18.22 18.14
C ASP G 91 -12.89 -19.15 19.12
N LYS G 92 -13.43 -19.22 20.33
CA LYS G 92 -12.76 -19.91 21.44
C LYS G 92 -12.47 -21.39 21.11
N VAL G 93 -13.37 -22.03 20.36
CA VAL G 93 -13.27 -23.47 20.05
C VAL G 93 -12.49 -23.75 18.76
N LEU G 94 -12.97 -23.15 17.65
CA LEU G 94 -12.46 -23.41 16.30
C LEU G 94 -11.01 -22.99 16.09
N ARG G 95 -10.57 -21.99 16.83
CA ARG G 95 -9.19 -21.50 16.70
C ARG G 95 -8.14 -22.61 16.74
N LYS G 96 -8.41 -23.63 17.57
CA LYS G 96 -7.47 -24.72 17.86
C LYS G 96 -7.38 -25.79 16.78
N LEU G 97 -8.36 -25.83 15.88
CA LEU G 97 -8.32 -26.74 14.76
C LEU G 97 -6.99 -26.67 13.98
N GLU G 98 -6.22 -27.74 14.09
CA GLU G 98 -5.01 -27.91 13.30
C GLU G 98 -5.29 -28.07 11.81
N ALA G 99 -6.50 -28.50 11.46
CA ALA G 99 -6.86 -28.67 10.05
C ALA G 99 -7.10 -27.29 9.39
N MET G 100 -6.77 -27.19 8.10
CA MET G 100 -6.78 -25.90 7.44
C MET G 100 -7.74 -25.92 6.27
N LEU G 101 -7.97 -24.74 5.71
CA LEU G 101 -8.96 -24.50 4.67
C LEU G 101 -8.29 -23.98 3.44
N ILE G 102 -8.64 -24.52 2.27
CA ILE G 102 -8.21 -23.92 0.99
C ILE G 102 -9.43 -23.44 0.18
N VAL G 103 -9.40 -22.18 -0.24
CA VAL G 103 -10.45 -21.59 -1.05
C VAL G 103 -9.81 -21.06 -2.32
N MET G 104 -10.52 -21.13 -3.44
CA MET G 104 -9.93 -20.69 -4.69
C MET G 104 -10.99 -20.38 -5.74
N ASN G 105 -10.80 -19.29 -6.49
CA ASN G 105 -11.64 -18.98 -7.65
C ASN G 105 -10.82 -18.69 -8.91
N GLN G 106 -11.50 -18.39 -10.00
CA GLN G 106 -10.85 -18.09 -11.28
C GLN G 106 -9.51 -17.35 -11.17
N ASP G 107 -9.40 -16.40 -10.24
CA ASP G 107 -8.26 -15.49 -10.15
C ASP G 107 -7.18 -15.96 -9.19
N THR G 108 -7.58 -16.38 -8.00
CA THR G 108 -6.59 -16.68 -6.96
C THR G 108 -6.86 -17.86 -6.05
N LEU G 109 -5.90 -18.10 -5.18
CA LEU G 109 -5.75 -19.33 -4.42
C LEU G 109 -5.23 -19.02 -3.03
N LEU G 110 -5.96 -19.43 -2.01
CA LEU G 110 -5.66 -19.02 -0.63
C LEU G 110 -5.68 -20.18 0.36
N LEU G 111 -4.81 -20.13 1.36
CA LEU G 111 -4.86 -21.08 2.48
C LEU G 111 -5.15 -20.31 3.76
N VAL G 112 -6.12 -20.77 4.53
CA VAL G 112 -6.58 -20.08 5.72
C VAL G 112 -6.49 -21.04 6.90
N SER G 113 -5.86 -20.58 7.98
CA SER G 113 -5.74 -21.32 9.22
C SER G 113 -6.58 -20.70 10.32
N GLY G 114 -6.74 -21.42 11.41
CA GLY G 114 -7.49 -20.92 12.53
C GLY G 114 -6.65 -20.10 13.50
N THR G 115 -5.34 -19.99 13.20
CA THR G 115 -4.43 -19.06 13.88
C THR G 115 -4.48 -17.75 13.15
N GLY G 116 -5.27 -17.69 12.09
CA GLY G 116 -5.52 -16.44 11.42
C GLY G 116 -4.70 -16.19 10.15
N GLU G 117 -3.92 -17.17 9.71
CA GLU G 117 -3.12 -17.02 8.51
C GLU G 117 -3.98 -16.93 7.28
N VAL G 118 -3.55 -16.12 6.33
CA VAL G 118 -4.03 -16.24 4.97
C VAL G 118 -2.81 -16.19 4.05
N ILE G 119 -2.65 -17.22 3.23
CA ILE G 119 -1.43 -17.36 2.47
C ILE G 119 -1.74 -17.68 1.03
N GLU G 120 -1.15 -16.87 0.17
CA GLU G 120 -1.30 -17.03 -1.24
C GLU G 120 0.04 -17.53 -1.71
N PRO G 121 0.07 -18.62 -2.48
CA PRO G 121 1.34 -19.19 -2.93
C PRO G 121 1.88 -18.40 -4.11
N ASP G 122 3.18 -18.44 -4.33
CA ASP G 122 3.79 -17.73 -5.44
C ASP G 122 3.90 -18.59 -6.69
N ASP G 123 3.41 -19.81 -6.64
CA ASP G 123 3.53 -20.71 -7.78
C ASP G 123 2.21 -21.40 -8.06
N GLY G 124 1.11 -20.77 -7.68
CA GLY G 124 -0.21 -21.25 -8.00
C GLY G 124 -0.46 -22.67 -7.52
N ILE G 125 0.18 -23.08 -6.41
CA ILE G 125 -0.09 -24.37 -5.75
C ILE G 125 -0.16 -24.30 -4.21
N LEU G 126 -1.15 -25.01 -3.65
CA LEU G 126 -1.25 -25.28 -2.21
C LEU G 126 -1.61 -26.73 -2.00
N ALA G 127 -1.19 -27.28 -0.85
CA ALA G 127 -1.63 -28.61 -0.42
C ALA G 127 -1.70 -28.70 1.09
N ILE G 128 -2.75 -29.30 1.62
CA ILE G 128 -2.84 -29.47 3.07
C ILE G 128 -3.14 -30.89 3.45
N GLY G 129 -2.91 -31.19 4.72
CA GLY G 129 -3.35 -32.46 5.28
C GLY G 129 -2.23 -33.46 5.51
N SER G 130 -2.64 -34.63 6.02
CA SER G 130 -1.74 -35.78 6.25
C SER G 130 -0.60 -35.90 5.26
N GLY G 131 -0.96 -35.88 3.99
CA GLY G 131 -0.01 -36.09 2.91
C GLY G 131 0.29 -34.86 2.11
N GLY G 132 -0.26 -33.73 2.54
CA GLY G 132 -0.17 -32.47 1.82
C GLY G 132 1.22 -32.21 1.28
N ASN G 133 2.22 -32.31 2.12
CA ASN G 133 3.58 -31.99 1.72
C ASN G 133 4.14 -32.85 0.57
N TYR G 134 3.65 -34.09 0.49
CA TYR G 134 4.01 -35.00 -0.61
C TYR G 134 3.33 -34.63 -1.92
N ALA G 135 2.05 -34.30 -1.85
CA ALA G 135 1.35 -33.78 -3.02
C ALA G 135 1.96 -32.45 -3.47
N LEU G 136 2.50 -31.69 -2.54
CA LEU G 136 3.10 -30.41 -2.85
C LEU G 136 4.36 -30.58 -3.66
N ALA G 137 5.25 -31.42 -3.16
CA ALA G 137 6.49 -31.72 -3.90
C ALA G 137 6.17 -32.36 -5.26
N ALA G 138 5.14 -33.20 -5.27
CA ALA G 138 4.67 -33.89 -6.48
C ALA G 138 4.09 -32.92 -7.48
N GLY G 139 3.39 -31.90 -7.00
CA GLY G 139 2.72 -30.92 -7.84
C GLY G 139 3.64 -29.85 -8.37
N ARG G 140 4.58 -29.39 -7.53
CA ARG G 140 5.53 -28.36 -7.94
C ARG G 140 6.49 -28.91 -8.99
N ALA G 141 6.75 -30.21 -8.92
CA ALA G 141 7.74 -30.80 -9.81
C ALA G 141 7.17 -30.92 -11.19
N LEU G 142 5.94 -31.43 -11.27
CA LEU G 142 5.25 -31.64 -12.54
C LEU G 142 4.95 -30.32 -13.23
N LYS G 143 4.56 -29.33 -12.44
CA LYS G 143 4.25 -28.00 -12.96
C LYS G 143 5.49 -27.35 -13.54
N LYS G 144 6.56 -27.32 -12.77
CA LYS G 144 7.81 -26.70 -13.22
C LYS G 144 8.38 -27.37 -14.47
N HIS G 145 8.51 -28.70 -14.41
CA HIS G 145 9.30 -29.48 -15.39
C HIS G 145 8.50 -30.22 -16.46
N ALA G 146 7.22 -30.50 -16.19
CA ALA G 146 6.35 -31.21 -17.16
C ALA G 146 5.08 -30.44 -17.49
N GLY G 147 5.01 -29.19 -17.03
CA GLY G 147 3.80 -28.41 -17.10
C GLY G 147 3.31 -28.07 -18.51
N GLU G 148 4.20 -28.17 -19.49
CA GLU G 148 3.82 -27.95 -20.88
C GLU G 148 2.84 -29.03 -21.36
N SER G 149 3.17 -30.30 -21.13
CA SER G 149 2.32 -31.39 -21.60
C SER G 149 1.34 -31.92 -20.52
N MET G 150 0.88 -31.04 -19.63
CA MET G 150 -0.07 -31.42 -18.56
C MET G 150 -1.07 -30.32 -18.14
N SER G 151 -2.34 -30.71 -17.98
CA SER G 151 -3.38 -29.77 -17.56
C SER G 151 -3.46 -29.70 -16.04
N ALA G 152 -4.20 -28.72 -15.52
CA ALA G 152 -4.24 -28.48 -14.10
C ALA G 152 -4.79 -29.72 -13.41
N SER G 153 -5.94 -30.17 -13.90
CA SER G 153 -6.62 -31.32 -13.34
C SER G 153 -5.75 -32.57 -13.44
N GLU G 154 -5.01 -32.70 -14.53
CA GLU G 154 -4.10 -33.84 -14.70
C GLU G 154 -3.00 -33.82 -13.62
N ILE G 155 -2.55 -32.60 -13.28
CA ILE G 155 -1.57 -32.39 -12.21
C ILE G 155 -2.15 -32.65 -10.82
N ALA G 156 -3.36 -32.17 -10.57
CA ALA G 156 -4.02 -32.42 -9.30
C ALA G 156 -4.15 -33.91 -9.06
N ARG G 157 -4.58 -34.62 -10.09
CA ARG G 157 -4.83 -36.05 -9.98
C ARG G 157 -3.51 -36.77 -9.74
N ALA G 158 -2.46 -36.29 -10.41
CA ALA G 158 -1.16 -36.94 -10.37
C ALA G 158 -0.46 -36.70 -9.05
N ALA G 159 -0.73 -35.53 -8.48
CA ALA G 159 -0.14 -35.15 -7.22
C ALA G 159 -0.77 -35.91 -6.05
N LEU G 160 -2.05 -36.24 -6.16
CA LEU G 160 -2.72 -37.01 -5.11
C LEU G 160 -2.52 -38.53 -5.26
N GLU G 161 -1.90 -38.95 -6.36
CA GLU G 161 -1.60 -40.36 -6.57
C GLU G 161 -0.22 -40.63 -6.05
N THR G 162 0.71 -39.79 -6.49
CA THR G 162 2.06 -39.80 -6.00
C THR G 162 2.02 -39.84 -4.47
N ALA G 163 1.20 -38.95 -3.90
CA ALA G 163 1.06 -38.81 -2.45
C ALA G 163 0.54 -40.07 -1.77
N GLY G 164 -0.55 -40.61 -2.30
CA GLY G 164 -1.18 -41.83 -1.78
C GLY G 164 -0.36 -43.12 -1.88
N GLU G 165 0.63 -43.09 -2.76
CA GLU G 165 1.57 -44.16 -2.95
C GLU G 165 2.67 -44.14 -1.88
N ILE G 166 3.05 -42.96 -1.38
CA ILE G 166 4.06 -42.95 -0.32
C ILE G 166 3.54 -42.65 1.08
N CYS G 167 2.45 -41.92 1.20
CA CYS G 167 1.89 -41.62 2.52
C CYS G 167 0.84 -42.68 2.93
N VAL G 168 1.01 -43.23 4.14
CA VAL G 168 0.14 -44.27 4.64
C VAL G 168 -1.21 -43.72 5.09
N TYR G 169 -1.25 -42.41 5.36
CA TYR G 169 -2.47 -41.69 5.73
C TYR G 169 -3.21 -41.16 4.51
N THR G 170 -2.63 -41.31 3.32
CA THR G 170 -3.33 -40.95 2.09
C THR G 170 -3.53 -42.18 1.16
N ASN G 171 -4.72 -42.23 0.58
CA ASN G 171 -5.08 -43.36 -0.27
C ASN G 171 -5.33 -42.91 -1.72
N ASP G 172 -5.91 -43.80 -2.51
CA ASP G 172 -6.10 -43.55 -3.93
C ASP G 172 -7.56 -43.31 -4.33
N GLN G 173 -8.45 -43.10 -3.36
CA GLN G 173 -9.87 -42.86 -3.68
C GLN G 173 -10.08 -41.38 -3.87
N ILE G 174 -9.74 -40.91 -5.06
CA ILE G 174 -9.56 -39.49 -5.30
C ILE G 174 -10.81 -38.81 -5.79
N ILE G 175 -11.07 -37.61 -5.27
CA ILE G 175 -12.18 -36.76 -5.73
C ILE G 175 -11.57 -35.55 -6.36
N LEU G 176 -12.12 -35.12 -7.51
CA LEU G 176 -11.51 -34.03 -8.28
C LEU G 176 -12.54 -33.06 -8.88
N GLU G 177 -12.47 -31.79 -8.45
CA GLU G 177 -13.34 -30.75 -8.98
C GLU G 177 -12.56 -29.69 -9.80
N GLU G 178 -13.23 -29.03 -10.75
CA GLU G 178 -12.63 -27.90 -11.52
C GLU G 178 -13.56 -26.70 -11.73
N LEU G 179 -12.95 -25.54 -11.97
CA LEU G 179 -13.68 -24.36 -12.42
C LEU G 179 -13.68 -24.31 -13.94
N GLU G 180 -14.53 -23.46 -14.48
CA GLU G 180 -14.60 -23.27 -15.94
C GLU G 180 -14.33 -21.81 -16.32
N SER H 1 1.69 -21.97 17.40
CA SER H 1 1.59 -21.99 15.91
C SER H 1 2.78 -22.73 15.25
N SER H 2 2.46 -23.62 14.30
CA SER H 2 3.46 -24.28 13.46
C SER H 2 4.08 -23.33 12.39
N PHE H 3 3.45 -22.18 12.13
CA PHE H 3 4.06 -21.18 11.25
C PHE H 3 5.15 -20.43 12.00
N HIS H 4 6.36 -20.49 11.47
CA HIS H 4 7.50 -19.75 12.01
C HIS H 4 7.38 -18.30 11.57
N ALA H 5 7.76 -17.38 12.45
CA ALA H 5 7.85 -15.95 12.10
C ALA H 5 8.91 -15.75 11.00
N THR H 6 8.75 -14.69 10.22
CA THR H 6 9.80 -14.33 9.30
C THR H 6 10.88 -13.62 10.13
N THR H 7 11.79 -12.91 9.45
CA THR H 7 12.85 -12.11 10.05
C THR H 7 12.71 -10.64 9.64
N ILE H 8 12.93 -9.75 10.61
CA ILE H 8 12.74 -8.33 10.43
C ILE H 8 13.81 -7.57 11.20
N PHE H 9 14.34 -6.55 10.55
CA PHE H 9 15.46 -5.76 11.07
C PHE H 9 15.11 -4.32 10.86
N ALA H 10 15.50 -3.44 11.78
CA ALA H 10 15.15 -2.02 11.65
C ALA H 10 16.32 -1.17 12.10
N VAL H 11 16.55 -0.03 11.44
CA VAL H 11 17.70 0.81 11.81
C VAL H 11 17.55 2.30 11.53
N GLN H 12 17.92 3.10 12.54
CA GLN H 12 18.09 4.56 12.40
C GLN H 12 19.57 4.81 12.22
N HIS H 13 19.95 5.62 11.23
CA HIS H 13 21.36 5.80 10.88
C HIS H 13 21.63 6.99 9.95
N LYS H 14 22.44 7.92 10.47
CA LYS H 14 22.68 9.20 9.81
C LYS H 14 21.36 9.89 9.45
N GLY H 15 20.42 9.89 10.39
CA GLY H 15 19.14 10.55 10.18
C GLY H 15 18.28 9.92 9.11
N ARG H 16 18.52 8.64 8.81
CA ARG H 16 17.70 7.90 7.86
C ARG H 16 17.03 6.74 8.61
N SER H 17 15.87 6.30 8.13
CA SER H 17 15.11 5.24 8.78
C SER H 17 14.76 4.15 7.77
N ALA H 18 15.24 2.92 8.02
CA ALA H 18 14.96 1.79 7.16
C ALA H 18 14.49 0.57 7.97
N MET H 19 13.69 -0.27 7.32
CA MET H 19 13.22 -1.55 7.87
C MET H 19 13.15 -2.60 6.77
N SER H 20 13.64 -3.79 7.06
CA SER H 20 13.63 -4.85 6.07
C SER H 20 13.14 -6.16 6.65
N GLY H 21 12.84 -7.09 5.75
CA GLY H 21 12.41 -8.40 6.16
C GLY H 21 12.46 -9.34 4.99
N ASP H 22 12.43 -10.62 5.27
CA ASP H 22 12.38 -11.59 4.19
C ASP H 22 10.93 -11.99 4.01
N GLY H 23 10.71 -12.95 3.13
CA GLY H 23 9.38 -13.46 2.84
C GLY H 23 9.19 -14.95 3.06
N GLN H 24 10.15 -15.67 3.67
CA GLN H 24 9.96 -17.12 3.96
C GLN H 24 8.88 -17.39 5.00
N VAL H 25 7.86 -18.14 4.60
CA VAL H 25 6.83 -18.58 5.52
C VAL H 25 6.96 -20.09 5.70
N THR H 26 7.40 -20.51 6.89
CA THR H 26 7.59 -21.92 7.14
C THR H 26 6.44 -22.47 7.98
N PHE H 27 5.93 -23.64 7.58
CA PHE H 27 4.90 -24.34 8.34
C PHE H 27 5.53 -25.60 8.90
N GLY H 28 5.21 -25.90 10.15
CA GLY H 28 5.85 -26.97 10.88
C GLY H 28 7.35 -26.73 11.03
N GLN H 29 8.08 -27.80 11.22
CA GLN H 29 9.52 -27.75 11.26
C GLN H 29 10.12 -27.21 9.95
N ALA H 30 9.64 -27.71 8.81
CA ALA H 30 10.47 -27.61 7.60
C ALA H 30 9.85 -27.16 6.28
N VAL H 31 8.55 -26.94 6.18
CA VAL H 31 7.95 -26.82 4.86
C VAL H 31 7.68 -25.36 4.46
N VAL H 32 8.43 -24.86 3.49
CA VAL H 32 8.21 -23.48 3.03
C VAL H 32 6.95 -23.43 2.16
N MET H 33 5.96 -22.66 2.62
CA MET H 33 4.68 -22.50 1.94
C MET H 33 4.69 -21.37 0.92
N LYS H 34 5.38 -20.29 1.26
CA LYS H 34 5.45 -19.08 0.47
C LYS H 34 6.83 -18.51 0.71
N HIS H 35 7.33 -17.72 -0.26
CA HIS H 35 8.69 -17.19 -0.28
C HIS H 35 8.75 -15.68 -0.28
N THR H 36 7.68 -15.03 -0.79
CA THR H 36 7.62 -13.57 -0.99
C THR H 36 6.70 -12.79 -0.03
N ALA H 37 6.55 -13.20 1.23
CA ALA H 37 5.60 -12.54 2.12
C ALA H 37 5.98 -11.09 2.44
N ARG H 38 4.98 -10.22 2.60
CA ARG H 38 5.18 -8.83 3.02
C ARG H 38 4.82 -8.67 4.48
N LYS H 39 5.81 -8.35 5.30
CA LYS H 39 5.59 -8.26 6.73
C LYS H 39 5.94 -6.88 7.25
N VAL H 40 6.25 -6.00 6.33
CA VAL H 40 6.68 -4.65 6.62
C VAL H 40 5.81 -3.66 5.81
N ARG H 41 5.04 -2.83 6.50
CA ARG H 41 4.07 -1.92 5.87
C ARG H 41 4.30 -0.51 6.34
N LYS H 42 3.76 0.45 5.59
CA LYS H 42 3.68 1.82 6.06
C LYS H 42 2.29 2.03 6.63
N LEU H 43 2.22 2.68 7.79
CA LEU H 43 0.98 3.13 8.39
C LEU H 43 0.98 4.66 8.44
N PHE H 44 -0.19 5.26 8.68
CA PHE H 44 -0.26 6.68 9.08
C PHE H 44 0.22 7.68 8.02
N ASN H 45 -0.23 7.49 6.77
CA ASN H 45 0.21 8.32 5.64
C ASN H 45 1.70 8.22 5.39
N GLY H 46 2.23 7.01 5.56
CA GLY H 46 3.64 6.74 5.36
C GLY H 46 4.60 7.52 6.22
N LYS H 47 4.21 7.79 7.47
CA LYS H 47 5.07 8.47 8.45
C LYS H 47 5.70 7.48 9.43
N VAL H 48 5.08 6.33 9.62
CA VAL H 48 5.65 5.26 10.48
C VAL H 48 5.79 3.94 9.73
N LEU H 49 6.82 3.19 10.11
CA LEU H 49 7.07 1.89 9.52
C LEU H 49 6.73 0.79 10.52
N ALA H 50 5.94 -0.19 10.11
CA ALA H 50 5.55 -1.24 11.04
C ALA H 50 5.96 -2.61 10.52
N GLY H 51 6.61 -3.38 11.38
CA GLY H 51 7.06 -4.74 11.05
C GLY H 51 6.53 -5.73 12.05
N PHE H 52 5.60 -6.57 11.63
CA PHE H 52 5.08 -7.61 12.49
C PHE H 52 5.22 -8.91 11.72
N ALA H 53 5.71 -9.95 12.39
CA ALA H 53 6.19 -11.14 11.69
C ALA H 53 5.19 -12.30 11.62
N GLY H 54 4.00 -12.08 12.19
CA GLY H 54 3.02 -13.12 12.38
C GLY H 54 1.96 -13.24 11.30
N SER H 55 0.79 -13.65 11.73
CA SER H 55 -0.27 -13.98 10.82
C SER H 55 -0.87 -12.70 10.27
N VAL H 56 -1.50 -12.80 9.10
CA VAL H 56 -2.13 -11.64 8.49
C VAL H 56 -3.16 -11.06 9.46
N ALA H 57 -4.12 -11.86 9.88
CA ALA H 57 -5.28 -11.36 10.65
C ALA H 57 -4.93 -10.72 12.01
N ASP H 58 -3.75 -11.02 12.51
CA ASP H 58 -3.29 -10.45 13.78
C ASP H 58 -2.69 -9.10 13.50
N ALA H 59 -1.85 -9.08 12.47
CA ALA H 59 -1.21 -7.87 12.00
C ALA H 59 -2.23 -6.77 11.71
N PHE H 60 -3.40 -7.13 11.17
CA PHE H 60 -4.41 -6.14 10.81
C PHE H 60 -5.27 -5.72 12.01
N THR H 61 -5.17 -6.46 13.11
CA THR H 61 -5.79 -6.06 14.38
C THR H 61 -4.86 -5.18 15.21
N LEU H 62 -3.56 -5.29 14.97
CA LEU H 62 -2.56 -4.55 15.74
C LEU H 62 -2.22 -3.26 15.02
N PHE H 63 -2.20 -3.33 13.70
CA PHE H 63 -2.08 -2.14 12.88
C PHE H 63 -3.31 -1.26 13.09
N GLU H 64 -4.51 -1.83 13.08
CA GLU H 64 -5.73 -1.05 13.30
C GLU H 64 -5.88 -0.47 14.69
N LYS H 65 -5.24 -1.07 15.68
CA LYS H 65 -5.33 -0.57 17.05
C LYS H 65 -4.24 0.48 17.27
N PHE H 66 -3.17 0.38 16.49
CA PHE H 66 -2.04 1.29 16.59
C PHE H 66 -2.27 2.54 15.76
N GLU H 67 -2.96 2.38 14.63
CA GLU H 67 -3.39 3.47 13.78
C GLU H 67 -4.36 4.32 14.58
N ALA H 68 -5.29 3.65 15.27
CA ALA H 68 -6.33 4.31 16.05
C ALA H 68 -5.78 4.99 17.31
N LYS H 69 -4.60 4.56 17.77
CA LYS H 69 -3.95 5.20 18.93
C LYS H 69 -2.98 6.32 18.50
N LEU H 70 -2.62 6.39 17.23
CA LEU H 70 -1.82 7.50 16.76
C LEU H 70 -2.70 8.72 16.46
N GLU H 71 -3.97 8.50 16.13
CA GLU H 71 -4.91 9.59 15.84
C GLU H 71 -5.39 10.27 17.12
N GLU H 72 -5.46 9.52 18.20
CA GLU H 72 -5.89 10.06 19.49
C GLU H 72 -4.79 10.91 20.10
N TYR H 73 -3.56 10.40 20.09
CA TYR H 73 -2.38 11.06 20.68
C TYR H 73 -1.47 11.69 19.63
N ASN H 74 -2.09 12.38 18.67
CA ASN H 74 -1.43 13.04 17.52
C ASN H 74 0.04 12.74 17.26
N GLY H 75 0.29 11.49 16.88
CA GLY H 75 1.57 11.09 16.30
C GLY H 75 2.63 10.67 17.28
N ASN H 76 2.37 10.85 18.56
CA ASN H 76 3.33 10.53 19.60
C ASN H 76 3.60 9.03 19.62
N LEU H 77 4.74 8.62 19.09
CA LEU H 77 4.96 7.20 18.93
C LEU H 77 5.06 6.48 20.27
N LYS H 78 5.75 7.10 21.24
CA LYS H 78 6.00 6.44 22.53
C LYS H 78 4.71 6.14 23.26
N ARG H 79 3.75 7.06 23.17
CA ARG H 79 2.49 6.92 23.89
C ARG H 79 1.56 5.94 23.21
N ALA H 80 1.61 5.86 21.89
CA ALA H 80 0.70 4.98 21.17
C ALA H 80 1.12 3.54 21.41
N ALA H 81 2.44 3.31 21.38
CA ALA H 81 3.02 2.00 21.68
C ALA H 81 2.71 1.52 23.09
N VAL H 82 2.74 2.44 24.07
CA VAL H 82 2.48 2.06 25.45
C VAL H 82 1.01 1.69 25.64
N GLU H 83 0.11 2.44 25.01
CA GLU H 83 -1.31 2.16 25.14
C GLU H 83 -1.68 0.88 24.37
N LEU H 84 -1.01 0.67 23.24
CA LEU H 84 -1.17 -0.56 22.46
C LEU H 84 -0.79 -1.78 23.30
N ALA H 85 0.35 -1.66 23.98
CA ALA H 85 0.91 -2.72 24.79
C ALA H 85 -0.02 -3.11 25.92
N LYS H 86 -0.62 -2.12 26.58
CA LYS H 86 -1.57 -2.39 27.66
C LYS H 86 -2.79 -3.15 27.10
N GLU H 87 -3.28 -2.77 25.94
CA GLU H 87 -4.47 -3.41 25.38
C GLU H 87 -4.10 -4.82 24.91
N TRP H 88 -2.94 -4.93 24.30
CA TRP H 88 -2.39 -6.21 23.85
C TRP H 88 -2.22 -7.20 25.05
N ARG H 89 -1.81 -6.68 26.20
CA ARG H 89 -1.43 -7.55 27.31
C ARG H 89 -2.64 -8.10 28.05
N SER H 90 -3.67 -7.27 28.23
CA SER H 90 -4.88 -7.72 28.94
C SER H 90 -5.83 -8.52 28.02
N ASP H 91 -5.53 -8.53 26.72
CA ASP H 91 -6.31 -9.31 25.74
C ASP H 91 -6.01 -10.81 25.89
N LYS H 92 -7.07 -11.61 26.06
CA LYS H 92 -6.94 -13.03 26.43
C LYS H 92 -6.18 -13.88 25.38
N VAL H 93 -6.22 -13.46 24.12
CA VAL H 93 -5.67 -14.27 23.01
C VAL H 93 -4.40 -13.69 22.42
N LEU H 94 -4.46 -12.41 22.12
CA LEU H 94 -3.30 -11.74 21.56
C LEU H 94 -2.09 -11.81 22.52
N ARG H 95 -2.34 -11.63 23.81
CA ARG H 95 -1.30 -11.67 24.85
C ARG H 95 -0.32 -12.81 24.65
N LYS H 96 -0.82 -13.93 24.12
CA LYS H 96 -0.05 -15.16 24.03
C LYS H 96 0.93 -15.21 22.85
N LEU H 97 0.87 -14.23 21.95
CA LEU H 97 1.61 -14.35 20.69
C LEU H 97 3.10 -14.23 20.93
N GLU H 98 3.84 -15.11 20.29
CA GLU H 98 5.28 -15.06 20.35
C GLU H 98 5.81 -14.00 19.40
N ALA H 99 5.01 -13.55 18.44
CA ALA H 99 5.49 -12.58 17.47
C ALA H 99 5.39 -11.10 17.94
N MET H 100 6.50 -10.39 17.90
CA MET H 100 6.53 -9.02 18.39
C MET H 100 6.34 -8.02 17.26
N LEU H 101 6.15 -6.74 17.61
CA LEU H 101 5.95 -5.62 16.68
C LEU H 101 7.12 -4.64 16.78
N ILE H 102 7.66 -4.20 15.65
CA ILE H 102 8.54 -3.05 15.62
C ILE H 102 7.81 -1.89 14.94
N VAL H 103 7.81 -0.73 15.62
CA VAL H 103 7.24 0.51 15.05
C VAL H 103 8.28 1.61 15.11
N MET H 104 8.34 2.41 14.04
CA MET H 104 9.26 3.55 14.01
C MET H 104 8.79 4.73 13.18
N ASN H 105 8.99 5.93 13.71
CA ASN H 105 8.86 7.15 12.95
C ASN H 105 10.24 7.76 12.75
N GLN H 106 10.27 8.91 12.13
CA GLN H 106 11.49 9.64 11.90
C GLN H 106 12.38 9.81 13.13
N ASP H 107 11.78 9.86 14.33
CA ASP H 107 12.49 10.19 15.58
C ASP H 107 13.00 8.99 16.37
N THR H 108 12.20 7.92 16.40
CA THR H 108 12.38 6.84 17.37
C THR H 108 12.07 5.44 16.82
N LEU H 109 12.69 4.46 17.45
CA LEU H 109 12.60 3.05 17.11
C LEU H 109 12.07 2.33 18.32
N LEU H 110 11.15 1.41 18.14
CA LEU H 110 10.43 0.84 19.30
C LEU H 110 9.96 -0.57 19.04
N LEU H 111 10.22 -1.45 20.01
CA LEU H 111 9.75 -2.84 20.02
C LEU H 111 8.57 -3.00 21.00
N VAL H 112 7.51 -3.66 20.57
CA VAL H 112 6.32 -3.88 21.42
C VAL H 112 5.99 -5.36 21.44
N SER H 113 5.57 -5.87 22.58
CA SER H 113 5.21 -7.28 22.75
C SER H 113 3.85 -7.47 23.40
N GLY H 114 3.23 -8.61 23.17
CA GLY H 114 1.98 -8.95 23.84
C GLY H 114 2.05 -9.19 25.34
N THR H 115 3.28 -9.33 25.85
CA THR H 115 3.53 -9.32 27.29
C THR H 115 3.65 -7.90 27.86
N GLY H 116 3.44 -6.89 27.04
CA GLY H 116 3.47 -5.49 27.46
C GLY H 116 4.83 -4.83 27.53
N GLU H 117 5.83 -5.39 26.87
CA GLU H 117 7.13 -4.74 26.79
C GLU H 117 7.10 -3.61 25.73
N VAL H 118 7.75 -2.50 26.03
CA VAL H 118 8.05 -1.43 25.06
C VAL H 118 9.50 -1.01 25.25
N ILE H 119 10.33 -1.25 24.24
CA ILE H 119 11.77 -1.04 24.31
C ILE H 119 12.31 -0.16 23.20
N GLU H 120 12.92 0.95 23.57
CA GLU H 120 13.70 1.79 22.67
C GLU H 120 15.15 1.28 22.73
N PRO H 121 15.73 0.83 21.62
CA PRO H 121 17.09 0.29 21.64
C PRO H 121 18.08 1.41 21.98
N ASP H 122 19.33 1.04 22.25
CA ASP H 122 20.34 2.04 22.62
C ASP H 122 21.19 2.48 21.43
N ASP H 123 21.29 1.61 20.43
CA ASP H 123 22.08 1.91 19.25
C ASP H 123 21.21 1.90 17.96
N GLY H 124 19.96 2.35 18.09
CA GLY H 124 19.03 2.45 16.98
C GLY H 124 18.87 1.23 16.09
N ILE H 125 19.09 0.05 16.65
CA ILE H 125 18.85 -1.17 15.88
C ILE H 125 17.97 -2.11 16.68
N LEU H 126 16.92 -2.61 16.05
CA LEU H 126 16.13 -3.71 16.59
C LEU H 126 16.07 -4.81 15.57
N ALA H 127 15.75 -6.01 15.99
CA ALA H 127 15.44 -7.07 15.04
C ALA H 127 14.60 -8.14 15.72
N ILE H 128 13.80 -8.84 14.95
CA ILE H 128 12.93 -9.88 15.48
C ILE H 128 12.70 -11.01 14.47
N GLY H 129 12.09 -12.08 14.93
CA GLY H 129 11.83 -13.21 14.07
C GLY H 129 12.88 -14.25 14.29
N SER H 130 12.75 -15.37 13.56
CA SER H 130 13.68 -16.51 13.62
C SER H 130 15.15 -16.14 13.62
N GLY H 131 15.53 -15.40 12.59
CA GLY H 131 16.89 -15.00 12.37
C GLY H 131 17.13 -13.57 12.79
N GLY H 132 16.30 -13.05 13.67
CA GLY H 132 16.50 -11.69 14.13
C GLY H 132 17.82 -11.52 14.86
N ASN H 133 18.33 -12.57 15.49
CA ASN H 133 19.56 -12.46 16.23
C ASN H 133 20.73 -12.34 15.29
N TYR H 134 20.67 -13.07 14.19
CA TYR H 134 21.77 -13.12 13.27
C TYR H 134 21.76 -11.84 12.48
N ALA H 135 20.58 -11.27 12.28
CA ALA H 135 20.46 -9.98 11.59
C ALA H 135 20.85 -8.85 12.52
N LEU H 136 20.60 -9.06 13.81
CA LEU H 136 20.94 -8.09 14.82
C LEU H 136 22.45 -8.01 14.93
N ALA H 137 23.14 -9.17 14.87
CA ALA H 137 24.61 -9.17 14.96
C ALA H 137 25.25 -8.53 13.76
N ALA H 138 24.78 -8.91 12.57
CA ALA H 138 25.32 -8.36 11.33
C ALA H 138 25.10 -6.85 11.23
N GLY H 139 23.93 -6.38 11.64
CA GLY H 139 23.57 -4.98 11.54
C GLY H 139 24.35 -4.12 12.51
N ARG H 140 24.64 -4.68 13.67
CA ARG H 140 25.43 -3.99 14.69
C ARG H 140 26.88 -3.85 14.22
N ALA H 141 27.44 -4.95 13.70
CA ALA H 141 28.84 -5.00 13.28
C ALA H 141 29.08 -4.11 12.09
N LEU H 142 28.07 -4.03 11.23
CA LEU H 142 28.14 -3.19 10.06
C LEU H 142 28.07 -1.72 10.48
N LYS H 143 27.13 -1.39 11.34
CA LYS H 143 26.96 -0.01 11.79
C LYS H 143 28.19 0.56 12.46
N LYS H 144 28.94 -0.27 13.19
CA LYS H 144 29.96 0.22 14.10
C LYS H 144 31.31 0.31 13.40
N HIS H 145 31.74 -0.82 12.87
CA HIS H 145 33.08 -0.95 12.29
C HIS H 145 33.10 -0.57 10.81
N ALA H 146 31.97 -0.07 10.30
CA ALA H 146 31.89 0.34 8.89
C ALA H 146 30.65 1.18 8.52
N GLY H 147 30.07 1.90 9.47
CA GLY H 147 28.87 2.69 9.22
C GLY H 147 29.07 4.01 8.50
N GLU H 148 30.32 4.33 8.14
CA GLU H 148 30.62 5.62 7.54
C GLU H 148 30.62 5.57 6.01
N SER H 149 30.42 4.38 5.45
CA SER H 149 30.25 4.23 4.00
C SER H 149 28.90 3.58 3.64
N MET H 150 28.05 3.32 4.63
CA MET H 150 26.77 2.65 4.40
C MET H 150 25.58 3.45 4.93
N SER H 151 24.54 3.53 4.10
CA SER H 151 23.31 4.22 4.48
C SER H 151 22.44 3.26 5.30
N ALA H 152 21.48 3.82 6.02
CA ALA H 152 20.55 2.99 6.81
C ALA H 152 19.98 1.87 5.97
N SER H 153 19.53 2.21 4.76
CA SER H 153 18.83 1.25 3.92
C SER H 153 19.80 0.20 3.35
N GLU H 154 21.06 0.57 3.13
CA GLU H 154 22.06 -0.38 2.61
C GLU H 154 22.38 -1.39 3.70
N ILE H 155 22.25 -0.98 4.96
CA ILE H 155 22.50 -1.88 6.10
C ILE H 155 21.32 -2.80 6.37
N ALA H 156 20.10 -2.31 6.18
CA ALA H 156 18.94 -3.12 6.52
C ALA H 156 18.87 -4.27 5.55
N ARG H 157 19.47 -4.06 4.38
CA ARG H 157 19.55 -5.04 3.32
C ARG H 157 20.59 -6.09 3.68
N ALA H 158 21.79 -5.64 4.03
CA ALA H 158 22.92 -6.54 4.31
C ALA H 158 22.67 -7.41 5.54
N ALA H 159 22.15 -6.81 6.60
CA ALA H 159 21.78 -7.54 7.79
C ALA H 159 20.87 -8.69 7.43
N LEU H 160 19.84 -8.41 6.62
CA LEU H 160 18.84 -9.40 6.23
C LEU H 160 19.37 -10.42 5.22
N GLU H 161 20.41 -10.07 4.48
CA GLU H 161 21.02 -11.01 3.56
C GLU H 161 21.81 -12.05 4.36
N THR H 162 22.55 -11.60 5.38
CA THR H 162 23.44 -12.48 6.13
C THR H 162 22.60 -13.53 6.82
N ALA H 163 21.60 -13.02 7.55
CA ALA H 163 20.63 -13.84 8.23
C ALA H 163 20.17 -14.95 7.31
N GLY H 164 19.82 -14.63 6.07
CA GLY H 164 19.25 -15.62 5.17
C GLY H 164 20.21 -16.75 4.86
N GLU H 165 21.38 -16.35 4.40
CA GLU H 165 22.52 -17.20 4.14
C GLU H 165 22.87 -18.14 5.29
N ILE H 166 22.60 -17.77 6.54
CA ILE H 166 22.90 -18.67 7.67
C ILE H 166 21.72 -19.27 8.41
N CYS H 167 20.65 -18.51 8.60
CA CYS H 167 19.41 -19.03 9.18
C CYS H 167 18.54 -19.72 8.15
N VAL H 168 17.98 -20.87 8.52
CA VAL H 168 17.18 -21.69 7.62
C VAL H 168 15.70 -21.30 7.58
N TYR H 169 15.26 -20.51 8.55
CA TYR H 169 13.93 -19.91 8.46
C TYR H 169 14.00 -18.52 7.80
N THR H 170 15.15 -18.16 7.28
CA THR H 170 15.26 -16.91 6.57
C THR H 170 15.78 -17.09 5.15
N ASN H 171 15.12 -16.36 4.25
CA ASN H 171 15.36 -16.43 2.84
C ASN H 171 15.86 -15.09 2.29
N ASP H 172 16.09 -15.02 0.98
CA ASP H 172 16.74 -13.87 0.38
C ASP H 172 15.79 -12.88 -0.33
N GLN H 173 14.50 -13.22 -0.36
CA GLN H 173 13.43 -12.36 -0.86
C GLN H 173 13.18 -11.20 0.09
N ILE H 174 13.98 -10.15 -0.01
CA ILE H 174 14.00 -9.07 0.97
C ILE H 174 13.17 -7.86 0.52
N ILE H 175 12.30 -7.41 1.44
CA ILE H 175 11.45 -6.23 1.25
C ILE H 175 11.95 -5.08 2.13
N LEU H 176 11.94 -3.87 1.58
CA LEU H 176 12.54 -2.70 2.21
C LEU H 176 11.62 -1.49 2.07
N GLU H 177 11.43 -0.80 3.18
CA GLU H 177 10.75 0.46 3.22
C GLU H 177 11.63 1.41 4.01
N GLU H 178 11.75 2.66 3.54
CA GLU H 178 12.30 3.76 4.35
C GLU H 178 11.36 4.95 4.45
N LEU H 179 11.76 5.97 5.19
CA LEU H 179 11.03 7.24 5.30
C LEU H 179 11.82 8.33 4.55
N GLU H 180 11.26 9.54 4.44
CA GLU H 180 11.99 10.69 3.84
C GLU H 180 12.02 11.91 4.79
N SER I 1 7.42 -15.45 30.69
CA SER I 1 7.74 -14.76 29.39
C SER I 1 9.22 -14.92 28.97
N SER I 2 9.47 -14.79 27.67
CA SER I 2 10.82 -14.90 27.14
C SER I 2 11.74 -13.69 27.49
N PHE I 3 11.22 -12.69 28.21
CA PHE I 3 12.06 -11.58 28.70
C PHE I 3 12.41 -11.79 30.18
N HIS I 4 13.72 -11.91 30.44
CA HIS I 4 14.24 -11.94 31.81
C HIS I 4 14.01 -10.61 32.51
N ALA I 5 13.68 -10.70 33.80
CA ALA I 5 13.60 -9.58 34.73
C ALA I 5 14.98 -8.97 34.95
N THR I 6 15.06 -7.62 35.02
CA THR I 6 16.31 -6.97 35.42
C THR I 6 16.61 -7.29 36.90
N THR I 7 17.63 -6.64 37.48
CA THR I 7 18.08 -6.86 38.85
C THR I 7 17.96 -5.61 39.70
N ILE I 8 17.20 -5.71 40.79
CA ILE I 8 16.86 -4.57 41.62
C ILE I 8 17.18 -4.84 43.09
N PHE I 9 17.53 -3.78 43.80
CA PHE I 9 18.09 -3.91 45.13
C PHE I 9 17.84 -2.64 45.92
N ALA I 10 17.23 -2.82 47.08
CA ALA I 10 16.88 -1.74 47.97
C ALA I 10 17.57 -2.02 49.31
N VAL I 11 17.79 -0.95 50.09
CA VAL I 11 18.48 -1.04 51.36
C VAL I 11 18.13 0.15 52.26
N GLN I 12 18.12 -0.09 53.57
CA GLN I 12 17.88 0.95 54.57
C GLN I 12 19.00 0.87 55.57
N HIS I 13 19.64 2.01 55.83
CA HIS I 13 20.92 2.00 56.51
C HIS I 13 21.22 3.38 57.06
N LYS I 14 21.35 3.45 58.37
CA LYS I 14 21.64 4.71 59.04
C LYS I 14 20.71 5.81 58.51
N GLY I 15 19.41 5.52 58.57
CA GLY I 15 18.39 6.51 58.29
C GLY I 15 18.18 6.84 56.82
N ARG I 16 19.05 6.32 55.96
CA ARG I 16 18.94 6.58 54.52
C ARG I 16 18.19 5.42 53.85
N SER I 17 17.65 5.71 52.67
CA SER I 17 16.94 4.74 51.84
C SER I 17 17.43 4.85 50.40
N ALA I 18 17.95 3.75 49.85
CA ALA I 18 18.44 3.74 48.47
C ALA I 18 17.88 2.57 47.65
N MET I 19 17.75 2.76 46.34
CA MET I 19 17.37 1.65 45.46
C MET I 19 18.18 1.66 44.16
N SER I 20 19.12 0.72 44.06
CA SER I 20 19.84 0.45 42.81
C SER I 20 19.08 -0.48 41.86
N GLY I 21 19.48 -0.50 40.59
CA GLY I 21 18.88 -1.40 39.63
C GLY I 21 19.51 -1.28 38.25
N ASP I 22 19.93 -2.41 37.69
CA ASP I 22 20.64 -2.42 36.41
C ASP I 22 19.67 -2.22 35.21
N GLY I 23 20.18 -2.26 33.98
CA GLY I 23 19.35 -2.11 32.80
C GLY I 23 19.50 -3.19 31.72
N GLN I 24 19.97 -4.38 32.07
CA GLN I 24 20.09 -5.46 31.07
C GLN I 24 18.73 -6.06 30.70
N VAL I 25 18.41 -6.06 29.42
CA VAL I 25 17.20 -6.68 28.90
C VAL I 25 17.58 -7.83 27.97
N THR I 26 17.38 -9.04 28.50
CA THR I 26 17.67 -10.28 27.83
C THR I 26 16.38 -10.95 27.37
N PHE I 27 16.35 -11.34 26.10
CA PHE I 27 15.25 -12.09 25.51
C PHE I 27 15.76 -13.48 25.14
N GLY I 28 14.98 -14.51 25.45
CA GLY I 28 15.41 -15.88 25.29
C GLY I 28 16.47 -16.25 26.29
N GLN I 29 17.25 -17.27 25.95
CA GLN I 29 18.35 -17.73 26.79
C GLN I 29 19.43 -16.67 26.94
N ALA I 30 19.74 -15.98 25.84
CA ALA I 30 21.05 -15.38 25.71
C ALA I 30 21.21 -14.02 25.01
N VAL I 31 20.20 -13.52 24.31
CA VAL I 31 20.36 -12.28 23.53
C VAL I 31 19.95 -11.01 24.29
N VAL I 32 20.81 -10.00 24.32
CA VAL I 32 20.48 -8.71 24.95
C VAL I 32 20.01 -7.66 23.91
N MET I 33 18.86 -7.02 24.19
CA MET I 33 18.20 -6.07 23.27
C MET I 33 18.32 -4.61 23.75
N LYS I 34 18.31 -4.46 25.08
CA LYS I 34 18.59 -3.18 25.72
C LYS I 34 19.62 -3.34 26.86
N HIS I 35 20.42 -2.29 27.09
CA HIS I 35 21.38 -2.22 28.20
C HIS I 35 21.08 -1.15 29.29
N THR I 36 20.34 -0.11 28.94
CA THR I 36 20.17 1.08 29.79
C THR I 36 18.75 1.25 30.33
N ALA I 37 18.06 0.16 30.60
CA ALA I 37 16.65 0.21 31.01
C ALA I 37 16.45 0.81 32.40
N ARG I 38 15.38 1.59 32.56
CA ARG I 38 14.99 2.18 33.86
C ARG I 38 13.85 1.46 34.57
N LYS I 39 14.19 0.56 35.47
CA LYS I 39 13.17 -0.21 36.15
C LYS I 39 12.89 0.25 37.62
N VAL I 40 13.48 1.38 38.03
CA VAL I 40 13.34 1.96 39.39
C VAL I 40 12.89 3.42 39.31
N ARG I 41 11.75 3.77 39.95
CA ARG I 41 11.18 5.13 39.86
C ARG I 41 10.83 5.77 41.22
N LYS I 42 10.38 7.02 41.19
CA LYS I 42 9.97 7.77 42.38
C LYS I 42 8.49 8.05 42.29
N LEU I 43 7.72 7.54 43.24
CA LEU I 43 6.27 7.77 43.26
C LEU I 43 5.89 8.72 44.40
N PHE I 44 4.73 9.37 44.27
CA PHE I 44 4.08 10.06 45.41
C PHE I 44 4.83 11.31 45.87
N ASN I 45 5.17 12.17 44.92
CA ASN I 45 6.00 13.36 45.19
C ASN I 45 7.37 13.05 45.77
N GLY I 46 7.96 11.93 45.36
CA GLY I 46 9.31 11.57 45.77
C GLY I 46 9.46 11.00 47.17
N LYS I 47 8.33 10.56 47.75
CA LYS I 47 8.35 10.01 49.10
C LYS I 47 8.51 8.48 49.15
N VAL I 48 8.26 7.81 48.01
CA VAL I 48 8.53 6.38 47.87
C VAL I 48 9.33 6.01 46.60
N LEU I 49 10.26 5.08 46.74
CA LEU I 49 10.99 4.47 45.63
C LEU I 49 10.41 3.10 45.27
N ALA I 50 9.94 2.97 44.03
CA ALA I 50 9.33 1.73 43.56
C ALA I 50 10.21 1.06 42.51
N GLY I 51 10.34 -0.27 42.57
CA GLY I 51 11.20 -1.02 41.67
C GLY I 51 10.54 -2.30 41.20
N PHE I 52 10.27 -2.36 39.91
CA PHE I 52 9.60 -3.50 39.31
C PHE I 52 10.32 -3.86 38.03
N ALA I 53 10.61 -5.14 37.87
CA ALA I 53 11.55 -5.61 36.84
C ALA I 53 10.88 -6.17 35.59
N GLY I 54 9.57 -6.31 35.61
CA GLY I 54 8.85 -6.82 34.47
C GLY I 54 8.72 -5.79 33.37
N SER I 55 7.65 -5.90 32.60
CA SER I 55 7.38 -5.05 31.46
C SER I 55 6.92 -3.65 31.88
N VAL I 56 6.98 -2.68 30.98
CA VAL I 56 6.52 -1.34 31.31
C VAL I 56 5.00 -1.31 31.43
N ALA I 57 4.29 -2.03 30.59
CA ALA I 57 2.83 -2.06 30.71
C ALA I 57 2.41 -2.48 32.12
N ASP I 58 2.96 -3.58 32.62
CA ASP I 58 2.65 -4.03 33.98
C ASP I 58 3.13 -2.98 34.99
N ALA I 59 4.32 -2.44 34.76
CA ALA I 59 4.93 -1.46 35.64
C ALA I 59 3.94 -0.34 35.91
N PHE I 60 3.36 0.19 34.84
CA PHE I 60 2.46 1.33 34.97
C PHE I 60 1.11 0.97 35.56
N THR I 61 0.55 -0.17 35.16
CA THR I 61 -0.73 -0.60 35.71
C THR I 61 -0.60 -0.76 37.22
N LEU I 62 0.57 -1.22 37.67
CA LEU I 62 0.81 -1.52 39.08
C LEU I 62 1.23 -0.29 39.84
N PHE I 63 2.00 0.58 39.21
CA PHE I 63 2.42 1.83 39.85
C PHE I 63 1.19 2.73 40.07
N GLU I 64 0.33 2.78 39.06
CA GLU I 64 -0.94 3.52 39.16
C GLU I 64 -1.86 2.97 40.20
N LYS I 65 -2.03 1.65 40.25
CA LYS I 65 -2.98 1.08 41.19
C LYS I 65 -2.46 1.29 42.59
N PHE I 66 -1.14 1.31 42.75
CA PHE I 66 -0.50 1.47 44.06
C PHE I 66 -0.58 2.91 44.53
N GLU I 67 -0.46 3.84 43.59
CA GLU I 67 -0.54 5.27 43.89
C GLU I 67 -1.92 5.62 44.38
N ALA I 68 -2.93 4.90 43.89
CA ALA I 68 -4.33 5.13 44.25
C ALA I 68 -4.67 4.51 45.62
N LYS I 69 -3.89 3.52 46.03
CA LYS I 69 -3.99 3.00 47.38
C LYS I 69 -3.37 4.00 48.35
N LEU I 70 -2.29 4.66 47.93
CA LEU I 70 -1.56 5.56 48.83
C LEU I 70 -2.34 6.82 49.18
N GLU I 71 -3.13 7.32 48.25
CA GLU I 71 -3.95 8.50 48.51
C GLU I 71 -5.15 8.10 49.37
N GLU I 72 -5.73 6.95 49.07
CA GLU I 72 -6.88 6.45 49.83
C GLU I 72 -6.55 6.24 51.32
N TYR I 73 -5.30 5.84 51.61
CA TYR I 73 -4.87 5.47 52.97
C TYR I 73 -3.76 6.38 53.53
N ASN I 74 -3.72 7.63 53.05
CA ASN I 74 -2.93 8.70 53.66
C ASN I 74 -1.42 8.45 53.74
N GLY I 75 -0.89 7.72 52.76
CA GLY I 75 0.54 7.44 52.72
C GLY I 75 0.98 6.25 53.56
N ASN I 76 0.05 5.59 54.25
CA ASN I 76 0.36 4.35 54.98
C ASN I 76 0.80 3.31 53.95
N LEU I 77 2.11 3.11 53.85
CA LEU I 77 2.68 2.22 52.84
C LEU I 77 2.16 0.81 53.05
N LYS I 78 2.33 0.29 54.26
CA LYS I 78 1.86 -1.04 54.63
C LYS I 78 0.40 -1.32 54.22
N ARG I 79 -0.54 -0.46 54.60
CA ARG I 79 -1.93 -0.73 54.27
C ARG I 79 -2.07 -0.85 52.77
N ALA I 80 -1.50 0.12 52.08
CA ALA I 80 -1.61 0.24 50.64
C ALA I 80 -1.07 -1.00 49.94
N ALA I 81 0.06 -1.50 50.44
CA ALA I 81 0.74 -2.63 49.81
C ALA I 81 -0.06 -3.92 49.99
N VAL I 82 -0.63 -4.09 51.18
CA VAL I 82 -1.50 -5.21 51.49
C VAL I 82 -2.72 -5.17 50.57
N GLU I 83 -3.27 -3.98 50.33
CA GLU I 83 -4.48 -3.87 49.53
C GLU I 83 -4.19 -4.15 48.07
N LEU I 84 -3.10 -3.58 47.56
CA LEU I 84 -2.63 -3.93 46.22
C LEU I 84 -2.51 -5.43 46.05
N ALA I 85 -1.96 -6.10 47.06
CA ALA I 85 -1.71 -7.53 47.00
C ALA I 85 -2.99 -8.33 46.81
N LYS I 86 -4.08 -7.91 47.46
CA LYS I 86 -5.38 -8.54 47.30
C LYS I 86 -5.89 -8.36 45.85
N GLU I 87 -5.77 -7.14 45.34
CA GLU I 87 -6.25 -6.77 44.02
C GLU I 87 -5.41 -7.47 42.93
N TRP I 88 -4.11 -7.58 43.19
CA TRP I 88 -3.16 -8.17 42.24
C TRP I 88 -3.45 -9.67 42.08
N ARG I 89 -3.56 -10.38 43.20
CA ARG I 89 -3.83 -11.82 43.19
C ARG I 89 -5.22 -12.25 42.71
N SER I 90 -6.18 -11.33 42.65
CA SER I 90 -7.51 -11.69 42.13
C SER I 90 -7.60 -11.43 40.63
N ASP I 91 -6.80 -10.47 40.16
CA ASP I 91 -6.74 -10.05 38.75
C ASP I 91 -6.35 -11.23 37.85
N LYS I 92 -7.27 -11.60 36.95
CA LYS I 92 -7.07 -12.77 36.07
C LYS I 92 -5.65 -12.83 35.46
N VAL I 93 -5.25 -11.76 34.79
CA VAL I 93 -3.96 -11.73 34.07
C VAL I 93 -2.78 -11.58 35.04
N LEU I 94 -2.71 -10.40 35.65
CA LEU I 94 -1.60 -9.94 36.47
C LEU I 94 -1.10 -10.93 37.53
N ARG I 95 -2.03 -11.66 38.14
CA ARG I 95 -1.74 -12.65 39.20
C ARG I 95 -0.51 -13.55 38.91
N LYS I 96 -0.29 -13.86 37.62
CA LYS I 96 0.70 -14.86 37.17
C LYS I 96 2.14 -14.37 36.96
N LEU I 97 2.38 -13.08 37.15
CA LEU I 97 3.68 -12.51 36.86
C LEU I 97 4.73 -13.00 37.84
N GLU I 98 5.75 -13.66 37.31
CA GLU I 98 6.94 -13.99 38.10
C GLU I 98 7.52 -12.78 38.82
N ALA I 99 7.62 -11.66 38.11
CA ALA I 99 8.33 -10.50 38.60
C ALA I 99 7.60 -9.82 39.74
N MET I 100 8.40 -9.30 40.66
CA MET I 100 7.89 -8.75 41.89
C MET I 100 8.16 -7.25 42.00
N LEU I 101 7.54 -6.67 43.02
CA LEU I 101 7.58 -5.23 43.31
C LEU I 101 8.34 -5.00 44.61
N ILE I 102 9.27 -4.05 44.61
CA ILE I 102 9.74 -3.48 45.87
C ILE I 102 9.17 -2.09 46.02
N VAL I 103 8.69 -1.74 47.20
CA VAL I 103 8.27 -0.36 47.49
C VAL I 103 8.89 0.05 48.79
N MET I 104 9.24 1.32 48.93
CA MET I 104 9.89 1.77 50.17
C MET I 104 9.74 3.26 50.39
N ASN I 105 9.31 3.64 51.60
CA ASN I 105 9.33 5.03 52.06
C ASN I 105 10.41 5.23 53.13
N GLN I 106 10.48 6.45 53.67
CA GLN I 106 11.48 6.77 54.67
C GLN I 106 11.54 5.71 55.81
N ASP I 107 10.38 5.22 56.23
CA ASP I 107 10.26 4.36 57.41
C ASP I 107 10.46 2.87 57.21
N THR I 108 10.00 2.35 56.08
CA THR I 108 9.89 0.90 55.91
C THR I 108 9.96 0.39 54.47
N LEU I 109 10.37 -0.86 54.34
CA LEU I 109 10.72 -1.49 53.05
C LEU I 109 9.93 -2.79 52.84
N LEU I 110 9.20 -2.90 51.73
CA LEU I 110 8.27 -4.00 51.49
C LEU I 110 8.44 -4.73 50.12
N LEU I 111 8.53 -6.06 50.13
CA LEU I 111 8.43 -6.85 48.91
C LEU I 111 6.98 -7.25 48.72
N VAL I 112 6.50 -7.18 47.48
CA VAL I 112 5.15 -7.54 47.14
C VAL I 112 5.18 -8.46 45.91
N SER I 113 4.29 -9.46 45.88
CA SER I 113 4.17 -10.36 44.73
C SER I 113 2.69 -10.59 44.37
N GLY I 114 2.47 -11.15 43.17
CA GLY I 114 1.15 -11.37 42.63
C GLY I 114 0.49 -12.64 43.13
N THR I 115 1.21 -13.41 43.94
CA THR I 115 0.64 -14.53 44.69
C THR I 115 0.10 -13.99 46.01
N GLY I 116 0.40 -12.73 46.29
CA GLY I 116 -0.23 -12.00 47.38
C GLY I 116 0.66 -11.76 48.59
N GLU I 117 1.95 -12.07 48.48
CA GLU I 117 2.87 -11.90 49.60
C GLU I 117 3.02 -10.44 49.92
N VAL I 118 3.39 -10.16 51.16
CA VAL I 118 3.87 -8.84 51.57
C VAL I 118 4.89 -9.06 52.68
N ILE I 119 6.14 -8.71 52.40
CA ILE I 119 7.24 -9.09 53.28
C ILE I 119 8.04 -7.86 53.69
N GLU I 120 8.32 -7.74 54.99
CA GLU I 120 9.23 -6.72 55.51
C GLU I 120 10.47 -7.49 55.95
N PRO I 121 11.64 -7.13 55.43
CA PRO I 121 12.85 -7.88 55.75
C PRO I 121 13.25 -7.58 57.17
N ASP I 122 14.11 -8.40 57.74
CA ASP I 122 14.54 -8.19 59.13
C ASP I 122 15.79 -7.33 59.26
N ASP I 123 16.51 -7.14 58.15
CA ASP I 123 17.77 -6.42 58.11
C ASP I 123 17.77 -5.34 57.00
N GLY I 124 16.59 -4.85 56.66
CA GLY I 124 16.44 -3.68 55.80
C GLY I 124 16.86 -3.81 54.34
N ILE I 125 17.07 -5.03 53.85
CA ILE I 125 17.44 -5.28 52.46
C ILE I 125 16.46 -6.20 51.72
N LEU I 126 16.10 -5.81 50.49
CA LEU I 126 15.37 -6.67 49.54
C LEU I 126 16.01 -6.66 48.14
N ALA I 127 16.08 -7.82 47.49
CA ALA I 127 16.52 -7.87 46.09
C ALA I 127 15.73 -8.89 45.30
N ILE I 128 15.35 -8.48 44.10
CA ILE I 128 14.61 -9.31 43.18
C ILE I 128 15.27 -9.31 41.82
N GLY I 129 14.82 -10.23 40.97
CA GLY I 129 15.21 -10.27 39.59
C GLY I 129 16.20 -11.35 39.24
N SER I 130 16.60 -11.31 37.97
CA SER I 130 17.59 -12.20 37.39
C SER I 130 18.70 -12.49 38.38
N GLY I 131 19.42 -11.44 38.79
CA GLY I 131 20.56 -11.58 39.68
C GLY I 131 20.35 -11.20 41.15
N GLY I 132 19.09 -11.09 41.58
CA GLY I 132 18.72 -10.50 42.87
C GLY I 132 19.28 -11.26 44.06
N ASN I 133 19.36 -12.57 43.91
CA ASN I 133 19.98 -13.42 44.90
C ASN I 133 21.47 -13.09 45.16
N TYR I 134 22.21 -12.74 44.11
CA TYR I 134 23.62 -12.37 44.27
C TYR I 134 23.75 -10.95 44.83
N ALA I 135 22.85 -10.08 44.41
CA ALA I 135 22.74 -8.73 44.98
C ALA I 135 22.45 -8.82 46.47
N LEU I 136 21.42 -9.58 46.83
CA LEU I 136 21.05 -9.79 48.22
C LEU I 136 22.24 -10.21 49.06
N ALA I 137 23.08 -11.10 48.50
CA ALA I 137 24.17 -11.73 49.23
C ALA I 137 25.28 -10.74 49.52
N ALA I 138 25.58 -9.90 48.53
CA ALA I 138 26.62 -8.88 48.66
C ALA I 138 26.20 -7.78 49.60
N GLY I 139 25.05 -7.17 49.31
CA GLY I 139 24.49 -6.13 50.17
C GLY I 139 24.41 -6.53 51.62
N ARG I 140 24.02 -7.78 51.89
CA ARG I 140 23.84 -8.26 53.27
C ARG I 140 25.20 -8.31 53.98
N ALA I 141 26.22 -8.75 53.25
CA ALA I 141 27.56 -8.90 53.80
C ALA I 141 28.18 -7.55 54.10
N LEU I 142 27.94 -6.58 53.23
CA LEU I 142 28.52 -5.24 53.37
C LEU I 142 27.88 -4.50 54.55
N LYS I 143 26.56 -4.54 54.64
CA LYS I 143 25.87 -3.95 55.77
C LYS I 143 26.44 -4.48 57.08
N LYS I 144 26.66 -5.80 57.15
CA LYS I 144 27.11 -6.42 58.40
C LYS I 144 28.58 -6.10 58.69
N HIS I 145 29.48 -6.62 57.85
CA HIS I 145 30.93 -6.56 58.09
C HIS I 145 31.62 -5.32 57.51
N ALA I 146 30.83 -4.36 57.00
CA ALA I 146 31.38 -3.10 56.48
C ALA I 146 30.40 -1.91 56.56
N GLY I 147 29.48 -1.96 57.53
CA GLY I 147 28.43 -0.95 57.64
C GLY I 147 28.88 0.37 58.22
N GLU I 148 29.95 0.33 59.01
CA GLU I 148 30.40 1.50 59.76
C GLU I 148 31.18 2.50 58.92
N SER I 149 31.36 2.22 57.63
CA SER I 149 32.07 3.12 56.73
C SER I 149 31.36 3.33 55.39
N MET I 150 30.14 2.80 55.25
CA MET I 150 29.39 2.85 53.99
C MET I 150 28.01 3.42 54.17
N SER I 151 27.61 4.29 53.24
CA SER I 151 26.26 4.83 53.21
C SER I 151 25.34 3.87 52.46
N ALA I 152 24.04 4.02 52.70
CA ALA I 152 23.04 3.25 51.97
C ALA I 152 23.31 3.21 50.47
N SER I 153 23.53 4.38 49.89
CA SER I 153 23.64 4.51 48.43
C SER I 153 24.88 3.77 47.91
N GLU I 154 25.97 3.80 48.69
CA GLU I 154 27.20 3.10 48.35
C GLU I 154 27.08 1.57 48.50
N ILE I 155 26.09 1.10 49.26
CA ILE I 155 25.78 -0.34 49.32
C ILE I 155 24.89 -0.78 48.14
N ALA I 156 23.98 0.10 47.73
CA ALA I 156 23.06 -0.20 46.66
C ALA I 156 23.90 -0.39 45.40
N ARG I 157 24.79 0.55 45.15
CA ARG I 157 25.69 0.50 44.01
C ARG I 157 26.56 -0.75 44.07
N ALA I 158 27.23 -0.97 45.20
CA ALA I 158 28.18 -2.08 45.34
C ALA I 158 27.53 -3.43 45.10
N ALA I 159 26.37 -3.64 45.69
CA ALA I 159 25.66 -4.92 45.60
C ALA I 159 25.38 -5.26 44.15
N LEU I 160 24.82 -4.28 43.44
CA LEU I 160 24.46 -4.46 42.06
C LEU I 160 25.72 -4.74 41.22
N GLU I 161 26.82 -4.06 41.55
CA GLU I 161 28.10 -4.26 40.86
C GLU I 161 28.50 -5.71 40.93
N THR I 162 28.45 -6.26 42.14
CA THR I 162 28.89 -7.63 42.36
C THR I 162 27.96 -8.58 41.60
N ALA I 163 26.69 -8.22 41.55
CA ALA I 163 25.73 -9.00 40.81
C ALA I 163 26.08 -9.04 39.32
N GLY I 164 26.42 -7.90 38.74
CA GLY I 164 26.70 -7.82 37.32
C GLY I 164 27.87 -8.67 36.90
N GLU I 165 28.79 -8.78 37.85
CA GLU I 165 30.12 -9.34 37.66
C GLU I 165 30.10 -10.86 37.63
N ILE I 166 29.07 -11.45 38.22
CA ILE I 166 28.98 -12.90 38.25
C ILE I 166 27.71 -13.45 37.67
N CYS I 167 26.76 -12.57 37.33
CA CYS I 167 25.48 -12.99 36.79
C CYS I 167 25.36 -12.53 35.35
N VAL I 168 25.21 -13.48 34.43
CA VAL I 168 25.16 -13.18 33.00
C VAL I 168 23.94 -12.36 32.59
N TYR I 169 22.94 -12.30 33.45
CA TYR I 169 21.71 -11.57 33.18
C TYR I 169 21.72 -10.21 33.89
N THR I 170 22.88 -9.78 34.36
CA THR I 170 23.03 -8.51 35.07
C THR I 170 24.26 -7.73 34.55
N ASN I 171 23.98 -6.50 34.10
CA ASN I 171 24.99 -5.60 33.59
C ASN I 171 25.35 -4.51 34.57
N ASP I 172 26.33 -3.71 34.18
CA ASP I 172 26.91 -2.68 35.03
C ASP I 172 26.40 -1.26 34.73
N GLN I 173 25.33 -1.15 33.94
CA GLN I 173 24.63 0.13 33.72
C GLN I 173 23.64 0.35 34.86
N ILE I 174 24.14 0.90 35.96
CA ILE I 174 23.38 1.03 37.20
C ILE I 174 22.63 2.35 37.32
N ILE I 175 21.35 2.27 37.61
CA ILE I 175 20.55 3.45 37.95
C ILE I 175 20.30 3.42 39.45
N LEU I 176 20.31 4.60 40.08
CA LEU I 176 20.21 4.71 41.55
C LEU I 176 19.44 5.94 42.03
N GLU I 177 18.42 5.70 42.87
CA GLU I 177 17.61 6.76 43.49
C GLU I 177 17.65 6.65 45.04
N GLU I 178 17.40 7.77 45.73
CA GLU I 178 17.27 7.81 47.20
C GLU I 178 16.19 8.80 47.67
N LEU I 179 15.95 8.84 48.97
CA LEU I 179 15.15 9.88 49.61
C LEU I 179 16.09 10.61 50.57
N GLU I 180 16.12 11.94 50.54
CA GLU I 180 17.06 12.69 51.39
C GLU I 180 16.61 12.73 52.87
N SER J 1 23.07 -35.97 17.91
CA SER J 1 23.89 -35.04 17.07
C SER J 1 23.05 -33.86 16.52
N SER J 2 23.54 -32.64 16.75
CA SER J 2 22.86 -31.46 16.23
C SER J 2 23.03 -31.26 14.69
N PHE J 3 23.95 -31.98 14.05
CA PHE J 3 24.12 -31.88 12.58
C PHE J 3 23.00 -32.61 11.81
N HIS J 4 22.34 -31.89 10.90
CA HIS J 4 21.26 -32.45 10.06
C HIS J 4 21.82 -33.07 8.76
N ALA J 5 21.33 -34.27 8.44
CA ALA J 5 21.68 -34.95 7.19
C ALA J 5 21.36 -34.13 5.93
N THR J 6 22.24 -34.17 4.93
CA THR J 6 21.91 -33.55 3.68
C THR J 6 20.85 -34.44 3.04
N THR J 7 20.39 -34.07 1.86
CA THR J 7 19.44 -34.87 1.11
C THR J 7 20.16 -35.58 -0.04
N ILE J 8 19.75 -36.81 -0.31
CA ILE J 8 20.39 -37.64 -1.34
C ILE J 8 19.31 -38.38 -2.13
N PHE J 9 19.42 -38.39 -3.44
CA PHE J 9 18.40 -38.98 -4.31
C PHE J 9 19.08 -39.87 -5.34
N ALA J 10 18.46 -41.00 -5.65
CA ALA J 10 19.04 -41.94 -6.61
C ALA J 10 17.95 -42.57 -7.46
N VAL J 11 18.20 -42.67 -8.76
CA VAL J 11 17.21 -43.18 -9.71
C VAL J 11 17.75 -44.08 -10.88
N GLN J 12 16.90 -45.00 -11.35
CA GLN J 12 17.14 -45.80 -12.57
C GLN J 12 16.01 -45.53 -13.57
N HIS J 13 16.37 -45.30 -14.84
CA HIS J 13 15.39 -44.88 -15.83
C HIS J 13 15.95 -45.13 -17.23
N LYS J 14 15.28 -46.02 -17.96
CA LYS J 14 15.66 -46.35 -19.33
C LYS J 14 17.14 -46.69 -19.44
N GLY J 15 17.63 -47.53 -18.53
CA GLY J 15 19.01 -48.01 -18.61
C GLY J 15 20.05 -47.05 -18.10
N ARG J 16 19.61 -45.98 -17.46
CA ARG J 16 20.52 -44.97 -16.95
C ARG J 16 20.41 -44.94 -15.47
N SER J 17 21.47 -44.49 -14.82
CA SER J 17 21.55 -44.47 -13.37
C SER J 17 22.21 -43.20 -12.85
N ALA J 18 21.47 -42.39 -12.10
CA ALA J 18 22.02 -41.15 -11.53
C ALA J 18 21.74 -41.04 -10.05
N MET J 19 22.65 -40.38 -9.35
CA MET J 19 22.51 -40.04 -7.93
C MET J 19 22.84 -38.55 -7.71
N SER J 20 21.90 -37.81 -7.14
CA SER J 20 22.09 -36.40 -6.81
C SER J 20 22.11 -36.19 -5.29
N GLY J 21 22.40 -34.96 -4.86
CA GLY J 21 22.53 -34.63 -3.46
C GLY J 21 23.02 -33.20 -3.22
N ASP J 22 22.42 -32.51 -2.27
CA ASP J 22 22.74 -31.11 -1.99
C ASP J 22 23.86 -30.93 -0.96
N GLY J 23 24.27 -29.69 -0.78
CA GLY J 23 25.42 -29.40 0.06
C GLY J 23 25.11 -28.80 1.42
N GLN J 24 23.82 -28.62 1.77
CA GLN J 24 23.45 -27.94 3.01
C GLN J 24 23.80 -28.78 4.20
N VAL J 25 24.57 -28.17 5.11
CA VAL J 25 25.07 -28.83 6.30
C VAL J 25 24.67 -27.98 7.46
N THR J 26 23.66 -28.42 8.20
CA THR J 26 23.05 -27.58 9.23
C THR J 26 23.41 -28.07 10.62
N PHE J 27 23.53 -27.14 11.57
CA PHE J 27 23.89 -27.45 12.94
C PHE J 27 22.90 -26.81 13.92
N GLY J 28 22.33 -27.61 14.80
CA GLY J 28 21.28 -27.17 15.69
C GLY J 28 19.94 -27.14 15.00
N GLN J 29 19.01 -26.42 15.59
CA GLN J 29 17.73 -26.16 14.97
C GLN J 29 17.90 -25.58 13.53
N ALA J 30 18.78 -24.57 13.36
CA ALA J 30 18.71 -23.68 12.17
C ALA J 30 19.97 -23.04 11.51
N VAL J 31 21.18 -23.42 11.85
CA VAL J 31 22.34 -22.67 11.37
C VAL J 31 23.15 -23.42 10.31
N VAL J 32 23.53 -22.70 9.25
CA VAL J 32 24.19 -23.34 8.13
C VAL J 32 25.70 -23.07 8.20
N MET J 33 26.48 -24.14 8.31
CA MET J 33 27.95 -24.06 8.36
C MET J 33 28.59 -24.06 6.98
N LYS J 34 28.13 -25.00 6.16
CA LYS J 34 28.64 -25.21 4.81
C LYS J 34 27.47 -25.41 3.88
N HIS J 35 27.64 -24.97 2.62
CA HIS J 35 26.60 -24.96 1.61
C HIS J 35 26.88 -25.92 0.46
N THR J 36 28.13 -26.35 0.29
CA THR J 36 28.55 -27.16 -0.88
C THR J 36 28.76 -28.65 -0.63
N ALA J 37 28.90 -29.05 0.63
CA ALA J 37 29.33 -30.41 1.03
C ALA J 37 29.06 -31.50 -0.01
N ARG J 38 30.01 -32.43 -0.13
CA ARG J 38 29.88 -33.47 -1.14
C ARG J 38 29.64 -34.79 -0.46
N LYS J 39 28.42 -35.30 -0.63
CA LYS J 39 27.99 -36.49 0.06
C LYS J 39 27.72 -37.64 -0.91
N VAL J 40 27.98 -37.40 -2.19
CA VAL J 40 27.74 -38.41 -3.23
C VAL J 40 29.03 -38.71 -4.02
N ARG J 41 29.55 -39.91 -3.82
CA ARG J 41 30.84 -40.34 -4.36
C ARG J 41 30.76 -41.58 -5.27
N LYS J 42 31.82 -41.82 -6.06
CA LYS J 42 31.96 -43.06 -6.80
C LYS J 42 32.91 -43.91 -6.01
N LEU J 43 32.63 -45.21 -6.01
CA LEU J 43 33.46 -46.21 -5.34
C LEU J 43 33.77 -47.32 -6.32
N PHE J 44 34.75 -48.18 -5.98
CA PHE J 44 34.98 -49.44 -6.69
C PHE J 44 35.34 -49.22 -8.19
N ASN J 45 36.32 -48.35 -8.45
CA ASN J 45 36.70 -48.00 -9.82
C ASN J 45 35.51 -47.50 -10.64
N GLY J 46 34.72 -46.62 -10.05
CA GLY J 46 33.64 -45.95 -10.76
C GLY J 46 32.48 -46.82 -11.23
N LYS J 47 32.28 -47.97 -10.60
CA LYS J 47 31.17 -48.86 -10.98
C LYS J 47 29.94 -48.65 -10.08
N VAL J 48 30.17 -48.22 -8.84
CA VAL J 48 29.06 -47.98 -7.92
C VAL J 48 29.06 -46.56 -7.39
N LEU J 49 27.85 -46.03 -7.19
CA LEU J 49 27.64 -44.73 -6.57
C LEU J 49 27.24 -44.99 -5.14
N ALA J 50 27.87 -44.30 -4.21
CA ALA J 50 27.46 -44.35 -2.82
C ALA J 50 27.11 -42.96 -2.33
N GLY J 51 25.96 -42.86 -1.67
CA GLY J 51 25.52 -41.66 -1.00
C GLY J 51 25.33 -41.92 0.49
N PHE J 52 26.06 -41.16 1.32
CA PHE J 52 25.86 -41.18 2.77
C PHE J 52 25.83 -39.75 3.30
N ALA J 53 24.76 -39.43 4.02
CA ALA J 53 24.44 -38.05 4.39
C ALA J 53 25.08 -37.62 5.71
N GLY J 54 25.51 -38.59 6.50
CA GLY J 54 26.09 -38.28 7.79
C GLY J 54 27.50 -37.72 7.69
N SER J 55 28.25 -37.92 8.78
CA SER J 55 29.57 -37.35 8.96
C SER J 55 30.55 -38.06 8.05
N VAL J 56 31.70 -37.42 7.83
CA VAL J 56 32.73 -37.95 6.98
C VAL J 56 33.47 -39.15 7.60
N ALA J 57 33.80 -39.07 8.89
CA ALA J 57 34.50 -40.19 9.56
C ALA J 57 33.67 -41.46 9.52
N ASP J 58 32.35 -41.29 9.41
CA ASP J 58 31.44 -42.43 9.25
C ASP J 58 31.38 -42.78 7.77
N ALA J 59 31.18 -41.76 6.93
CA ALA J 59 31.11 -41.93 5.47
C ALA J 59 32.30 -42.70 4.93
N PHE J 60 33.46 -42.52 5.55
CA PHE J 60 34.67 -43.21 5.14
C PHE J 60 34.71 -44.63 5.67
N THR J 61 34.31 -44.81 6.92
CA THR J 61 34.37 -46.13 7.54
C THR J 61 33.38 -47.10 6.88
N LEU J 62 32.27 -46.56 6.37
CA LEU J 62 31.25 -47.36 5.69
C LEU J 62 31.58 -47.51 4.21
N PHE J 63 32.32 -46.56 3.65
CA PHE J 63 32.74 -46.66 2.26
C PHE J 63 33.89 -47.68 2.19
N GLU J 64 34.88 -47.51 3.06
CA GLU J 64 35.99 -48.46 3.20
C GLU J 64 35.51 -49.87 3.45
N LYS J 65 34.59 -50.03 4.39
CA LYS J 65 34.14 -51.38 4.75
C LYS J 65 33.35 -52.02 3.60
N PHE J 66 32.63 -51.20 2.85
CA PHE J 66 31.84 -51.66 1.70
C PHE J 66 32.73 -51.99 0.51
N GLU J 67 33.85 -51.29 0.40
CA GLU J 67 34.86 -51.54 -0.64
C GLU J 67 35.57 -52.88 -0.40
N ALA J 68 35.75 -53.22 0.87
CA ALA J 68 36.32 -54.48 1.27
C ALA J 68 35.34 -55.65 1.03
N LYS J 69 34.05 -55.37 1.10
CA LYS J 69 33.02 -56.40 0.93
C LYS J 69 32.86 -56.81 -0.54
N LEU J 70 33.00 -55.85 -1.46
CA LEU J 70 32.81 -56.09 -2.90
C LEU J 70 34.00 -56.83 -3.55
N GLU J 71 35.19 -56.65 -3.00
CA GLU J 71 36.36 -57.39 -3.46
C GLU J 71 36.31 -58.83 -2.96
N GLU J 72 35.61 -59.05 -1.84
CA GLU J 72 35.39 -60.39 -1.29
C GLU J 72 34.38 -61.20 -2.12
N TYR J 73 33.28 -60.56 -2.50
CA TYR J 73 32.21 -61.21 -3.25
C TYR J 73 32.20 -60.84 -4.76
N ASN J 74 33.37 -60.54 -5.33
CA ASN J 74 33.53 -60.22 -6.76
C ASN J 74 32.38 -59.39 -7.36
N GLY J 75 32.15 -58.19 -6.82
CA GLY J 75 31.26 -57.20 -7.42
C GLY J 75 29.77 -57.34 -7.11
N ASN J 76 29.39 -58.38 -6.37
CA ASN J 76 27.98 -58.71 -6.15
C ASN J 76 27.34 -57.74 -5.19
N LEU J 77 26.70 -56.70 -5.72
CA LEU J 77 26.29 -55.57 -4.88
C LEU J 77 25.34 -55.97 -3.74
N LYS J 78 24.40 -56.88 -4.00
CA LYS J 78 23.39 -57.25 -2.98
C LYS J 78 24.02 -57.95 -1.78
N ARG J 79 24.95 -58.88 -2.04
CA ARG J 79 25.56 -59.66 -0.97
C ARG J 79 26.52 -58.84 -0.13
N ALA J 80 27.22 -57.91 -0.77
CA ALA J 80 28.16 -57.02 -0.08
C ALA J 80 27.42 -56.16 0.95
N ALA J 81 26.20 -55.78 0.57
CA ALA J 81 25.35 -54.92 1.40
C ALA J 81 24.72 -55.68 2.58
N VAL J 82 24.19 -56.88 2.33
CA VAL J 82 23.67 -57.70 3.41
C VAL J 82 24.77 -57.90 4.46
N GLU J 83 26.01 -58.05 4.01
CA GLU J 83 27.11 -58.31 4.94
C GLU J 83 27.61 -57.02 5.61
N LEU J 84 27.50 -55.89 4.93
CA LEU J 84 27.80 -54.60 5.56
C LEU J 84 26.73 -54.33 6.61
N ALA J 85 25.46 -54.39 6.19
CA ALA J 85 24.32 -54.34 7.12
C ALA J 85 24.62 -55.09 8.40
N LYS J 86 24.92 -56.37 8.28
CA LYS J 86 25.20 -57.25 9.42
C LYS J 86 26.30 -56.68 10.35
N GLU J 87 27.39 -56.18 9.78
CA GLU J 87 28.50 -55.66 10.56
C GLU J 87 28.15 -54.32 11.20
N TRP J 88 27.37 -53.52 10.47
CA TRP J 88 26.92 -52.18 10.89
C TRP J 88 26.05 -52.23 12.15
N ARG J 89 25.09 -53.16 12.16
CA ARG J 89 24.14 -53.27 13.27
C ARG J 89 24.75 -53.89 14.52
N SER J 90 25.72 -54.79 14.32
CA SER J 90 26.43 -55.38 15.46
C SER J 90 27.51 -54.45 16.03
N ASP J 91 27.83 -53.37 15.30
CA ASP J 91 28.80 -52.37 15.78
C ASP J 91 28.15 -51.46 16.80
N LYS J 92 28.70 -51.46 18.01
CA LYS J 92 28.15 -50.72 19.16
C LYS J 92 27.86 -49.25 18.85
N VAL J 93 28.77 -48.61 18.11
CA VAL J 93 28.72 -47.16 17.87
C VAL J 93 28.01 -46.77 16.54
N LEU J 94 28.29 -47.47 15.45
CA LEU J 94 27.69 -47.12 14.16
C LEU J 94 26.20 -47.46 14.08
N ARG J 95 25.80 -48.57 14.68
CA ARG J 95 24.40 -48.95 14.74
C ARG J 95 23.44 -47.79 15.01
N LYS J 96 23.80 -46.91 15.96
CA LYS J 96 22.94 -45.79 16.40
C LYS J 96 22.69 -44.66 15.38
N LEU J 97 23.37 -44.67 14.24
CA LEU J 97 23.26 -43.58 13.28
C LEU J 97 21.88 -43.56 12.62
N GLU J 98 21.27 -42.39 12.62
CA GLU J 98 20.03 -42.19 11.88
C GLU J 98 20.31 -42.16 10.37
N ALA J 99 21.49 -41.66 9.97
CA ALA J 99 21.90 -41.64 8.56
C ALA J 99 21.93 -43.03 7.92
N MET J 100 21.50 -43.10 6.66
CA MET J 100 21.50 -44.35 5.90
C MET J 100 22.39 -44.16 4.63
N LEU J 101 22.61 -45.27 3.91
CA LEU J 101 23.50 -45.36 2.78
C LEU J 101 22.68 -45.80 1.58
N ILE J 102 22.81 -45.09 0.45
CA ILE J 102 22.31 -45.62 -0.81
C ILE J 102 23.51 -46.08 -1.60
N VAL J 103 23.45 -47.29 -2.12
CA VAL J 103 24.48 -47.83 -3.03
C VAL J 103 23.76 -48.32 -4.28
N MET J 104 24.48 -48.39 -5.39
CA MET J 104 23.88 -48.74 -6.68
C MET J 104 24.94 -49.03 -7.73
N ASN J 105 24.65 -49.96 -8.64
CA ASN J 105 25.52 -50.20 -9.80
C ASN J 105 24.71 -50.08 -11.09
N GLN J 106 25.13 -50.76 -12.13
CA GLN J 106 24.44 -50.67 -13.41
C GLN J 106 23.01 -51.23 -13.38
N ASP J 107 22.81 -52.31 -12.63
CA ASP J 107 21.59 -53.12 -12.76
C ASP J 107 20.59 -52.92 -11.63
N THR J 108 21.05 -52.51 -10.46
CA THR J 108 20.20 -52.55 -9.26
C THR J 108 20.56 -51.42 -8.26
N LEU J 109 19.61 -51.15 -7.35
CA LEU J 109 19.64 -50.01 -6.39
C LEU J 109 19.23 -50.43 -4.95
N LEU J 110 20.08 -50.13 -3.95
CA LEU J 110 19.85 -50.58 -2.56
C LEU J 110 19.92 -49.50 -1.48
N LEU J 111 19.16 -49.69 -0.41
CA LEU J 111 19.25 -48.85 0.79
C LEU J 111 19.82 -49.64 1.95
N VAL J 112 20.71 -49.05 2.72
CA VAL J 112 21.28 -49.74 3.87
C VAL J 112 21.16 -48.87 5.12
N SER J 113 20.95 -49.54 6.26
CA SER J 113 20.75 -48.86 7.53
C SER J 113 21.51 -49.54 8.66
N GLY J 114 21.65 -48.80 9.75
CA GLY J 114 22.29 -49.32 10.95
C GLY J 114 21.45 -50.29 11.75
N THR J 115 20.17 -50.44 11.42
CA THR J 115 19.33 -51.48 12.02
C THR J 115 19.40 -52.78 11.22
N GLY J 116 20.25 -52.81 10.19
CA GLY J 116 20.41 -53.97 9.33
C GLY J 116 19.38 -54.19 8.22
N GLU J 117 18.78 -53.12 7.70
CA GLU J 117 17.81 -53.26 6.62
C GLU J 117 18.56 -53.17 5.31
N VAL J 118 18.08 -53.90 4.30
CA VAL J 118 18.56 -53.76 2.94
C VAL J 118 17.39 -53.84 1.98
N ILE J 119 17.09 -52.71 1.36
CA ILE J 119 15.83 -52.51 0.64
C ILE J 119 16.04 -52.10 -0.84
N GLU J 120 15.46 -52.89 -1.73
CA GLU J 120 15.44 -52.63 -3.15
C GLU J 120 14.06 -52.03 -3.43
N PRO J 121 14.01 -50.85 -4.04
CA PRO J 121 12.74 -50.19 -4.34
C PRO J 121 12.06 -50.93 -5.46
N ASP J 122 10.76 -50.75 -5.64
CA ASP J 122 10.04 -51.45 -6.68
C ASP J 122 10.11 -50.68 -7.97
N ASP J 123 10.22 -49.36 -7.85
CA ASP J 123 10.02 -48.48 -9.00
C ASP J 123 11.28 -47.70 -9.39
N GLY J 124 12.45 -48.23 -9.06
CA GLY J 124 13.70 -47.63 -9.48
C GLY J 124 14.17 -46.38 -8.76
N ILE J 125 13.51 -45.99 -7.65
CA ILE J 125 13.90 -44.79 -6.89
C ILE J 125 14.08 -44.99 -5.40
N LEU J 126 15.17 -44.42 -4.89
CA LEU J 126 15.39 -44.25 -3.46
C LEU J 126 15.74 -42.80 -3.13
N ALA J 127 15.48 -42.38 -1.90
CA ALA J 127 15.90 -41.07 -1.44
C ALA J 127 15.99 -41.02 0.07
N ILE J 128 17.11 -40.56 0.61
CA ILE J 128 17.25 -40.40 2.03
C ILE J 128 17.63 -38.97 2.40
N GLY J 129 17.70 -38.69 3.68
CA GLY J 129 18.10 -37.39 4.17
C GLY J 129 16.96 -36.54 4.72
N SER J 130 17.31 -35.31 5.09
CA SER J 130 16.36 -34.33 5.60
C SER J 130 15.19 -34.12 4.65
N GLY J 131 15.53 -33.69 3.43
CA GLY J 131 14.56 -33.42 2.40
C GLY J 131 14.15 -34.67 1.63
N GLY J 132 14.47 -35.84 2.16
CA GLY J 132 14.48 -37.06 1.39
C GLY J 132 13.13 -37.45 0.81
N ASN J 133 12.11 -37.33 1.64
CA ASN J 133 10.78 -37.72 1.26
C ASN J 133 10.17 -36.77 0.22
N TYR J 134 10.65 -35.53 0.23
CA TYR J 134 10.17 -34.54 -0.70
C TYR J 134 10.74 -34.92 -2.06
N ALA J 135 12.03 -35.24 -2.12
CA ALA J 135 12.68 -35.62 -3.39
C ALA J 135 12.07 -36.91 -3.93
N LEU J 136 11.74 -37.82 -3.02
CA LEU J 136 11.11 -39.08 -3.39
C LEU J 136 9.78 -38.83 -4.11
N ALA J 137 8.98 -37.92 -3.57
CA ALA J 137 7.71 -37.60 -4.19
C ALA J 137 7.95 -36.92 -5.54
N ALA J 138 8.94 -36.04 -5.60
CA ALA J 138 9.28 -35.36 -6.82
C ALA J 138 9.80 -36.32 -7.90
N GLY J 139 10.73 -37.19 -7.54
CA GLY J 139 11.22 -38.22 -8.45
C GLY J 139 10.12 -39.16 -8.93
N ARG J 140 9.47 -39.85 -8.01
CA ARG J 140 8.34 -40.74 -8.36
C ARG J 140 7.42 -40.14 -9.41
N ALA J 141 6.98 -38.90 -9.17
CA ALA J 141 6.02 -38.21 -10.05
C ALA J 141 6.59 -37.98 -11.41
N LEU J 142 7.83 -37.54 -11.48
CA LEU J 142 8.47 -37.23 -12.75
C LEU J 142 8.73 -38.49 -13.58
N LYS J 143 9.04 -39.59 -12.90
CA LYS J 143 9.31 -40.84 -13.60
C LYS J 143 8.03 -41.39 -14.23
N LYS J 144 6.90 -41.21 -13.54
CA LYS J 144 5.63 -41.80 -13.97
C LYS J 144 4.96 -40.93 -15.05
N HIS J 145 4.47 -39.76 -14.65
CA HIS J 145 3.66 -38.93 -15.53
C HIS J 145 4.47 -38.08 -16.51
N ALA J 146 5.81 -38.14 -16.43
CA ALA J 146 6.67 -37.33 -17.31
C ALA J 146 7.96 -38.02 -17.79
N GLY J 147 8.00 -39.35 -17.79
CA GLY J 147 9.21 -40.10 -18.08
C GLY J 147 9.63 -40.24 -19.54
N GLU J 148 8.72 -40.05 -20.49
CA GLU J 148 9.06 -40.28 -21.88
C GLU J 148 10.02 -39.21 -22.40
N SER J 149 10.22 -38.15 -21.62
CA SER J 149 10.98 -37.01 -22.06
C SER J 149 12.13 -36.62 -21.12
N MET J 150 12.18 -37.22 -19.95
CA MET J 150 13.25 -36.91 -19.01
C MET J 150 14.17 -38.09 -18.87
N SER J 151 15.48 -37.84 -18.85
CA SER J 151 16.47 -38.89 -18.59
C SER J 151 16.59 -39.24 -17.08
N ALA J 152 17.53 -40.12 -16.74
CA ALA J 152 17.82 -40.44 -15.35
C ALA J 152 18.49 -39.28 -14.62
N SER J 153 19.39 -38.59 -15.29
CA SER J 153 20.13 -37.51 -14.67
C SER J 153 19.28 -36.23 -14.60
N GLU J 154 18.28 -36.13 -15.48
CA GLU J 154 17.37 -34.97 -15.47
C GLU J 154 16.34 -35.08 -14.32
N ILE J 155 15.95 -36.30 -13.99
CA ILE J 155 15.03 -36.56 -12.88
C ILE J 155 15.74 -36.44 -11.54
N ALA J 156 17.00 -36.84 -11.50
CA ALA J 156 17.79 -36.71 -10.29
C ALA J 156 18.04 -35.22 -9.97
N ARG J 157 18.41 -34.45 -10.99
CA ARG J 157 18.68 -33.02 -10.82
C ARG J 157 17.40 -32.29 -10.32
N ALA J 158 16.23 -32.72 -10.76
CA ALA J 158 15.00 -31.99 -10.48
C ALA J 158 14.41 -32.39 -9.14
N ALA J 159 14.31 -33.69 -8.90
CA ALA J 159 13.84 -34.16 -7.62
C ALA J 159 14.49 -33.35 -6.50
N LEU J 160 15.82 -33.28 -6.50
CA LEU J 160 16.56 -32.47 -5.53
C LEU J 160 16.17 -30.99 -5.58
N GLU J 161 16.14 -30.43 -6.79
CA GLU J 161 15.78 -29.02 -6.94
C GLU J 161 14.49 -28.77 -6.18
N THR J 162 13.43 -29.49 -6.56
CA THR J 162 12.11 -29.42 -5.93
C THR J 162 12.15 -29.56 -4.42
N ALA J 163 13.04 -30.43 -3.93
CA ALA J 163 13.22 -30.65 -2.50
C ALA J 163 13.72 -29.43 -1.76
N GLY J 164 14.68 -28.71 -2.32
CA GLY J 164 15.32 -27.61 -1.62
C GLY J 164 14.39 -26.43 -1.51
N GLU J 165 13.54 -26.33 -2.52
CA GLU J 165 12.50 -25.31 -2.64
C GLU J 165 11.47 -25.42 -1.53
N ILE J 166 11.31 -26.61 -0.94
CA ILE J 166 10.35 -26.71 0.13
C ILE J 166 10.86 -27.18 1.46
N CYS J 167 12.05 -27.74 1.48
CA CYS J 167 12.65 -28.16 2.73
C CYS J 167 13.64 -27.10 3.12
N VAL J 168 13.61 -26.69 4.38
CA VAL J 168 14.55 -25.70 4.90
C VAL J 168 15.91 -26.34 5.25
N TYR J 169 15.97 -27.67 5.17
CA TYR J 169 17.22 -28.39 5.44
C TYR J 169 17.89 -28.84 4.15
N THR J 170 17.34 -28.40 3.00
CA THR J 170 17.90 -28.70 1.69
C THR J 170 18.07 -27.42 0.86
N ASN J 171 19.25 -27.28 0.25
CA ASN J 171 19.60 -26.11 -0.55
C ASN J 171 19.82 -26.47 -2.02
N ASP J 172 20.18 -25.48 -2.81
CA ASP J 172 20.28 -25.64 -4.26
C ASP J 172 21.71 -25.90 -4.77
N GLN J 173 22.65 -26.27 -3.91
CA GLN J 173 24.01 -26.59 -4.31
C GLN J 173 24.09 -28.07 -4.54
N ILE J 174 23.67 -28.47 -5.73
CA ILE J 174 23.45 -29.87 -6.03
C ILE J 174 24.70 -30.51 -6.62
N ILE J 175 25.01 -31.71 -6.11
CA ILE J 175 26.08 -32.53 -6.68
C ILE J 175 25.47 -33.78 -7.30
N LEU J 176 25.96 -34.14 -8.49
CA LEU J 176 25.38 -35.23 -9.29
C LEU J 176 26.47 -36.07 -9.97
N GLU J 177 26.30 -37.38 -9.89
CA GLU J 177 27.18 -38.32 -10.56
C GLU J 177 26.27 -39.28 -11.30
N GLU J 178 26.66 -39.67 -12.52
CA GLU J 178 26.00 -40.79 -13.19
C GLU J 178 27.01 -41.88 -13.51
N LEU J 179 26.49 -43.09 -13.75
CA LEU J 179 27.23 -44.17 -14.38
C LEU J 179 26.98 -44.12 -15.89
N GLU J 180 27.86 -44.72 -16.67
CA GLU J 180 27.60 -44.91 -18.11
C GLU J 180 27.89 -46.36 -18.52
N SER K 1 23.51 -37.15 42.93
CA SER K 1 23.11 -38.06 44.04
C SER K 1 22.10 -37.38 44.98
N SER K 2 21.59 -38.13 45.98
CA SER K 2 20.60 -37.61 46.95
C SER K 2 21.20 -36.60 47.95
N PHE K 3 22.47 -36.80 48.32
CA PHE K 3 23.18 -35.91 49.28
C PHE K 3 23.70 -34.59 48.66
N HIS K 4 23.36 -33.48 49.30
CA HIS K 4 23.80 -32.16 48.86
C HIS K 4 25.20 -31.91 49.39
N ALA K 5 26.04 -31.35 48.51
CA ALA K 5 27.41 -30.97 48.85
C ALA K 5 27.43 -29.78 49.83
N THR K 6 28.30 -29.85 50.85
CA THR K 6 28.48 -28.73 51.76
C THR K 6 28.96 -27.52 50.93
N THR K 7 29.28 -26.42 51.58
CA THR K 7 29.72 -25.21 50.88
C THR K 7 31.20 -24.91 51.17
N ILE K 8 31.95 -24.61 50.13
CA ILE K 8 33.37 -24.33 50.26
C ILE K 8 33.78 -23.05 49.53
N PHE K 9 34.54 -22.24 50.26
CA PHE K 9 35.00 -20.94 49.80
C PHE K 9 36.52 -20.82 50.02
N ALA K 10 37.19 -20.18 49.10
CA ALA K 10 38.64 -20.06 49.18
C ALA K 10 39.04 -18.68 48.71
N VAL K 11 39.99 -18.09 49.44
CA VAL K 11 40.46 -16.74 49.14
C VAL K 11 41.97 -16.59 49.37
N GLN K 12 42.59 -15.79 48.50
CA GLN K 12 43.94 -15.28 48.65
C GLN K 12 43.80 -13.77 48.72
N HIS K 13 44.26 -13.20 49.85
CA HIS K 13 44.11 -11.77 50.14
C HIS K 13 45.28 -11.26 50.99
N LYS K 14 46.15 -10.45 50.37
CA LYS K 14 47.30 -9.84 51.04
C LYS K 14 48.30 -10.86 51.59
N GLY K 15 48.86 -11.69 50.72
CA GLY K 15 49.81 -12.71 51.12
C GLY K 15 49.20 -13.91 51.84
N ARG K 16 48.12 -13.68 52.57
CA ARG K 16 47.46 -14.73 53.33
C ARG K 16 46.68 -15.59 52.38
N SER K 17 46.49 -16.85 52.76
CA SER K 17 45.63 -17.77 52.02
C SER K 17 44.69 -18.43 53.03
N ALA K 18 43.38 -18.30 52.85
CA ALA K 18 42.41 -18.98 53.73
C ALA K 18 41.42 -19.84 52.95
N MET K 19 40.69 -20.69 53.69
CA MET K 19 39.59 -21.51 53.16
C MET K 19 38.58 -21.80 54.27
N SER K 20 37.29 -21.60 53.96
CA SER K 20 36.17 -21.87 54.88
C SER K 20 35.12 -22.81 54.29
N GLY K 21 34.51 -23.61 55.15
CA GLY K 21 33.43 -24.50 54.72
C GLY K 21 32.49 -24.89 55.85
N ASP K 22 31.19 -24.97 55.54
CA ASP K 22 30.19 -25.27 56.56
C ASP K 22 30.14 -26.77 56.79
N GLY K 23 29.24 -27.19 57.68
CA GLY K 23 29.08 -28.60 58.01
C GLY K 23 27.78 -29.24 57.61
N GLN K 24 26.82 -28.48 57.06
CA GLN K 24 25.47 -29.01 56.79
C GLN K 24 25.44 -30.11 55.73
N VAL K 25 25.19 -31.35 56.13
CA VAL K 25 25.02 -32.44 55.17
C VAL K 25 23.54 -32.78 55.03
N THR K 26 23.00 -32.49 53.85
CA THR K 26 21.58 -32.65 53.60
C THR K 26 21.27 -33.80 52.65
N PHE K 27 20.62 -34.84 53.16
CA PHE K 27 20.05 -35.89 52.31
C PHE K 27 18.69 -35.43 51.80
N GLY K 28 18.38 -35.82 50.56
CA GLY K 28 17.09 -35.53 49.95
C GLY K 28 16.84 -34.06 49.67
N GLN K 29 15.57 -33.73 49.52
CA GLN K 29 15.12 -32.35 49.32
C GLN K 29 15.51 -31.46 50.50
N ALA K 30 15.29 -31.96 51.73
CA ALA K 30 15.27 -31.07 52.89
C ALA K 30 15.68 -31.61 54.25
N VAL K 31 16.20 -32.83 54.35
CA VAL K 31 16.50 -33.40 55.68
C VAL K 31 17.99 -33.35 56.04
N VAL K 32 18.28 -32.80 57.23
CA VAL K 32 19.64 -32.62 57.73
C VAL K 32 20.11 -33.76 58.64
N MET K 33 21.06 -34.57 58.15
CA MET K 33 21.65 -35.70 58.88
C MET K 33 22.73 -35.26 59.85
N LYS K 34 23.61 -34.38 59.35
CA LYS K 34 24.78 -33.90 60.05
C LYS K 34 24.88 -32.37 59.94
N HIS K 35 25.47 -31.77 60.97
CA HIS K 35 25.63 -30.31 61.06
C HIS K 35 27.09 -29.82 61.06
N THR K 36 28.04 -30.70 61.38
CA THR K 36 29.43 -30.27 61.60
C THR K 36 30.46 -31.02 60.74
N ALA K 37 30.09 -31.35 59.51
CA ALA K 37 30.98 -32.07 58.61
C ALA K 37 32.29 -31.30 58.40
N ARG K 38 33.34 -32.05 58.04
CA ARG K 38 34.68 -31.51 57.81
C ARG K 38 35.09 -31.80 56.38
N LYS K 39 35.11 -30.75 55.54
CA LYS K 39 35.41 -30.89 54.11
C LYS K 39 36.63 -30.05 53.67
N VAL K 40 37.35 -29.47 54.63
CA VAL K 40 38.44 -28.55 54.36
C VAL K 40 39.73 -28.99 55.13
N ARG K 41 40.67 -29.63 54.44
CA ARG K 41 41.86 -30.20 55.07
C ARG K 41 43.14 -29.58 54.57
N LYS K 42 44.21 -29.71 55.34
CA LYS K 42 45.57 -29.38 54.88
C LYS K 42 46.23 -30.66 54.40
N LEU K 43 47.01 -30.60 53.32
CA LEU K 43 47.68 -31.78 52.75
C LEU K 43 49.17 -31.49 52.50
N PHE K 44 49.96 -32.55 52.31
CA PHE K 44 51.37 -32.42 51.85
C PHE K 44 52.25 -31.65 52.86
N ASN K 45 52.05 -31.92 54.15
CA ASN K 45 52.73 -31.21 55.25
C ASN K 45 52.31 -29.73 55.39
N GLY K 46 51.01 -29.48 55.56
CA GLY K 46 50.50 -28.14 55.85
C GLY K 46 50.80 -27.02 54.85
N LYS K 47 51.17 -27.38 53.62
CA LYS K 47 51.54 -26.40 52.61
C LYS K 47 50.42 -26.14 51.58
N VAL K 48 49.42 -27.01 51.54
CA VAL K 48 48.26 -26.78 50.67
C VAL K 48 46.93 -27.04 51.40
N LEU K 49 45.88 -26.39 50.92
CA LEU K 49 44.52 -26.60 51.42
C LEU K 49 43.68 -27.35 50.38
N ALA K 50 42.77 -28.20 50.86
CA ALA K 50 42.03 -29.09 49.97
C ALA K 50 40.54 -29.18 50.38
N GLY K 51 39.72 -28.48 49.60
CA GLY K 51 38.28 -28.45 49.80
C GLY K 51 37.54 -29.30 48.78
N PHE K 52 36.92 -30.39 49.23
CA PHE K 52 36.02 -31.17 48.41
C PHE K 52 34.73 -31.35 49.16
N ALA K 53 33.61 -31.03 48.52
CA ALA K 53 32.32 -31.00 49.23
C ALA K 53 31.50 -32.32 49.16
N GLY K 54 31.78 -33.17 48.18
CA GLY K 54 31.12 -34.46 48.02
C GLY K 54 31.42 -35.48 49.10
N SER K 55 31.37 -36.76 48.74
CA SER K 55 31.48 -37.84 49.72
C SER K 55 32.93 -38.04 50.15
N VAL K 56 33.16 -38.78 51.24
CA VAL K 56 34.51 -38.88 51.81
C VAL K 56 35.35 -39.97 51.13
N ALA K 57 34.71 -41.07 50.73
CA ALA K 57 35.38 -42.10 49.91
C ALA K 57 35.90 -41.50 48.61
N ASP K 58 35.18 -40.51 48.12
CA ASP K 58 35.58 -39.72 46.98
C ASP K 58 36.66 -38.73 47.42
N ALA K 59 36.45 -38.06 48.54
CA ALA K 59 37.39 -37.04 49.03
C ALA K 59 38.81 -37.61 49.22
N PHE K 60 38.88 -38.82 49.73
CA PHE K 60 40.16 -39.48 50.01
C PHE K 60 40.77 -40.06 48.76
N THR K 61 39.96 -40.54 47.83
CA THR K 61 40.51 -41.06 46.59
C THR K 61 41.06 -39.90 45.77
N LEU K 62 40.56 -38.70 45.99
CA LEU K 62 41.00 -37.53 45.24
C LEU K 62 42.13 -36.81 45.94
N PHE K 63 42.21 -36.92 47.26
CA PHE K 63 43.35 -36.35 48.00
C PHE K 63 44.61 -37.23 47.87
N GLU K 64 44.41 -38.54 47.70
CA GLU K 64 45.50 -39.52 47.62
C GLU K 64 46.05 -39.67 46.21
N LYS K 65 45.21 -39.40 45.23
CA LYS K 65 45.65 -39.28 43.84
C LYS K 65 46.34 -37.93 43.63
N PHE K 66 45.94 -36.93 44.42
CA PHE K 66 46.53 -35.59 44.37
C PHE K 66 47.87 -35.54 45.13
N GLU K 67 47.86 -36.11 46.33
CA GLU K 67 49.03 -36.19 47.19
C GLU K 67 50.21 -36.66 46.33
N ALA K 68 50.02 -37.81 45.68
CA ALA K 68 51.06 -38.46 44.85
C ALA K 68 51.57 -37.61 43.67
N LYS K 69 50.70 -36.78 43.08
CA LYS K 69 51.09 -35.92 41.96
C LYS K 69 52.01 -34.78 42.43
N LEU K 70 51.69 -34.19 43.57
CA LEU K 70 52.53 -33.13 44.14
C LEU K 70 53.95 -33.62 44.46
N GLU K 71 54.07 -34.82 45.03
CA GLU K 71 55.37 -35.40 45.32
C GLU K 71 56.06 -35.85 44.03
N GLU K 72 55.26 -36.16 43.02
CA GLU K 72 55.75 -36.53 41.70
C GLU K 72 55.99 -35.31 40.80
N TYR K 73 55.78 -34.11 41.31
CA TYR K 73 56.10 -32.88 40.58
C TYR K 73 56.65 -31.74 41.47
N ASN K 74 57.28 -32.11 42.59
CA ASN K 74 58.01 -31.16 43.45
C ASN K 74 57.19 -29.98 43.98
N GLY K 75 55.91 -30.21 44.23
CA GLY K 75 55.07 -29.21 44.86
C GLY K 75 54.41 -28.24 43.89
N ASN K 76 54.66 -28.41 42.59
CA ASN K 76 53.99 -27.59 41.57
C ASN K 76 52.50 -27.92 41.52
N LEU K 77 51.71 -26.94 41.92
CA LEU K 77 50.28 -27.12 42.02
C LEU K 77 49.68 -27.26 40.63
N LYS K 78 49.91 -26.26 39.79
CA LYS K 78 49.28 -26.17 38.49
C LYS K 78 49.41 -27.48 37.70
N ARG K 79 50.57 -28.12 37.82
CA ARG K 79 50.86 -29.32 37.06
C ARG K 79 50.13 -30.55 37.61
N ALA K 80 50.15 -30.70 38.94
CA ALA K 80 49.44 -31.80 39.59
C ALA K 80 47.94 -31.71 39.31
N ALA K 81 47.40 -30.50 39.37
CA ALA K 81 45.99 -30.26 39.09
C ALA K 81 45.62 -30.77 37.71
N VAL K 82 46.37 -30.33 36.70
CA VAL K 82 46.13 -30.70 35.30
C VAL K 82 46.19 -32.22 35.09
N GLU K 83 47.13 -32.89 35.75
CA GLU K 83 47.29 -34.33 35.61
C GLU K 83 46.19 -35.07 36.34
N LEU K 84 45.74 -34.51 37.47
CA LEU K 84 44.61 -35.05 38.22
C LEU K 84 43.33 -34.99 37.39
N ALA K 85 43.13 -33.87 36.70
CA ALA K 85 41.95 -33.64 35.88
C ALA K 85 41.92 -34.53 34.63
N LYS K 86 43.10 -34.88 34.11
CA LYS K 86 43.22 -35.87 33.04
C LYS K 86 42.81 -37.25 33.57
N GLU K 87 43.25 -37.56 34.78
CA GLU K 87 43.00 -38.84 35.44
C GLU K 87 41.54 -38.92 35.91
N TRP K 88 41.01 -37.78 36.34
CA TRP K 88 39.66 -37.70 36.93
C TRP K 88 38.64 -37.89 35.82
N ARG K 89 38.83 -37.14 34.72
CA ARG K 89 37.86 -37.14 33.63
C ARG K 89 37.81 -38.44 32.80
N SER K 90 38.80 -39.32 32.97
CA SER K 90 38.83 -40.62 32.29
C SER K 90 38.18 -41.71 33.14
N ASP K 91 38.53 -41.73 34.43
CA ASP K 91 37.99 -42.68 35.42
C ASP K 91 36.48 -42.89 35.23
N LYS K 92 36.09 -44.11 34.87
CA LYS K 92 34.72 -44.40 34.49
C LYS K 92 33.76 -43.87 35.58
N VAL K 93 34.08 -44.23 36.83
CA VAL K 93 33.25 -43.90 37.99
C VAL K 93 33.29 -42.38 38.33
N LEU K 94 34.46 -41.91 38.76
CA LEU K 94 34.64 -40.55 39.28
C LEU K 94 34.29 -39.40 38.31
N ARG K 95 34.25 -39.70 37.02
CA ARG K 95 33.96 -38.67 36.00
C ARG K 95 32.61 -37.96 36.23
N LYS K 96 31.59 -38.70 36.65
CA LYS K 96 30.22 -38.17 36.74
C LYS K 96 29.94 -37.26 37.97
N LEU K 97 30.92 -37.11 38.84
CA LEU K 97 30.77 -36.35 40.06
C LEU K 97 30.45 -34.89 39.81
N GLU K 98 29.46 -34.37 40.51
CA GLU K 98 29.07 -32.99 40.36
C GLU K 98 29.93 -32.09 41.21
N ALA K 99 30.30 -32.53 42.40
CA ALA K 99 31.17 -31.74 43.24
C ALA K 99 32.56 -31.61 42.63
N MET K 100 33.23 -30.52 42.98
CA MET K 100 34.54 -30.18 42.42
C MET K 100 35.55 -29.95 43.54
N LEU K 101 36.80 -29.73 43.17
CA LEU K 101 37.91 -29.60 44.11
C LEU K 101 38.45 -28.18 44.11
N ILE K 102 38.85 -27.72 45.28
CA ILE K 102 39.63 -26.50 45.40
C ILE K 102 40.90 -26.86 46.13
N VAL K 103 41.99 -26.87 45.38
CA VAL K 103 43.32 -26.98 45.97
C VAL K 103 43.97 -25.61 45.90
N MET K 104 44.65 -25.22 46.96
CA MET K 104 45.38 -23.96 46.97
C MET K 104 46.69 -24.04 47.78
N ASN K 105 47.76 -23.44 47.26
CA ASN K 105 48.99 -23.20 48.05
C ASN K 105 49.29 -21.72 48.15
N GLN K 106 50.37 -21.40 48.86
CA GLN K 106 50.75 -20.02 49.09
C GLN K 106 50.57 -19.15 47.84
N ASP K 107 51.06 -19.64 46.70
CA ASP K 107 51.13 -18.86 45.45
C ASP K 107 49.82 -18.72 44.68
N THR K 108 49.08 -19.82 44.55
CA THR K 108 47.98 -19.86 43.60
C THR K 108 46.80 -20.76 43.99
N LEU K 109 45.67 -20.48 43.35
CA LEU K 109 44.37 -21.04 43.72
C LEU K 109 43.83 -21.79 42.52
N LEU K 110 43.26 -22.98 42.73
CA LEU K 110 42.82 -23.84 41.63
C LEU K 110 41.45 -24.51 41.85
N LEU K 111 40.64 -24.55 40.80
CA LEU K 111 39.38 -25.31 40.76
C LEU K 111 39.51 -26.49 39.80
N VAL K 112 39.29 -27.68 40.31
CA VAL K 112 39.39 -28.88 39.49
C VAL K 112 38.04 -29.57 39.42
N SER K 113 37.68 -30.04 38.22
CA SER K 113 36.40 -30.69 37.96
C SER K 113 36.61 -32.06 37.31
N GLY K 114 35.59 -32.91 37.39
CA GLY K 114 35.65 -34.24 36.82
C GLY K 114 35.34 -34.27 35.34
N THR K 115 34.91 -33.13 34.79
CA THR K 115 34.84 -32.95 33.35
C THR K 115 36.16 -32.37 32.83
N GLY K 116 37.21 -32.51 33.64
CA GLY K 116 38.57 -32.14 33.29
C GLY K 116 39.01 -30.69 33.40
N GLU K 117 38.24 -29.82 34.05
CA GLU K 117 38.59 -28.39 34.03
C GLU K 117 39.66 -28.09 35.07
N VAL K 118 40.47 -27.09 34.76
CA VAL K 118 41.39 -26.49 35.74
C VAL K 118 41.29 -24.97 35.58
N ILE K 119 40.88 -24.28 36.64
CA ILE K 119 40.55 -22.86 36.54
C ILE K 119 41.26 -22.01 37.62
N GLU K 120 41.95 -20.97 37.17
CA GLU K 120 42.58 -20.01 38.06
C GLU K 120 41.73 -18.74 38.02
N PRO K 121 41.19 -18.31 39.17
CA PRO K 121 40.35 -17.11 39.23
C PRO K 121 41.14 -15.80 39.16
N ASP K 122 40.51 -14.74 38.69
CA ASP K 122 41.17 -13.45 38.43
C ASP K 122 41.23 -12.52 39.62
N ASP K 123 40.27 -12.62 40.52
CA ASP K 123 40.33 -11.85 41.76
C ASP K 123 40.67 -12.77 42.96
N GLY K 124 41.40 -13.85 42.70
CA GLY K 124 41.88 -14.75 43.75
C GLY K 124 40.84 -15.38 44.66
N ILE K 125 39.62 -15.64 44.15
CA ILE K 125 38.56 -16.31 44.93
C ILE K 125 37.87 -17.46 44.17
N LEU K 126 37.54 -18.53 44.89
CA LEU K 126 36.69 -19.60 44.38
C LEU K 126 35.62 -19.96 45.39
N ALA K 127 34.49 -20.49 44.93
CA ALA K 127 33.50 -21.14 45.82
C ALA K 127 32.75 -22.26 45.09
N ILE K 128 32.46 -23.33 45.82
CA ILE K 128 31.74 -24.49 45.28
C ILE K 128 30.65 -24.97 46.24
N GLY K 129 29.91 -25.99 45.83
CA GLY K 129 28.88 -26.54 46.69
C GLY K 129 27.61 -25.74 46.65
N SER K 130 26.67 -26.05 47.55
CA SER K 130 25.28 -25.58 47.46
C SER K 130 25.16 -24.07 47.50
N GLY K 131 25.85 -23.49 48.47
CA GLY K 131 25.79 -22.07 48.71
C GLY K 131 26.92 -21.35 48.01
N GLY K 132 27.78 -22.14 47.36
CA GLY K 132 28.96 -21.66 46.66
C GLY K 132 28.75 -20.36 45.92
N ASN K 133 27.77 -20.31 45.04
CA ASN K 133 27.48 -19.08 44.32
C ASN K 133 27.22 -17.89 45.23
N TYR K 134 26.60 -18.13 46.38
CA TYR K 134 26.29 -17.04 47.29
C TYR K 134 27.51 -16.65 48.13
N ALA K 135 28.35 -17.63 48.46
CA ALA K 135 29.64 -17.38 49.10
C ALA K 135 30.65 -16.65 48.18
N LEU K 136 30.47 -16.80 46.86
CA LEU K 136 31.29 -16.12 45.86
C LEU K 136 30.95 -14.64 45.85
N ALA K 137 29.67 -14.32 45.88
CA ALA K 137 29.24 -12.92 45.87
C ALA K 137 29.56 -12.23 47.19
N ALA K 138 29.54 -12.98 48.28
CA ALA K 138 29.90 -12.40 49.57
C ALA K 138 31.38 -12.05 49.55
N GLY K 139 32.21 -13.02 49.17
CA GLY K 139 33.65 -12.84 49.16
C GLY K 139 34.07 -11.72 48.23
N ARG K 140 33.77 -11.90 46.94
CA ARG K 140 34.02 -10.88 45.91
C ARG K 140 33.69 -9.46 46.39
N ALA K 141 32.54 -9.28 47.02
CA ALA K 141 32.05 -7.97 47.42
C ALA K 141 32.88 -7.35 48.53
N LEU K 142 33.30 -8.16 49.48
CA LEU K 142 34.07 -7.66 50.62
C LEU K 142 35.51 -7.32 50.24
N LYS K 143 36.15 -8.20 49.47
CA LYS K 143 37.51 -7.99 49.01
C LYS K 143 37.58 -6.73 48.17
N LYS K 144 36.52 -6.46 47.41
CA LYS K 144 36.47 -5.22 46.65
C LYS K 144 36.29 -3.98 47.54
N HIS K 145 35.18 -3.91 48.29
CA HIS K 145 34.74 -2.64 48.91
C HIS K 145 35.10 -2.43 50.38
N ALA K 146 35.92 -3.31 50.93
CA ALA K 146 36.35 -3.17 52.31
C ALA K 146 37.51 -4.11 52.60
N GLY K 147 38.33 -4.35 51.58
CA GLY K 147 39.47 -5.24 51.71
C GLY K 147 40.53 -4.68 52.63
N GLU K 148 40.58 -3.35 52.76
CA GLU K 148 41.61 -2.66 53.55
C GLU K 148 41.42 -2.77 55.06
N SER K 149 40.27 -3.29 55.50
CA SER K 149 40.04 -3.54 56.93
C SER K 149 39.63 -4.99 57.19
N MET K 150 40.01 -5.88 56.28
CA MET K 150 39.70 -7.30 56.39
C MET K 150 40.85 -8.19 55.90
N SER K 151 41.12 -9.26 56.64
CA SER K 151 42.17 -10.23 56.29
C SER K 151 41.57 -11.45 55.59
N ALA K 152 42.43 -12.33 55.07
CA ALA K 152 41.99 -13.50 54.28
C ALA K 152 41.13 -14.43 55.09
N SER K 153 41.47 -14.57 56.37
CA SER K 153 40.67 -15.42 57.25
C SER K 153 39.32 -14.75 57.58
N GLU K 154 39.32 -13.47 57.92
CA GLU K 154 38.07 -12.76 58.23
C GLU K 154 37.09 -12.82 57.06
N ILE K 155 37.62 -12.83 55.82
CA ILE K 155 36.80 -12.84 54.60
C ILE K 155 36.22 -14.22 54.28
N ALA K 156 36.98 -15.27 54.56
CA ALA K 156 36.50 -16.64 54.38
C ALA K 156 35.40 -16.91 55.39
N ARG K 157 35.66 -16.57 56.64
CA ARG K 157 34.70 -16.71 57.73
C ARG K 157 33.41 -15.96 57.36
N ALA K 158 33.55 -14.73 56.88
CA ALA K 158 32.41 -13.84 56.67
C ALA K 158 31.54 -14.24 55.47
N ALA K 159 32.18 -14.78 54.43
CA ALA K 159 31.48 -15.19 53.22
C ALA K 159 30.62 -16.43 53.50
N LEU K 160 31.04 -17.22 54.48
CA LEU K 160 30.32 -18.43 54.84
C LEU K 160 29.17 -18.12 55.81
N GLU K 161 29.36 -17.14 56.71
CA GLU K 161 28.30 -16.72 57.64
C GLU K 161 27.11 -16.16 56.86
N THR K 162 27.45 -15.49 55.76
CA THR K 162 26.47 -14.87 54.89
C THR K 162 25.74 -15.93 54.08
N ALA K 163 26.46 -16.96 53.67
CA ALA K 163 25.90 -18.03 52.85
C ALA K 163 24.95 -18.88 53.66
N GLY K 164 25.26 -19.09 54.94
CA GLY K 164 24.39 -19.86 55.78
C GLY K 164 23.04 -19.20 55.87
N GLU K 165 23.05 -17.87 55.80
CA GLU K 165 21.93 -17.04 56.20
C GLU K 165 20.99 -16.65 55.03
N ILE K 166 21.32 -17.08 53.82
CA ILE K 166 20.32 -17.07 52.74
C ILE K 166 20.07 -18.49 52.20
N CYS K 167 21.08 -19.34 52.27
CA CYS K 167 20.97 -20.69 51.76
C CYS K 167 20.48 -21.65 52.84
N VAL K 168 19.41 -22.35 52.50
CA VAL K 168 18.86 -23.40 53.34
C VAL K 168 19.78 -24.60 53.40
N TYR K 169 20.61 -24.76 52.36
CA TYR K 169 21.54 -25.88 52.26
C TYR K 169 22.91 -25.54 52.89
N THR K 170 23.07 -24.32 53.39
CA THR K 170 24.29 -23.94 54.10
C THR K 170 23.93 -23.46 55.50
N ASN K 171 24.74 -23.90 56.48
CA ASN K 171 24.56 -23.57 57.90
C ASN K 171 25.71 -22.76 58.49
N ASP K 172 25.65 -22.52 59.79
CA ASP K 172 26.60 -21.63 60.46
C ASP K 172 27.77 -22.31 61.22
N GLN K 173 27.99 -23.61 61.01
CA GLN K 173 29.03 -24.37 61.73
C GLN K 173 30.30 -24.49 60.90
N ILE K 174 31.17 -23.49 61.04
CA ILE K 174 32.23 -23.19 60.06
C ILE K 174 33.59 -23.81 60.38
N ILE K 175 34.31 -24.21 59.34
CA ILE K 175 35.67 -24.71 59.49
C ILE K 175 36.65 -23.84 58.68
N LEU K 176 37.66 -23.29 59.39
CA LEU K 176 38.65 -22.38 58.80
C LEU K 176 40.08 -22.93 58.87
N GLU K 177 40.65 -23.18 57.70
CA GLU K 177 42.04 -23.62 57.58
C GLU K 177 42.82 -22.62 56.72
N GLU K 178 43.89 -22.05 57.27
CA GLU K 178 44.73 -21.14 56.52
C GLU K 178 46.18 -21.56 56.52
N LEU K 179 46.93 -21.00 55.57
CA LEU K 179 48.37 -21.09 55.53
C LEU K 179 48.90 -19.80 56.15
N GLU K 180 50.21 -19.71 56.34
CA GLU K 180 50.79 -18.61 57.10
C GLU K 180 51.67 -17.73 56.20
N SER L 1 28.58 -29.33 29.45
CA SER L 1 28.45 -29.82 30.87
C SER L 1 27.52 -28.87 31.70
N SER L 2 27.77 -28.74 33.01
CA SER L 2 27.42 -27.51 33.72
C SER L 2 28.27 -26.33 33.17
N PHE L 3 29.51 -26.61 32.75
CA PHE L 3 30.41 -25.57 32.16
C PHE L 3 30.12 -25.24 30.67
N HIS L 4 29.98 -23.94 30.37
CA HIS L 4 29.60 -23.42 29.04
C HIS L 4 30.83 -23.23 28.19
N ALA L 5 30.81 -23.81 26.99
CA ALA L 5 31.86 -23.58 26.00
C ALA L 5 32.06 -22.08 25.76
N THR L 6 33.30 -21.65 25.54
CA THR L 6 33.57 -20.26 25.19
C THR L 6 33.16 -20.00 23.72
N THR L 7 33.63 -18.89 23.16
CA THR L 7 33.31 -18.48 21.79
C THR L 7 34.62 -18.27 21.00
N ILE L 8 34.71 -18.85 19.82
CA ILE L 8 35.90 -18.74 19.00
C ILE L 8 35.50 -18.52 17.57
N PHE L 9 36.28 -17.71 16.88
CA PHE L 9 36.01 -17.27 15.51
C PHE L 9 37.31 -17.29 14.67
N ALA L 10 37.23 -17.80 13.45
CA ALA L 10 38.39 -17.94 12.56
C ALA L 10 38.09 -17.40 11.17
N VAL L 11 39.11 -16.95 10.47
CA VAL L 11 38.87 -16.21 9.25
C VAL L 11 40.09 -16.12 8.34
N GLN L 12 39.90 -16.43 7.06
CA GLN L 12 40.96 -16.26 6.07
C GLN L 12 40.49 -15.22 5.05
N HIS L 13 41.32 -14.21 4.78
CA HIS L 13 40.89 -12.98 4.10
C HIS L 13 42.08 -12.20 3.56
N LYS L 14 42.14 -12.03 2.25
CA LYS L 14 43.28 -11.36 1.59
C LYS L 14 44.63 -11.97 2.00
N GLY L 15 44.66 -13.30 2.10
CA GLY L 15 45.89 -14.04 2.32
C GLY L 15 46.32 -14.17 3.77
N ARG L 16 45.51 -13.67 4.70
CA ARG L 16 45.92 -13.59 6.10
C ARG L 16 45.08 -14.57 6.87
N SER L 17 45.66 -15.21 7.88
CA SER L 17 44.86 -16.01 8.81
C SER L 17 44.84 -15.36 10.19
N ALA L 18 43.73 -15.52 10.88
CA ALA L 18 43.56 -14.99 12.22
C ALA L 18 42.49 -15.77 12.99
N MET L 19 42.71 -15.98 14.29
CA MET L 19 41.70 -16.61 15.16
C MET L 19 41.51 -15.79 16.44
N SER L 20 40.26 -15.58 16.83
CA SER L 20 39.95 -14.84 18.05
C SER L 20 39.09 -15.69 18.95
N GLY L 21 39.06 -15.31 20.23
CA GLY L 21 38.15 -15.91 21.20
C GLY L 21 38.08 -15.09 22.48
N ASP L 22 36.91 -15.08 23.12
CA ASP L 22 36.74 -14.44 24.41
C ASP L 22 37.25 -15.37 25.52
N GLY L 23 36.94 -15.04 26.77
CA GLY L 23 37.44 -15.80 27.89
C GLY L 23 36.43 -16.14 28.98
N GLN L 24 35.17 -15.79 28.77
CA GLN L 24 34.15 -16.05 29.80
C GLN L 24 33.93 -17.55 29.97
N VAL L 25 33.93 -17.98 31.22
CA VAL L 25 33.68 -19.35 31.58
C VAL L 25 32.50 -19.31 32.53
N THR L 26 31.34 -19.78 32.06
CA THR L 26 30.13 -19.82 32.90
C THR L 26 29.82 -21.24 33.37
N PHE L 27 29.66 -21.40 34.69
CA PHE L 27 29.25 -22.68 35.25
C PHE L 27 27.79 -22.56 35.64
N GLY L 28 27.01 -23.55 35.20
CA GLY L 28 25.57 -23.53 35.37
C GLY L 28 24.92 -22.55 34.42
N GLN L 29 23.68 -22.21 34.79
CA GLN L 29 22.88 -21.25 34.06
C GLN L 29 23.68 -19.98 33.93
N ALA L 30 24.02 -19.38 35.06
CA ALA L 30 24.23 -17.93 35.09
C ALA L 30 25.46 -17.41 35.86
N VAL L 31 26.43 -18.27 36.20
CA VAL L 31 27.53 -17.81 37.07
C VAL L 31 28.91 -17.80 36.41
N VAL L 32 29.56 -16.65 36.49
CA VAL L 32 30.89 -16.44 35.90
C VAL L 32 31.98 -16.65 36.96
N MET L 33 32.91 -17.54 36.65
CA MET L 33 34.06 -17.85 37.51
C MET L 33 35.38 -17.26 36.95
N LYS L 34 35.53 -17.27 35.64
CA LYS L 34 36.70 -16.73 34.99
C LYS L 34 36.25 -15.75 33.92
N HIS L 35 37.11 -14.76 33.65
CA HIS L 35 36.83 -13.72 32.66
C HIS L 35 37.85 -13.70 31.52
N THR L 36 39.03 -14.31 31.75
CA THR L 36 40.22 -14.14 30.89
C THR L 36 40.84 -15.46 30.41
N ALA L 37 40.01 -16.43 30.06
CA ALA L 37 40.48 -17.75 29.64
C ALA L 37 41.22 -17.66 28.33
N ARG L 38 41.95 -18.73 28.00
CA ARG L 38 42.76 -18.83 26.78
C ARG L 38 42.47 -20.15 26.04
N LYS L 39 41.54 -20.09 25.06
CA LYS L 39 41.13 -21.26 24.29
C LYS L 39 41.57 -21.21 22.81
N VAL L 40 42.57 -20.36 22.53
CA VAL L 40 43.13 -20.22 21.19
C VAL L 40 44.63 -20.28 21.38
N ARG L 41 45.29 -21.24 20.74
CA ARG L 41 46.74 -21.41 20.94
C ARG L 41 47.46 -21.52 19.61
N LYS L 42 48.79 -21.59 19.69
CA LYS L 42 49.64 -21.83 18.53
C LYS L 42 50.29 -23.20 18.71
N LEU L 43 50.35 -23.96 17.61
CA LEU L 43 50.83 -25.32 17.61
C LEU L 43 51.87 -25.48 16.51
N PHE L 44 52.70 -26.52 16.59
CA PHE L 44 53.47 -26.99 15.43
C PHE L 44 54.33 -25.86 14.85
N ASN L 45 55.17 -25.27 15.70
CA ASN L 45 56.03 -24.17 15.29
C ASN L 45 55.26 -22.97 14.69
N GLY L 46 54.29 -22.44 15.41
CA GLY L 46 53.59 -21.23 15.00
C GLY L 46 52.94 -21.22 13.62
N LYS L 47 52.75 -22.42 13.03
CA LYS L 47 52.22 -22.59 11.68
C LYS L 47 50.79 -23.19 11.63
N VAL L 48 50.23 -23.53 12.79
CA VAL L 48 48.78 -23.79 12.91
C VAL L 48 48.16 -23.14 14.17
N LEU L 49 46.88 -22.76 14.04
CA LEU L 49 46.11 -22.18 15.14
C LEU L 49 44.97 -23.09 15.52
N ALA L 50 44.80 -23.30 16.81
CA ALA L 50 43.83 -24.26 17.35
C ALA L 50 42.82 -23.66 18.31
N GLY L 51 41.55 -23.74 17.94
CA GLY L 51 40.47 -23.35 18.83
C GLY L 51 39.65 -24.52 19.39
N PHE L 52 39.72 -24.70 20.71
CA PHE L 52 38.88 -25.65 21.41
C PHE L 52 38.27 -24.96 22.60
N ALA L 53 36.93 -24.97 22.65
CA ALA L 53 36.18 -24.21 23.62
C ALA L 53 36.02 -24.95 24.96
N GLY L 54 36.38 -26.23 24.99
CA GLY L 54 36.04 -27.12 26.09
C GLY L 54 36.97 -27.08 27.29
N SER L 55 36.90 -28.10 28.15
CA SER L 55 37.78 -28.16 29.33
C SER L 55 39.26 -28.16 28.94
N VAL L 56 40.15 -27.94 29.91
CA VAL L 56 41.57 -27.85 29.59
C VAL L 56 42.18 -29.24 29.41
N ALA L 57 41.74 -30.21 30.19
CA ALA L 57 42.21 -31.58 30.06
C ALA L 57 41.95 -32.08 28.66
N ASP L 58 40.75 -31.83 28.15
CA ASP L 58 40.38 -32.28 26.82
C ASP L 58 41.07 -31.45 25.71
N ALA L 59 41.47 -30.22 26.05
CA ALA L 59 42.20 -29.38 25.11
C ALA L 59 43.52 -30.03 24.81
N PHE L 60 44.20 -30.49 25.86
CA PHE L 60 45.52 -31.07 25.71
C PHE L 60 45.48 -32.43 25.05
N THR L 61 44.41 -33.18 25.28
CA THR L 61 44.29 -34.50 24.68
C THR L 61 44.07 -34.39 23.17
N LEU L 62 43.47 -33.30 22.73
CA LEU L 62 43.20 -33.10 21.31
C LEU L 62 44.30 -32.26 20.61
N PHE L 63 45.09 -31.54 21.39
CA PHE L 63 46.21 -30.74 20.86
C PHE L 63 47.41 -31.65 20.63
N GLU L 64 47.49 -32.70 21.45
CA GLU L 64 48.54 -33.69 21.31
C GLU L 64 48.14 -34.78 20.33
N LYS L 65 46.86 -35.18 20.34
CA LYS L 65 46.39 -36.21 19.38
C LYS L 65 46.35 -35.67 17.94
N PHE L 66 46.14 -34.36 17.77
CA PHE L 66 46.25 -33.71 16.45
C PHE L 66 47.72 -33.55 16.03
N GLU L 67 48.56 -33.09 16.96
CA GLU L 67 49.97 -32.83 16.70
C GLU L 67 50.70 -34.10 16.21
N ALA L 68 50.30 -35.24 16.77
CA ALA L 68 50.87 -36.54 16.41
C ALA L 68 50.52 -36.93 14.97
N LYS L 69 49.37 -36.44 14.51
CA LYS L 69 48.90 -36.70 13.15
C LYS L 69 49.67 -35.86 12.13
N LEU L 70 49.86 -34.57 12.43
CA LEU L 70 50.53 -33.65 11.50
C LEU L 70 51.97 -34.07 11.20
N GLU L 71 52.74 -34.37 12.24
CA GLU L 71 54.11 -34.83 12.04
C GLU L 71 54.10 -36.18 11.34
N GLU L 72 53.04 -36.95 11.56
CA GLU L 72 52.78 -38.17 10.79
C GLU L 72 52.63 -37.82 9.29
N TYR L 73 51.55 -37.09 8.94
CA TYR L 73 51.21 -36.81 7.54
C TYR L 73 51.82 -35.50 7.01
N ASN L 74 53.05 -35.16 7.46
CA ASN L 74 53.85 -34.06 6.90
C ASN L 74 53.22 -32.65 6.86
N GLY L 75 52.29 -32.36 7.79
CA GLY L 75 51.70 -31.04 7.94
C GLY L 75 50.37 -30.85 7.23
N ASN L 76 49.96 -31.87 6.47
CA ASN L 76 48.69 -31.86 5.76
C ASN L 76 47.59 -31.77 6.79
N LEU L 77 46.95 -30.62 6.83
CA LEU L 77 45.93 -30.33 7.83
C LEU L 77 44.65 -31.15 7.59
N LYS L 78 44.35 -31.41 6.31
CA LYS L 78 43.11 -32.09 5.94
C LYS L 78 43.20 -33.57 6.22
N ARG L 79 44.32 -34.20 5.87
CA ARG L 79 44.49 -35.63 6.19
C ARG L 79 44.61 -35.82 7.71
N ALA L 80 45.23 -34.84 8.38
CA ALA L 80 45.43 -34.87 9.85
C ALA L 80 44.14 -34.69 10.65
N ALA L 81 43.20 -33.89 10.15
CA ALA L 81 41.97 -33.65 10.89
C ALA L 81 40.96 -34.78 10.66
N VAL L 82 41.09 -35.48 9.54
CA VAL L 82 40.22 -36.61 9.21
C VAL L 82 40.50 -37.80 10.12
N GLU L 83 41.77 -38.07 10.40
CA GLU L 83 42.16 -39.17 11.28
C GLU L 83 41.94 -38.80 12.74
N LEU L 84 42.00 -37.51 13.05
CA LEU L 84 41.62 -37.01 14.36
C LEU L 84 40.12 -37.19 14.56
N ALA L 85 39.33 -37.12 13.48
CA ALA L 85 37.90 -37.37 13.55
C ALA L 85 37.62 -38.84 13.92
N LYS L 86 38.11 -39.77 13.11
CA LYS L 86 37.93 -41.22 13.38
C LYS L 86 38.33 -41.62 14.80
N GLU L 87 39.34 -40.95 15.35
CA GLU L 87 39.88 -41.29 16.66
C GLU L 87 38.97 -40.73 17.73
N TRP L 88 38.69 -39.44 17.61
CA TRP L 88 37.77 -38.73 18.52
C TRP L 88 36.44 -39.44 18.60
N ARG L 89 35.97 -39.99 17.49
CA ARG L 89 34.62 -40.54 17.44
C ARG L 89 34.55 -42.03 17.86
N SER L 90 35.66 -42.74 17.71
CA SER L 90 35.74 -44.12 18.21
C SER L 90 36.03 -44.17 19.71
N ASP L 91 36.45 -43.04 20.27
CA ASP L 91 36.83 -42.94 21.69
C ASP L 91 35.60 -42.89 22.60
N LYS L 92 35.45 -43.91 23.45
CA LYS L 92 34.23 -44.05 24.26
C LYS L 92 33.83 -42.77 25.03
N VAL L 93 34.84 -42.04 25.51
CA VAL L 93 34.60 -40.89 26.38
C VAL L 93 34.49 -39.59 25.61
N LEU L 94 35.53 -39.28 24.84
CA LEU L 94 35.61 -38.00 24.14
C LEU L 94 34.48 -37.79 23.12
N ARG L 95 34.02 -38.87 22.50
CA ARG L 95 32.89 -38.87 21.56
C ARG L 95 31.69 -37.97 21.88
N LYS L 96 31.31 -37.90 23.17
CA LYS L 96 30.09 -37.23 23.61
C LYS L 96 30.24 -35.71 23.71
N LEU L 97 31.48 -35.23 23.69
CA LEU L 97 31.79 -33.82 23.87
C LEU L 97 30.98 -32.96 22.93
N GLU L 98 30.40 -31.91 23.47
CA GLU L 98 29.60 -30.99 22.68
C GLU L 98 30.50 -29.98 22.03
N ALA L 99 31.68 -29.75 22.62
CA ALA L 99 32.61 -28.73 22.13
C ALA L 99 33.38 -29.19 20.90
N MET L 100 33.66 -28.23 20.04
CA MET L 100 34.29 -28.54 18.75
C MET L 100 35.67 -27.91 18.62
N LEU L 101 36.38 -28.35 17.59
CA LEU L 101 37.75 -27.96 17.28
C LEU L 101 37.80 -27.14 15.99
N ILE L 102 38.54 -26.05 15.99
CA ILE L 102 38.91 -25.37 14.75
C ILE L 102 40.41 -25.38 14.62
N VAL L 103 40.88 -26.13 13.63
CA VAL L 103 42.27 -26.05 13.20
C VAL L 103 42.30 -25.30 11.87
N MET L 104 43.31 -24.45 11.73
CA MET L 104 43.62 -23.78 10.47
C MET L 104 45.13 -23.66 10.26
N ASN L 105 45.56 -23.71 9.00
CA ASN L 105 46.92 -23.32 8.64
C ASN L 105 46.91 -22.33 7.48
N GLN L 106 48.07 -22.11 6.89
CA GLN L 106 48.20 -21.15 5.79
C GLN L 106 47.23 -21.41 4.62
N ASP L 107 46.97 -22.69 4.30
CA ASP L 107 46.19 -23.04 3.09
C ASP L 107 44.68 -23.20 3.34
N THR L 108 44.26 -23.60 4.54
CA THR L 108 42.83 -23.86 4.76
C THR L 108 42.34 -23.76 6.22
N LEU L 109 41.03 -23.92 6.39
CA LEU L 109 40.38 -23.75 7.68
C LEU L 109 39.39 -24.90 7.98
N LEU L 110 39.68 -25.75 8.98
CA LEU L 110 38.75 -26.86 9.29
C LEU L 110 38.07 -26.74 10.65
N LEU L 111 36.89 -27.34 10.71
CA LEU L 111 36.10 -27.51 11.93
C LEU L 111 35.92 -29.00 12.15
N VAL L 112 36.24 -29.49 13.35
CA VAL L 112 36.22 -30.91 13.63
C VAL L 112 35.36 -31.16 14.86
N SER L 113 34.62 -32.27 14.83
CA SER L 113 33.71 -32.58 15.90
C SER L 113 33.92 -34.01 16.42
N GLY L 114 33.24 -34.33 17.51
CA GLY L 114 33.32 -35.63 18.16
C GLY L 114 32.45 -36.69 17.52
N THR L 115 31.53 -36.26 16.66
CA THR L 115 30.69 -37.17 15.88
C THR L 115 31.34 -37.52 14.54
N GLY L 116 32.55 -37.00 14.34
CA GLY L 116 33.36 -37.37 13.21
C GLY L 116 33.27 -36.40 12.05
N GLU L 117 32.63 -35.27 12.25
CA GLU L 117 32.44 -34.32 11.19
C GLU L 117 33.73 -33.53 10.91
N VAL L 118 34.08 -33.41 9.64
CA VAL L 118 35.11 -32.46 9.24
C VAL L 118 34.50 -31.55 8.21
N ILE L 119 34.59 -30.25 8.44
CA ILE L 119 33.90 -29.30 7.58
C ILE L 119 34.76 -28.08 7.26
N GLU L 120 34.97 -27.86 5.95
CA GLU L 120 35.63 -26.68 5.45
C GLU L 120 34.56 -25.64 5.09
N PRO L 121 34.74 -24.37 5.46
CA PRO L 121 33.76 -23.35 5.09
C PRO L 121 33.94 -22.95 3.60
N ASP L 122 32.90 -22.42 2.99
CA ASP L 122 32.92 -22.02 1.60
C ASP L 122 33.50 -20.61 1.42
N ASP L 123 33.46 -19.83 2.52
CA ASP L 123 33.82 -18.42 2.48
C ASP L 123 34.87 -18.02 3.52
N GLY L 124 35.66 -18.99 3.95
CA GLY L 124 36.79 -18.72 4.82
C GLY L 124 36.42 -18.33 6.25
N ILE L 125 35.22 -18.67 6.71
CA ILE L 125 34.88 -18.39 8.11
C ILE L 125 34.28 -19.58 8.81
N LEU L 126 34.77 -19.79 10.04
CA LEU L 126 34.19 -20.73 11.01
C LEU L 126 34.03 -20.07 12.36
N ALA L 127 33.00 -20.49 13.10
CA ALA L 127 32.71 -19.96 14.42
C ALA L 127 32.02 -21.00 15.29
N ILE L 128 32.45 -21.09 16.55
CA ILE L 128 31.93 -22.10 17.48
C ILE L 128 31.76 -21.55 18.89
N GLY L 129 31.07 -22.32 19.71
CA GLY L 129 30.94 -21.96 21.09
C GLY L 129 29.68 -21.15 21.33
N SER L 130 29.53 -20.67 22.57
CA SER L 130 28.28 -20.07 23.00
C SER L 130 27.76 -19.06 22.01
N GLY L 131 28.61 -18.07 21.69
CA GLY L 131 28.24 -16.99 20.79
C GLY L 131 28.73 -17.14 19.37
N GLY L 132 29.08 -18.36 18.98
CA GLY L 132 29.61 -18.66 17.65
C GLY L 132 28.70 -18.22 16.52
N ASN L 133 27.43 -18.51 16.62
CA ASN L 133 26.49 -18.05 15.60
C ASN L 133 26.42 -16.51 15.42
N TYR L 134 26.64 -15.73 16.49
CA TYR L 134 26.67 -14.25 16.38
C TYR L 134 27.97 -13.73 15.80
N ALA L 135 29.08 -14.31 16.24
CA ALA L 135 30.38 -14.03 15.66
C ALA L 135 30.39 -14.46 14.20
N LEU L 136 29.77 -15.60 13.92
CA LEU L 136 29.66 -16.12 12.56
C LEU L 136 28.92 -15.13 11.66
N ALA L 137 27.83 -14.57 12.16
CA ALA L 137 27.03 -13.64 11.37
C ALA L 137 27.72 -12.29 11.24
N ALA L 138 28.38 -11.85 12.31
CA ALA L 138 29.04 -10.55 12.27
C ALA L 138 30.30 -10.62 11.38
N GLY L 139 30.92 -11.79 11.28
CA GLY L 139 32.14 -11.96 10.53
C GLY L 139 31.91 -12.04 9.03
N ARG L 140 30.88 -12.80 8.65
CA ARG L 140 30.45 -12.95 7.26
C ARG L 140 29.96 -11.61 6.75
N ALA L 141 29.43 -10.79 7.65
CA ALA L 141 28.82 -9.54 7.27
C ALA L 141 29.90 -8.52 6.95
N LEU L 142 30.90 -8.43 7.82
CA LEU L 142 32.01 -7.49 7.64
C LEU L 142 32.96 -7.89 6.52
N LYS L 143 33.02 -9.17 6.21
CA LYS L 143 33.86 -9.66 5.11
C LYS L 143 33.21 -9.22 3.80
N LYS L 144 31.96 -9.59 3.60
CA LYS L 144 31.23 -9.26 2.38
C LYS L 144 31.04 -7.76 2.14
N HIS L 145 30.78 -6.99 3.19
CA HIS L 145 30.36 -5.60 3.01
C HIS L 145 31.38 -4.55 3.38
N ALA L 146 32.37 -4.91 4.20
CA ALA L 146 33.48 -3.97 4.51
C ALA L 146 34.87 -4.60 4.46
N GLY L 147 34.97 -5.71 3.73
CA GLY L 147 36.20 -6.48 3.67
C GLY L 147 37.25 -5.92 2.72
N GLU L 148 36.92 -4.87 1.99
CA GLU L 148 37.97 -4.16 1.26
C GLU L 148 38.76 -3.26 2.19
N SER L 149 38.30 -3.09 3.42
CA SER L 149 38.89 -2.12 4.35
C SER L 149 39.00 -2.67 5.79
N MET L 150 39.21 -3.98 5.92
CA MET L 150 39.48 -4.61 7.21
C MET L 150 40.35 -5.85 7.00
N SER L 151 41.49 -5.95 7.69
CA SER L 151 42.35 -7.13 7.58
C SER L 151 41.66 -8.31 8.27
N ALA L 152 42.32 -9.47 8.26
CA ALA L 152 41.76 -10.69 8.88
C ALA L 152 41.71 -10.61 10.40
N SER L 153 42.64 -9.89 11.02
CA SER L 153 42.65 -9.75 12.47
C SER L 153 41.70 -8.66 12.97
N GLU L 154 41.34 -7.74 12.06
CA GLU L 154 40.38 -6.70 12.38
C GLU L 154 38.98 -7.27 12.44
N ILE L 155 38.66 -8.14 11.48
CA ILE L 155 37.37 -8.83 11.47
C ILE L 155 37.27 -9.75 12.69
N ALA L 156 38.33 -10.52 12.92
CA ALA L 156 38.32 -11.55 13.95
C ALA L 156 38.04 -10.92 15.32
N ARG L 157 38.61 -9.73 15.57
CA ARG L 157 38.39 -8.99 16.81
C ARG L 157 37.00 -8.38 16.89
N ALA L 158 36.51 -7.84 15.78
CA ALA L 158 35.22 -7.17 15.77
C ALA L 158 34.06 -8.16 15.80
N ALA L 159 34.23 -9.33 15.20
CA ALA L 159 33.14 -10.32 15.17
C ALA L 159 32.90 -10.82 16.57
N LEU L 160 33.97 -10.73 17.38
CA LEU L 160 33.95 -11.17 18.79
C LEU L 160 33.42 -10.08 19.76
N GLU L 161 33.68 -8.81 19.44
CA GLU L 161 33.17 -7.68 20.23
C GLU L 161 31.68 -7.65 20.05
N THR L 162 31.23 -7.86 18.81
CA THR L 162 29.81 -7.82 18.48
C THR L 162 29.09 -8.98 19.17
N ALA L 163 29.69 -10.17 19.08
CA ALA L 163 29.14 -11.36 19.71
C ALA L 163 29.09 -11.22 21.23
N GLY L 164 30.03 -10.49 21.82
CA GLY L 164 30.07 -10.29 23.26
C GLY L 164 29.05 -9.29 23.74
N GLU L 165 28.65 -8.44 22.81
CA GLU L 165 27.71 -7.38 23.09
C GLU L 165 26.33 -7.94 23.27
N ILE L 166 26.02 -8.99 22.52
CA ILE L 166 24.66 -9.53 22.49
C ILE L 166 24.52 -10.90 23.20
N CYS L 167 25.48 -11.79 23.03
CA CYS L 167 25.48 -13.04 23.78
C CYS L 167 25.96 -12.82 25.22
N VAL L 168 25.13 -13.25 26.16
CA VAL L 168 25.41 -13.08 27.60
C VAL L 168 26.44 -14.09 28.06
N TYR L 169 26.78 -15.02 27.18
CA TYR L 169 27.75 -16.06 27.47
C TYR L 169 29.07 -15.67 26.84
N THR L 170 29.20 -14.45 26.31
CA THR L 170 30.44 -14.01 25.68
C THR L 170 30.82 -12.62 26.20
N ASN L 171 32.10 -12.44 26.56
CA ASN L 171 32.59 -11.22 27.26
C ASN L 171 33.70 -10.50 26.51
N ASP L 172 34.18 -9.37 27.05
CA ASP L 172 35.11 -8.48 26.31
C ASP L 172 36.62 -8.72 26.50
N GLN L 173 37.02 -9.90 26.99
CA GLN L 173 38.44 -10.19 27.17
C GLN L 173 38.99 -11.01 26.00
N ILE L 174 39.43 -10.34 24.94
CA ILE L 174 39.63 -11.05 23.70
C ILE L 174 41.05 -11.50 23.52
N ILE L 175 41.21 -12.64 22.86
CA ILE L 175 42.52 -13.24 22.64
C ILE L 175 42.72 -13.52 21.15
N LEU L 176 43.65 -12.80 20.56
CA LEU L 176 43.90 -12.87 19.13
C LEU L 176 45.28 -13.45 18.84
N GLU L 177 45.32 -14.39 17.90
CA GLU L 177 46.54 -15.07 17.47
C GLU L 177 46.44 -15.21 15.96
N GLU L 178 47.53 -14.90 15.25
CA GLU L 178 47.54 -14.91 13.78
C GLU L 178 48.79 -15.59 13.19
N LEU L 179 48.73 -15.87 11.88
CA LEU L 179 49.89 -16.28 11.07
C LEU L 179 50.29 -15.08 10.20
N GLU L 180 51.57 -15.01 9.84
CA GLU L 180 52.25 -13.74 9.56
C GLU L 180 52.71 -13.50 8.11
#